data_8RQZ
#
_entry.id   8RQZ
#
_cell.length_a   210.833
_cell.length_b   210.500
_cell.length_c   494.213
_cell.angle_alpha   90.00
_cell.angle_beta   90.00
_cell.angle_gamma   90.00
#
_symmetry.space_group_name_H-M   'F 2 2 2'
#
loop_
_entity.id
_entity.type
_entity.pdbx_description
1 polymer 'Uncharacterized protein YjgD'
2 polymer 'Probable oxidoreductase YjgC'
3 non-polymer 'MYRISTIC ACID'
4 non-polymer GLYCEROL
5 non-polymer 1,2-DIPALMITOYL-PHOSPHATIDYL-GLYCEROLE
6 non-polymer 'FE2/S2 (INORGANIC) CLUSTER'
7 non-polymer 'IRON/SULFUR CLUSTER'
8 non-polymer '2-AMINO-5,6-DIMERCAPTO-7-METHYL-3,7,8A,9-TETRAHYDRO-8-OXA-1,3,9,10-TETRAAZA-ANTHRACEN-4-ONE GUANOSINE DINUCLEOTIDE'
9 non-polymer 'MOLYBDENUM(IV) ION'
10 non-polymer MENAQUINONE-7
11 non-polymer 'HYDROSULFURIC ACID'
12 non-polymer 'MALONATE ION'
13 non-polymer 'NITRATE ION'
14 non-polymer 'SODIUM ION'
15 water water
#
loop_
_entity_poly.entity_id
_entity_poly.type
_entity_poly.pdbx_seq_one_letter_code
_entity_poly.pdbx_strand_id
1 'polypeptide(L)'
;MAKAIKRIQKIEVTEEDQRKRDLREIEDALIDHKEAILETLHMLGHMNERGVLPLLRGLFGQGDKVLDILVKKADTEETA
NTLKNLLLLFGTLGMLDVKQLEPLILKVNAGVASAVEQKNSEEKTGYFDIIRSLKDPEINKSITLLFSFLKGMGQDTKEL
ERTTQPPEHQKHHQEPREKRGMNKRD
;
A,B
2 'polypeptide(L)'
;MAGKKTITINGVEMEASEEQTVLQLLNNSSIEVPQVCYHPSLGPIETCDTCIVSINGELKRSCSAELKDGDVIDTLSPDV
KKAQVIGMDKILYNHELYCTVCDYNNGGCEIHNTVKEMKINHQSIPFDHKPYHKDESHPFYRYDPDQCILCGRCVEACQD
VQVTETLTIDWERKRPRVIWDNDVPINESSCVSCGHCSTVCPCNAMMEKGMEGEAGYLTGINNETLRPMIEITKGVETGY
GSILAISDMESAMRDERIKKTKTVCTYCGVGCSFDVWTKGRDILKVEPQEEAPANGISTCVKGKFGWDFVNSEERLTKPL
IREGDHFREAEWEEALLLIASKFTELKEAFGPDSLAFITSSKCTNEESYLMQKLARGVIGTNNVDNCSRYCQSPATAGLF
RTVGYGGDSGSITDIAQADLVLIIGSNTSESHPVLSTRIKRAHKLRGQKVIVADIRKHEMAERSDLFVQPRAGSDIVWLN
AIAKYLIENGKADERFLRERVNGRDEYVKSLAPYTLEYAEEKTGIDQETLIQMAEMIGQADSVCALWAMGVTQHIGGSDT
STAISNLLLVTGNYGKPGAGSYPLRGHNNVQGASDFGSMPDRLPGYEKVTDEQVRQKYERVWGVPLPKEPGMTNHEMIEK
IHSGQLKAMYVKGEEMGLVDSNINHVHAAYEKLDFFVVQDIFLSRTAEFADVVLPASPSLEKEGTFTNTERRIQRLYQVF
EPLGESKPDWQIIMEVANKLGAGWLYEHPADIMEEAAKLSPIYAGVTYERLEGYNSLQWPVNADGKDSPLLFTERFPFPD
GKAILYPVQWTEPKEFGEEYDIHVNNGRLLEHFHEGNLTYKSKGISEKTPEVFLEISPELAAERGIQDGTLVRLTSPFGN
VKVKCLITDRVKGKEVYLPMNDSGEAAINLLTGSHADKDTDTPAYKETSAKMEILKHDGISPLPKINHRNGNPQPQIGVQ
VHKKWARKDYIFPGDAVKRGMGHNG
;
C,D
#
loop_
_chem_comp.id
_chem_comp.type
_chem_comp.name
_chem_comp.formula
4MO non-polymer 'MOLYBDENUM(IV) ION' 'Mo 4'
FES non-polymer 'FE2/S2 (INORGANIC) CLUSTER' 'Fe2 S2'
GOL non-polymer GLYCEROL 'C3 H8 O3'
H2S non-polymer 'HYDROSULFURIC ACID' 'H2 S'
LHG non-polymer 1,2-DIPALMITOYL-PHOSPHATIDYL-GLYCEROLE 'C38 H75 O10 P'
MGD non-polymer '2-AMINO-5,6-DIMERCAPTO-7-METHYL-3,7,8A,9-TETRAHYDRO-8-OXA-1,3,9,10-TETRAAZA-ANTHRACEN-4-ONE GUANOSINE DINUCLEOTIDE' 'C20 H26 N10 O13 P2 S2'
MLI non-polymer 'MALONATE ION' 'C3 H2 O4 -2'
MQ7 non-polymer MENAQUINONE-7 'C46 H64 O2'
MYR non-polymer 'MYRISTIC ACID' 'C14 H28 O2'
NA non-polymer 'SODIUM ION' 'Na 1'
NO3 non-polymer 'NITRATE ION' 'N O3 -1'
SF4 non-polymer 'IRON/SULFUR CLUSTER' 'Fe4 S4'
#
# COMPACT_ATOMS: atom_id res chain seq x y z
N ALA A 2 -9.08 32.87 40.17
CA ALA A 2 -9.69 34.20 40.11
C ALA A 2 -11.27 34.16 40.19
N LYS A 3 -11.97 35.33 40.22
CA LYS A 3 -13.44 35.40 40.30
C LYS A 3 -14.14 34.86 39.03
N ALA A 4 -15.41 34.45 39.15
CA ALA A 4 -16.15 33.92 38.01
C ALA A 4 -16.50 34.98 36.96
N ILE A 5 -16.14 34.72 35.70
CA ILE A 5 -16.47 35.59 34.57
C ILE A 5 -16.99 34.74 33.40
N LYS A 6 -17.87 35.29 32.54
CA LYS A 6 -18.37 34.53 31.39
C LYS A 6 -18.15 35.23 30.05
N ARG A 7 -18.11 36.57 30.06
CA ARG A 7 -17.97 37.39 28.86
C ARG A 7 -16.66 37.17 28.14
N ILE A 8 -16.73 36.87 26.84
CA ILE A 8 -15.55 36.62 26.02
C ILE A 8 -15.46 37.67 24.91
N GLN A 9 -14.34 38.41 24.84
CA GLN A 9 -14.12 39.38 23.77
C GLN A 9 -13.36 38.62 22.69
N LYS A 10 -14.03 38.32 21.57
CA LYS A 10 -13.47 37.55 20.47
C LYS A 10 -12.39 38.30 19.70
N ILE A 11 -11.50 37.55 19.03
CA ILE A 11 -10.41 38.14 18.26
C ILE A 11 -10.96 38.64 16.91
N GLU A 12 -10.52 39.84 16.51
CA GLU A 12 -11.02 40.47 15.29
C GLU A 12 -10.50 39.86 13.99
N VAL A 13 -11.36 39.08 13.33
CA VAL A 13 -11.03 38.52 12.02
C VAL A 13 -11.60 39.50 11.00
N THR A 14 -10.73 40.36 10.45
CA THR A 14 -11.18 41.39 9.52
C THR A 14 -11.67 40.80 8.19
N GLU A 15 -12.39 41.59 7.37
CA GLU A 15 -12.92 41.12 6.09
C GLU A 15 -11.80 40.68 5.16
N GLU A 16 -10.70 41.45 5.17
CA GLU A 16 -9.52 41.15 4.36
C GLU A 16 -8.79 39.92 4.88
N ASP A 17 -8.75 39.72 6.19
CA ASP A 17 -8.10 38.56 6.79
C ASP A 17 -8.84 37.30 6.39
N GLN A 18 -10.18 37.32 6.47
CA GLN A 18 -10.98 36.16 6.10
C GLN A 18 -10.87 35.88 4.61
N ARG A 19 -10.78 36.93 3.77
CA ARG A 19 -10.63 36.77 2.34
C ARG A 19 -9.33 36.02 2.02
N LYS A 20 -8.23 36.37 2.72
CA LYS A 20 -6.95 35.70 2.51
C LYS A 20 -7.05 34.24 2.92
N ARG A 21 -7.68 33.95 4.08
CA ARG A 21 -7.87 32.59 4.56
C ARG A 21 -8.63 31.73 3.54
N ASP A 22 -9.70 32.29 2.96
CA ASP A 22 -10.52 31.58 1.99
C ASP A 22 -9.76 31.35 0.69
N LEU A 23 -9.03 32.37 0.22
CA LEU A 23 -8.23 32.23 -1.00
C LEU A 23 -7.10 31.23 -0.80
N ARG A 24 -6.46 31.25 0.38
CA ARG A 24 -5.41 30.32 0.72
C ARG A 24 -5.92 28.88 0.78
N GLU A 25 -7.19 28.70 1.18
CA GLU A 25 -7.83 27.40 1.22
C GLU A 25 -8.01 26.86 -0.21
N ILE A 26 -8.34 27.76 -1.16
CA ILE A 26 -8.49 27.40 -2.57
C ILE A 26 -7.12 27.12 -3.17
N GLU A 27 -6.09 27.91 -2.79
CA GLU A 27 -4.72 27.70 -3.26
C GLU A 27 -4.24 26.32 -2.84
N ASP A 28 -4.46 25.95 -1.57
CA ASP A 28 -4.07 24.63 -1.05
C ASP A 28 -4.75 23.48 -1.77
N ALA A 29 -6.00 23.66 -2.19
CA ALA A 29 -6.72 22.64 -2.93
C ALA A 29 -6.10 22.47 -4.31
N LEU A 30 -5.69 23.58 -4.98
CA LEU A 30 -5.03 23.53 -6.28
C LEU A 30 -3.69 22.82 -6.11
N ILE A 31 -2.93 23.14 -5.03
CA ILE A 31 -1.63 22.53 -4.75
C ILE A 31 -1.78 21.03 -4.55
N ASP A 32 -2.84 20.60 -3.88
CA ASP A 32 -3.11 19.18 -3.66
C ASP A 32 -3.45 18.49 -4.95
N HIS A 33 -4.26 19.13 -5.80
CA HIS A 33 -4.63 18.55 -7.08
C HIS A 33 -3.77 19.07 -8.24
N LYS A 34 -2.53 19.44 -7.94
CA LYS A 34 -1.57 19.98 -8.88
C LYS A 34 -1.40 19.13 -10.12
N GLU A 35 -1.23 17.82 -9.94
CA GLU A 35 -1.04 16.89 -11.06
C GLU A 35 -2.28 16.83 -11.94
N ALA A 36 -3.47 16.81 -11.32
CA ALA A 36 -4.71 16.74 -12.05
C ALA A 36 -4.92 18.01 -12.85
N ILE A 37 -4.61 19.17 -12.26
CA ILE A 37 -4.73 20.44 -12.94
C ILE A 37 -3.77 20.51 -14.11
N LEU A 38 -2.51 20.14 -13.87
CA LEU A 38 -1.46 20.12 -14.91
C LEU A 38 -1.86 19.25 -16.10
N GLU A 39 -2.45 18.09 -15.81
CA GLU A 39 -2.92 17.16 -16.81
C GLU A 39 -4.09 17.74 -17.58
N THR A 40 -5.01 18.43 -16.89
CA THR A 40 -6.16 19.07 -17.52
C THR A 40 -5.66 20.14 -18.47
N LEU A 41 -4.69 20.96 -18.05
CA LEU A 41 -4.12 21.99 -18.90
C LEU A 41 -3.47 21.40 -20.14
N HIS A 42 -2.74 20.27 -20.01
CA HIS A 42 -2.13 19.64 -21.18
C HIS A 42 -3.19 19.16 -22.14
N MET A 43 -4.24 18.54 -21.62
CA MET A 43 -5.35 18.05 -22.40
C MET A 43 -6.05 19.18 -23.14
N LEU A 44 -6.24 20.30 -22.45
CA LEU A 44 -6.88 21.51 -22.97
C LEU A 44 -6.05 22.14 -24.07
N GLY A 45 -4.73 22.11 -23.90
CA GLY A 45 -3.80 22.62 -24.88
C GLY A 45 -3.88 21.84 -26.17
N HIS A 46 -4.07 20.51 -26.07
CA HIS A 46 -4.24 19.64 -27.25
C HIS A 46 -5.56 19.86 -27.95
N MET A 47 -6.62 20.12 -27.19
CA MET A 47 -7.92 20.43 -27.76
C MET A 47 -7.85 21.70 -28.61
N ASN A 48 -6.99 22.66 -28.21
CA ASN A 48 -6.77 23.90 -28.95
C ASN A 48 -5.93 23.62 -30.18
N GLU A 49 -4.81 22.82 -30.06
CA GLU A 49 -3.93 22.46 -31.20
C GLU A 49 -4.74 21.71 -32.24
N ARG A 50 -5.51 20.71 -31.81
CA ARG A 50 -6.45 19.98 -32.66
C ARG A 50 -7.58 20.99 -33.02
N GLY A 51 -8.53 20.65 -33.87
CA GLY A 51 -9.58 21.61 -34.23
C GLY A 51 -10.59 22.02 -33.17
N VAL A 52 -10.67 21.26 -32.08
CA VAL A 52 -11.70 21.25 -31.03
C VAL A 52 -12.05 22.61 -30.35
N LEU A 53 -11.14 23.27 -29.58
CA LEU A 53 -11.52 24.51 -28.89
C LEU A 53 -11.91 25.64 -29.83
N PRO A 54 -11.10 26.01 -30.86
CA PRO A 54 -11.56 27.01 -31.83
C PRO A 54 -12.91 26.71 -32.47
N LEU A 55 -13.21 25.44 -32.77
CA LEU A 55 -14.49 25.02 -33.35
C LEU A 55 -15.61 25.34 -32.38
N LEU A 56 -15.43 25.02 -31.08
CA LEU A 56 -16.44 25.31 -30.06
C LEU A 56 -16.58 26.83 -29.85
N ARG A 57 -15.46 27.57 -29.87
CA ARG A 57 -15.49 29.02 -29.73
C ARG A 57 -16.32 29.66 -30.85
N GLY A 58 -16.18 29.13 -32.06
CA GLY A 58 -16.92 29.59 -33.22
C GLY A 58 -18.37 29.13 -33.25
N LEU A 59 -18.65 27.92 -32.77
CA LEU A 59 -20.02 27.39 -32.71
C LEU A 59 -20.90 28.27 -31.82
N PHE A 60 -20.37 28.67 -30.63
CA PHE A 60 -21.09 29.55 -29.70
C PHE A 60 -20.97 31.03 -30.08
N GLY A 61 -19.85 31.42 -30.65
CA GLY A 61 -19.62 32.79 -31.10
C GLY A 61 -20.61 33.20 -32.16
N GLN A 62 -20.82 32.30 -33.12
CA GLN A 62 -21.78 32.50 -34.19
C GLN A 62 -22.97 31.54 -34.03
N GLY A 63 -23.34 31.25 -32.79
CA GLY A 63 -24.40 30.33 -32.44
C GLY A 63 -25.76 30.77 -32.91
N ASP A 64 -26.01 32.08 -32.89
CA ASP A 64 -27.27 32.66 -33.36
C ASP A 64 -27.48 32.32 -34.85
N LYS A 65 -26.40 32.33 -35.65
CA LYS A 65 -26.46 32.02 -37.07
C LYS A 65 -26.55 30.52 -37.27
N VAL A 66 -25.79 29.74 -36.51
CA VAL A 66 -25.82 28.29 -36.62
C VAL A 66 -27.22 27.75 -36.31
N LEU A 67 -27.83 28.23 -35.23
CA LEU A 67 -29.18 27.82 -34.86
C LEU A 67 -30.17 28.29 -35.93
N ASP A 68 -29.98 29.51 -36.46
CA ASP A 68 -30.84 30.06 -37.51
C ASP A 68 -30.83 29.15 -38.73
N ILE A 69 -29.66 28.68 -39.15
CA ILE A 69 -29.52 27.80 -40.30
C ILE A 69 -30.16 26.45 -39.98
N LEU A 70 -29.84 25.88 -38.81
CA LEU A 70 -30.33 24.59 -38.38
C LEU A 70 -31.87 24.52 -38.32
N VAL A 71 -32.51 25.49 -37.63
CA VAL A 71 -33.95 25.54 -37.47
C VAL A 71 -34.62 25.79 -38.82
N LYS A 72 -34.05 26.70 -39.63
CA LYS A 72 -34.62 27.00 -40.95
C LYS A 72 -34.59 25.83 -41.89
N LYS A 73 -33.57 24.98 -41.80
CA LYS A 73 -33.49 23.80 -42.66
C LYS A 73 -34.36 22.68 -42.15
N ALA A 74 -34.53 22.56 -40.82
CA ALA A 74 -35.39 21.54 -40.24
C ALA A 74 -36.87 21.92 -40.26
N ASP A 75 -37.21 23.19 -40.54
CA ASP A 75 -38.60 23.68 -40.57
C ASP A 75 -39.49 22.97 -41.59
N THR A 76 -38.91 22.19 -42.52
CA THR A 76 -39.66 21.44 -43.52
C THR A 76 -40.64 20.47 -42.85
N GLU A 77 -41.83 20.31 -43.44
CA GLU A 77 -42.82 19.40 -42.85
C GLU A 77 -42.41 17.91 -42.97
N GLU A 78 -41.40 17.61 -43.82
CA GLU A 78 -40.83 16.28 -43.97
C GLU A 78 -39.99 15.95 -42.71
N THR A 79 -39.21 16.94 -42.20
CA THR A 79 -38.38 16.79 -41.00
C THR A 79 -39.24 16.79 -39.73
N ALA A 80 -40.37 17.53 -39.74
CA ALA A 80 -41.27 17.60 -38.60
C ALA A 80 -41.94 16.25 -38.37
N ASN A 81 -42.37 15.58 -39.46
CA ASN A 81 -43.01 14.26 -39.42
C ASN A 81 -42.05 13.20 -38.92
N THR A 82 -40.78 13.28 -39.32
CA THR A 82 -39.74 12.34 -38.91
C THR A 82 -39.56 12.37 -37.39
N LEU A 83 -39.54 13.58 -36.80
CA LEU A 83 -39.37 13.72 -35.35
C LEU A 83 -40.66 13.36 -34.60
N LYS A 84 -41.81 13.68 -35.20
CA LYS A 84 -43.15 13.40 -34.64
C LYS A 84 -43.35 11.88 -34.51
N ASN A 85 -43.11 11.13 -35.59
CA ASN A 85 -43.27 9.68 -35.59
C ASN A 85 -42.18 8.94 -34.82
N LEU A 86 -41.02 9.58 -34.59
CA LEU A 86 -39.96 8.97 -33.82
C LEU A 86 -40.39 8.93 -32.35
N LEU A 87 -40.98 10.02 -31.85
CA LEU A 87 -41.47 10.10 -30.48
C LEU A 87 -42.67 9.17 -30.28
N LEU A 88 -43.59 9.17 -31.26
CA LEU A 88 -44.77 8.31 -31.20
C LEU A 88 -44.40 6.83 -31.28
N LEU A 89 -43.29 6.50 -31.99
CA LEU A 89 -42.83 5.13 -32.12
C LEU A 89 -42.47 4.55 -30.74
N PHE A 90 -41.88 5.37 -29.87
CA PHE A 90 -41.54 4.92 -28.52
C PHE A 90 -42.79 4.67 -27.68
N GLY A 91 -43.82 5.48 -27.87
CA GLY A 91 -45.11 5.31 -27.21
C GLY A 91 -45.83 4.06 -27.65
N THR A 92 -45.67 3.70 -28.94
CA THR A 92 -46.22 2.49 -29.54
C THR A 92 -45.51 1.27 -28.95
N LEU A 93 -44.18 1.34 -28.83
CA LEU A 93 -43.35 0.29 -28.24
C LEU A 93 -43.67 0.07 -26.74
N GLY A 94 -44.12 1.12 -26.06
CA GLY A 94 -44.53 1.04 -24.67
C GLY A 94 -45.78 0.19 -24.48
N MET A 95 -46.67 0.19 -25.49
CA MET A 95 -47.90 -0.62 -25.47
C MET A 95 -47.58 -2.08 -25.82
N LEU A 96 -46.65 -2.30 -26.76
CA LEU A 96 -46.23 -3.61 -27.22
C LEU A 96 -45.60 -4.42 -26.09
N ASP A 97 -46.28 -5.49 -25.67
CA ASP A 97 -45.86 -6.42 -24.62
C ASP A 97 -44.70 -7.27 -25.13
N VAL A 98 -43.48 -6.74 -25.03
CA VAL A 98 -42.31 -7.48 -25.49
C VAL A 98 -41.78 -8.48 -24.45
N LYS A 99 -42.39 -8.55 -23.24
CA LYS A 99 -42.01 -9.49 -22.21
C LYS A 99 -42.39 -10.90 -22.68
N GLN A 100 -43.63 -11.04 -23.20
CA GLN A 100 -44.14 -12.32 -23.71
C GLN A 100 -43.68 -12.67 -25.13
N LEU A 101 -42.78 -11.87 -25.71
CA LEU A 101 -42.24 -12.15 -27.03
C LEU A 101 -41.13 -13.20 -26.98
N GLU A 102 -40.47 -13.40 -25.81
CA GLU A 102 -39.38 -14.36 -25.60
C GLU A 102 -39.55 -15.72 -26.31
N PRO A 103 -40.67 -16.48 -26.11
CA PRO A 103 -40.78 -17.78 -26.80
C PRO A 103 -40.97 -17.64 -28.30
N LEU A 104 -41.76 -16.63 -28.73
CA LEU A 104 -42.02 -16.37 -30.14
C LEU A 104 -40.74 -16.03 -30.90
N ILE A 105 -39.85 -15.24 -30.28
CA ILE A 105 -38.56 -14.87 -30.87
C ILE A 105 -37.65 -16.10 -30.98
N LEU A 106 -37.69 -16.99 -29.99
CA LEU A 106 -36.89 -18.22 -30.04
C LEU A 106 -37.37 -19.14 -31.16
N LYS A 107 -38.69 -19.17 -31.43
CA LYS A 107 -39.26 -19.99 -32.50
C LYS A 107 -38.95 -19.38 -33.86
N VAL A 108 -39.15 -18.05 -34.02
CA VAL A 108 -38.79 -17.39 -35.28
C VAL A 108 -37.28 -17.48 -35.56
N ASN A 109 -36.46 -17.61 -34.50
CA ASN A 109 -35.02 -17.77 -34.60
C ASN A 109 -34.69 -19.13 -35.19
N ALA A 110 -35.37 -20.19 -34.72
CA ALA A 110 -35.20 -21.56 -35.20
C ALA A 110 -35.67 -21.73 -36.67
N GLY A 111 -36.62 -20.92 -37.09
CA GLY A 111 -37.12 -20.92 -38.45
C GLY A 111 -36.10 -20.33 -39.41
N VAL A 112 -35.46 -19.22 -39.00
CA VAL A 112 -34.42 -18.55 -39.79
C VAL A 112 -33.23 -19.51 -39.98
N ALA A 113 -32.86 -20.23 -38.91
CA ALA A 113 -31.77 -21.20 -38.93
C ALA A 113 -32.02 -22.35 -39.92
N SER A 114 -33.25 -22.87 -39.97
CA SER A 114 -33.59 -23.95 -40.88
C SER A 114 -33.79 -23.47 -42.32
N ALA A 115 -34.17 -22.21 -42.51
CA ALA A 115 -34.39 -21.66 -43.86
C ALA A 115 -33.10 -21.35 -44.64
N VAL A 116 -31.92 -21.51 -44.03
CA VAL A 116 -30.67 -21.26 -44.76
C VAL A 116 -30.10 -22.55 -45.37
N GLU A 117 -30.38 -23.72 -44.76
CA GLU A 117 -29.93 -25.01 -45.27
C GLU A 117 -30.85 -25.42 -46.44
N GLN A 118 -30.58 -24.91 -47.65
CA GLN A 118 -31.45 -25.18 -48.80
C GLN A 118 -30.83 -26.00 -49.92
N LYS A 119 -31.69 -26.67 -50.70
CA LYS A 119 -31.33 -27.53 -51.82
C LYS A 119 -31.26 -26.72 -53.12
N PHE A 128 -47.72 -28.90 -56.36
CA PHE A 128 -48.30 -29.97 -55.56
C PHE A 128 -47.57 -30.21 -54.23
N ASP A 129 -46.31 -29.74 -54.10
CA ASP A 129 -45.52 -29.85 -52.87
C ASP A 129 -46.16 -29.13 -51.68
N ILE A 130 -46.97 -28.08 -51.93
CA ILE A 130 -47.67 -27.32 -50.90
C ILE A 130 -48.65 -28.22 -50.13
N ILE A 131 -49.28 -29.15 -50.84
CA ILE A 131 -50.23 -30.11 -50.28
C ILE A 131 -49.50 -31.13 -49.40
N ARG A 132 -48.38 -31.68 -49.92
CA ARG A 132 -47.54 -32.68 -49.25
C ARG A 132 -46.91 -32.13 -47.97
N SER A 133 -46.39 -30.89 -48.02
CA SER A 133 -45.74 -30.27 -46.87
C SER A 133 -46.72 -29.86 -45.78
N LEU A 134 -47.96 -29.54 -46.13
CA LEU A 134 -48.96 -29.16 -45.13
C LEU A 134 -49.52 -30.40 -44.44
N LYS A 135 -48.75 -30.99 -43.51
CA LYS A 135 -49.11 -32.17 -42.72
C LYS A 135 -48.01 -32.55 -41.74
N ASP A 136 -46.74 -32.24 -42.08
CA ASP A 136 -45.56 -32.52 -41.25
C ASP A 136 -45.73 -32.05 -39.81
N PRO A 137 -45.28 -32.86 -38.84
CA PRO A 137 -45.37 -32.46 -37.42
C PRO A 137 -44.80 -31.07 -37.11
N GLU A 138 -43.71 -30.69 -37.81
CA GLU A 138 -43.08 -29.39 -37.63
C GLU A 138 -43.96 -28.28 -38.20
N ILE A 139 -44.64 -28.53 -39.34
CA ILE A 139 -45.53 -27.60 -40.01
C ILE A 139 -46.79 -27.34 -39.19
N ASN A 140 -47.46 -28.41 -38.72
CA ASN A 140 -48.69 -28.33 -37.93
C ASN A 140 -48.52 -27.47 -36.69
N LYS A 141 -47.38 -27.57 -36.00
CA LYS A 141 -47.15 -26.76 -34.80
C LYS A 141 -47.11 -25.27 -35.17
N SER A 142 -46.50 -24.93 -36.30
CA SER A 142 -46.40 -23.56 -36.77
C SER A 142 -47.71 -22.99 -37.29
N ILE A 143 -48.44 -23.75 -38.12
CA ILE A 143 -49.70 -23.26 -38.67
C ILE A 143 -50.80 -23.18 -37.60
N THR A 144 -50.76 -24.05 -36.57
CA THR A 144 -51.72 -23.96 -35.46
C THR A 144 -51.39 -22.76 -34.57
N LEU A 145 -50.09 -22.43 -34.42
CA LEU A 145 -49.65 -21.26 -33.66
C LEU A 145 -50.01 -19.98 -34.43
N LEU A 146 -49.94 -20.02 -35.77
CA LEU A 146 -50.31 -18.91 -36.65
C LEU A 146 -51.83 -18.68 -36.57
N PHE A 147 -52.63 -19.77 -36.48
CA PHE A 147 -54.07 -19.68 -36.32
C PHE A 147 -54.44 -19.17 -34.93
N SER A 148 -53.66 -19.56 -33.91
CA SER A 148 -53.84 -19.10 -32.54
C SER A 148 -53.57 -17.59 -32.43
N PHE A 149 -52.62 -17.07 -33.23
CA PHE A 149 -52.29 -15.65 -33.28
C PHE A 149 -53.45 -14.87 -33.89
N LEU A 150 -54.11 -15.43 -34.93
CA LEU A 150 -55.26 -14.82 -35.57
C LEU A 150 -56.46 -14.78 -34.62
N LYS A 151 -56.62 -15.82 -33.78
CA LYS A 151 -57.69 -15.90 -32.79
C LYS A 151 -57.59 -14.77 -31.77
N GLY A 152 -56.36 -14.44 -31.36
CA GLY A 152 -56.10 -13.36 -30.42
C GLY A 152 -56.50 -11.99 -30.96
N MET A 153 -56.36 -11.78 -32.28
CA MET A 153 -56.73 -10.51 -32.91
C MET A 153 -58.23 -10.36 -33.14
N GLY A 154 -59.04 -10.94 -32.26
CA GLY A 154 -60.49 -10.85 -32.36
C GLY A 154 -61.17 -10.24 -31.15
N GLN A 155 -60.39 -9.56 -30.28
CA GLN A 155 -60.92 -8.93 -29.07
C GLN A 155 -61.41 -7.48 -29.33
N ASP A 156 -62.08 -6.85 -28.35
CA ASP A 156 -62.59 -5.48 -28.49
C ASP A 156 -61.47 -4.45 -28.43
N ALA B 2 39.76 15.31 3.29
CA ALA B 2 39.35 15.27 4.69
C ALA B 2 38.87 13.85 5.18
N LYS B 3 38.57 13.66 6.49
CA LYS B 3 38.12 12.37 7.04
C LYS B 3 36.73 11.96 6.56
N ALA B 4 36.42 10.65 6.62
CA ALA B 4 35.14 10.15 6.15
C ALA B 4 33.95 10.57 7.01
N ILE B 5 32.94 11.17 6.38
CA ILE B 5 31.69 11.55 7.04
C ILE B 5 30.49 11.11 6.17
N LYS B 6 29.34 10.78 6.78
CA LYS B 6 28.17 10.34 6.03
C LYS B 6 26.93 11.19 6.26
N ARG B 7 26.84 11.81 7.46
CA ARG B 7 25.70 12.65 7.87
C ARG B 7 25.46 13.82 6.96
N ILE B 8 24.24 13.95 6.43
CA ILE B 8 23.86 15.05 5.56
C ILE B 8 22.79 15.88 6.22
N GLN B 9 23.08 17.17 6.42
CA GLN B 9 22.21 18.15 7.01
C GLN B 9 21.48 18.83 5.86
N LYS B 10 20.23 18.43 5.60
CA LYS B 10 19.44 18.93 4.49
C LYS B 10 19.07 20.40 4.59
N ILE B 11 18.84 21.05 3.45
CA ILE B 11 18.46 22.46 3.41
C ILE B 11 16.97 22.61 3.76
N GLU B 12 16.63 23.58 4.59
CA GLU B 12 15.26 23.76 5.06
C GLU B 12 14.30 24.33 4.03
N VAL B 13 13.46 23.46 3.47
CA VAL B 13 12.42 23.91 2.54
C VAL B 13 11.17 24.11 3.38
N THR B 14 10.90 25.37 3.74
CA THR B 14 9.77 25.68 4.62
C THR B 14 8.41 25.41 3.95
N GLU B 15 7.32 25.34 4.75
CA GLU B 15 5.99 25.06 4.23
C GLU B 15 5.56 26.13 3.22
N GLU B 16 5.88 27.39 3.52
CA GLU B 16 5.57 28.50 2.64
C GLU B 16 6.43 28.49 1.38
N ASP B 17 7.69 28.05 1.48
CA ASP B 17 8.58 27.96 0.32
C ASP B 17 8.07 26.91 -0.63
N GLN B 18 7.65 25.75 -0.11
CA GLN B 18 7.13 24.68 -0.95
C GLN B 18 5.81 25.08 -1.59
N ARG B 19 4.98 25.83 -0.85
CA ARG B 19 3.71 26.32 -1.39
C ARG B 19 3.94 27.21 -2.61
N LYS B 20 4.95 28.11 -2.52
CA LYS B 20 5.27 28.99 -3.63
C LYS B 20 5.77 28.18 -4.83
N ARG B 21 6.62 27.19 -4.60
CA ARG B 21 7.14 26.32 -5.66
C ARG B 21 6.01 25.61 -6.38
N ASP B 22 5.03 25.07 -5.64
CA ASP B 22 3.90 24.36 -6.21
C ASP B 22 3.00 25.28 -6.98
N LEU B 23 2.72 26.48 -6.43
CA LEU B 23 1.87 27.46 -7.11
C LEU B 23 2.56 27.95 -8.38
N ARG B 24 3.87 28.18 -8.32
CA ARG B 24 4.65 28.61 -9.46
C ARG B 24 4.67 27.55 -10.57
N GLU B 25 4.61 26.27 -10.19
CA GLU B 25 4.53 25.18 -11.16
C GLU B 25 3.18 25.24 -11.89
N ILE B 26 2.10 25.54 -11.15
CA ILE B 26 0.76 25.67 -11.74
C ILE B 26 0.73 26.93 -12.63
N GLU B 27 1.36 28.03 -12.20
CA GLU B 27 1.44 29.24 -13.00
C GLU B 27 2.13 28.97 -14.32
N ASP B 28 3.28 28.25 -14.29
CA ASP B 28 4.02 27.89 -15.50
C ASP B 28 3.21 27.04 -16.46
N ALA B 29 2.36 26.14 -15.94
CA ALA B 29 1.51 25.32 -16.78
C ALA B 29 0.47 26.18 -17.48
N LEU B 30 -0.12 27.18 -16.77
CA LEU B 30 -1.08 28.12 -17.35
C LEU B 30 -0.38 28.92 -18.44
N ILE B 31 0.86 29.39 -18.18
CA ILE B 31 1.64 30.18 -19.13
C ILE B 31 1.92 29.38 -20.40
N ASP B 32 2.21 28.08 -20.25
CA ASP B 32 2.46 27.20 -21.38
C ASP B 32 1.19 26.98 -22.18
N HIS B 33 0.06 26.80 -21.49
CA HIS B 33 -1.22 26.61 -22.18
C HIS B 33 -2.04 27.89 -22.30
N LYS B 34 -1.35 29.03 -22.35
CA LYS B 34 -1.94 30.35 -22.42
C LYS B 34 -2.94 30.49 -23.54
N GLU B 35 -2.59 30.06 -24.76
CA GLU B 35 -3.48 30.15 -25.91
CA GLU B 35 -3.51 30.20 -25.89
C GLU B 35 -4.73 29.30 -25.72
N ALA B 36 -4.56 28.09 -25.16
CA ALA B 36 -5.68 27.20 -24.95
C ALA B 36 -6.64 27.77 -23.92
N ILE B 37 -6.08 28.36 -22.85
CA ILE B 37 -6.89 28.97 -21.81
C ILE B 37 -7.64 30.16 -22.37
N LEU B 38 -6.95 31.04 -23.11
CA LEU B 38 -7.53 32.22 -23.74
C LEU B 38 -8.67 31.85 -24.66
N GLU B 39 -8.51 30.77 -25.42
CA GLU B 39 -9.52 30.28 -26.33
C GLU B 39 -10.71 29.73 -25.58
N THR B 40 -10.46 29.03 -24.45
CA THR B 40 -11.52 28.47 -23.61
C THR B 40 -12.35 29.62 -23.05
N LEU B 41 -11.68 30.68 -22.56
CA LEU B 41 -12.37 31.84 -22.03
C LEU B 41 -13.23 32.52 -23.09
N HIS B 42 -12.74 32.65 -24.34
CA HIS B 42 -13.55 33.25 -25.41
C HIS B 42 -14.77 32.40 -25.69
N MET B 43 -14.60 31.09 -25.75
CA MET B 43 -15.68 30.15 -25.99
C MET B 43 -16.73 30.23 -24.87
N LEU B 44 -16.26 30.33 -23.62
CA LEU B 44 -17.07 30.43 -22.43
C LEU B 44 -17.86 31.73 -22.41
N GLY B 45 -17.24 32.81 -22.87
CA GLY B 45 -17.89 34.11 -22.96
C GLY B 45 -19.05 34.07 -23.94
N HIS B 46 -18.88 33.33 -25.05
CA HIS B 46 -19.93 33.17 -26.05
C HIS B 46 -21.06 32.29 -25.56
N MET B 47 -20.74 31.28 -24.74
CA MET B 47 -21.76 30.42 -24.13
C MET B 47 -22.66 31.26 -23.22
N ASN B 48 -22.10 32.27 -22.56
CA ASN B 48 -22.85 33.15 -21.70
C ASN B 48 -23.69 34.10 -22.55
N GLU B 49 -23.12 34.70 -23.63
CA GLU B 49 -23.85 35.62 -24.53
C GLU B 49 -25.00 34.87 -25.17
N ARG B 50 -24.73 33.69 -25.70
CA ARG B 50 -25.72 32.81 -26.27
C ARG B 50 -26.73 32.31 -25.20
N GLY B 51 -26.58 32.63 -23.92
CA GLY B 51 -27.53 32.22 -22.90
C GLY B 51 -27.50 30.75 -22.54
N VAL B 52 -26.41 30.06 -22.88
CA VAL B 52 -26.20 28.67 -22.57
C VAL B 52 -25.79 28.56 -21.12
N LEU B 53 -24.81 29.37 -20.67
CA LEU B 53 -24.40 29.36 -19.25
C LEU B 53 -25.54 29.76 -18.34
N PRO B 54 -26.28 30.88 -18.59
CA PRO B 54 -27.45 31.18 -17.75
C PRO B 54 -28.50 30.06 -17.68
N LEU B 55 -28.76 29.34 -18.79
CA LEU B 55 -29.68 28.22 -18.84
C LEU B 55 -29.21 27.13 -17.91
N LEU B 56 -27.91 26.79 -17.95
CA LEU B 56 -27.34 25.77 -17.08
C LEU B 56 -27.34 26.22 -15.61
N ARG B 57 -27.06 27.51 -15.36
CA ARG B 57 -27.08 28.06 -14.00
C ARG B 57 -28.47 27.91 -13.39
N GLY B 58 -29.51 28.15 -14.20
CA GLY B 58 -30.90 28.02 -13.79
C GLY B 58 -31.38 26.58 -13.69
N LEU B 59 -30.90 25.71 -14.57
CA LEU B 59 -31.28 24.29 -14.55
C LEU B 59 -30.85 23.65 -13.24
N PHE B 60 -29.61 23.93 -12.78
CA PHE B 60 -29.08 23.40 -11.51
C PHE B 60 -29.54 24.21 -10.31
N GLY B 61 -29.71 25.52 -10.48
CA GLY B 61 -30.18 26.40 -9.43
C GLY B 61 -31.57 26.03 -8.96
N GLN B 62 -32.44 25.75 -9.93
CA GLN B 62 -33.80 25.32 -9.65
C GLN B 62 -33.99 23.85 -10.06
N GLY B 63 -32.93 23.05 -9.90
CA GLY B 63 -32.89 21.65 -10.26
C GLY B 63 -33.87 20.78 -9.50
N ASP B 64 -34.06 21.11 -8.22
CA ASP B 64 -34.99 20.40 -7.36
C ASP B 64 -36.43 20.52 -7.92
N LYS B 65 -36.77 21.67 -8.49
CA LYS B 65 -38.09 21.89 -9.08
C LYS B 65 -38.17 21.26 -10.45
N VAL B 66 -37.10 21.37 -11.26
CA VAL B 66 -37.09 20.78 -12.59
C VAL B 66 -37.23 19.25 -12.49
N LEU B 67 -36.50 18.61 -11.57
CA LEU B 67 -36.60 17.17 -11.38
C LEU B 67 -37.98 16.82 -10.85
N ASP B 68 -38.54 17.64 -9.94
CA ASP B 68 -39.87 17.43 -9.38
C ASP B 68 -40.92 17.41 -10.49
N ILE B 69 -40.83 18.35 -11.43
CA ILE B 69 -41.76 18.43 -12.56
C ILE B 69 -41.56 17.22 -13.47
N LEU B 70 -40.30 16.92 -13.82
CA LEU B 70 -39.95 15.82 -14.69
C LEU B 70 -40.44 14.47 -14.18
N VAL B 71 -40.13 14.12 -12.92
CA VAL B 71 -40.52 12.85 -12.32
C VAL B 71 -42.03 12.77 -12.18
N LYS B 72 -42.67 13.87 -11.76
CA LYS B 72 -44.11 13.89 -11.58
C LYS B 72 -44.86 13.71 -12.88
N LYS B 73 -44.33 14.20 -13.99
CA LYS B 73 -44.98 14.04 -15.28
C LYS B 73 -44.72 12.66 -15.87
N ALA B 74 -43.53 12.10 -15.61
CA ALA B 74 -43.20 10.77 -16.09
C ALA B 74 -43.79 9.64 -15.22
N ASP B 75 -44.29 9.97 -14.01
CA ASP B 75 -44.86 8.98 -13.08
C ASP B 75 -46.06 8.20 -13.62
N THR B 76 -46.64 8.65 -14.75
CA THR B 76 -47.76 7.98 -15.40
C THR B 76 -47.40 6.54 -15.78
N GLU B 77 -48.37 5.62 -15.65
CA GLU B 77 -48.20 4.21 -16.01
C GLU B 77 -47.86 4.04 -17.50
N GLU B 78 -48.30 4.98 -18.34
CA GLU B 78 -48.05 4.96 -19.77
C GLU B 78 -46.57 5.18 -20.07
N THR B 79 -45.94 6.12 -19.32
CA THR B 79 -44.50 6.42 -19.47
C THR B 79 -43.63 5.33 -18.84
N ALA B 80 -44.13 4.66 -17.79
CA ALA B 80 -43.40 3.58 -17.12
C ALA B 80 -43.29 2.37 -18.05
N ASN B 81 -44.38 2.04 -18.77
CA ASN B 81 -44.43 0.93 -19.72
C ASN B 81 -43.51 1.17 -20.91
N THR B 82 -43.43 2.42 -21.37
CA THR B 82 -42.58 2.82 -22.49
C THR B 82 -41.10 2.56 -22.16
N LEU B 83 -40.68 2.90 -20.94
CA LEU B 83 -39.30 2.68 -20.51
C LEU B 83 -39.02 1.21 -20.20
N LYS B 84 -40.02 0.50 -19.66
CA LYS B 84 -39.96 -0.92 -19.32
C LYS B 84 -39.74 -1.75 -20.58
N ASN B 85 -40.59 -1.54 -21.61
CA ASN B 85 -40.50 -2.27 -22.87
C ASN B 85 -39.32 -1.85 -23.74
N LEU B 86 -38.76 -0.65 -23.51
CA LEU B 86 -37.59 -0.21 -24.25
C LEU B 86 -36.38 -1.02 -23.80
N LEU B 87 -36.24 -1.24 -22.48
CA LEU B 87 -35.15 -2.04 -21.92
C LEU B 87 -35.33 -3.51 -22.29
N LEU B 88 -36.57 -4.00 -22.21
CA LEU B 88 -36.98 -5.36 -22.56
C LEU B 88 -36.76 -5.66 -24.06
N LEU B 89 -36.88 -4.63 -24.91
CA LEU B 89 -36.68 -4.75 -26.35
C LEU B 89 -35.23 -5.08 -26.66
N PHE B 90 -34.27 -4.50 -25.92
CA PHE B 90 -32.85 -4.80 -26.13
C PHE B 90 -32.53 -6.23 -25.72
N GLY B 91 -33.18 -6.73 -24.67
CA GLY B 91 -33.02 -8.10 -24.21
C GLY B 91 -33.57 -9.10 -25.21
N THR B 92 -34.66 -8.71 -25.90
CA THR B 92 -35.30 -9.51 -26.95
C THR B 92 -34.37 -9.59 -28.15
N LEU B 93 -33.78 -8.45 -28.53
CA LEU B 93 -32.81 -8.34 -29.63
C LEU B 93 -31.54 -9.18 -29.36
N GLY B 94 -31.17 -9.33 -28.09
CA GLY B 94 -30.03 -10.13 -27.68
C GLY B 94 -30.24 -11.60 -27.96
N MET B 95 -31.50 -12.07 -27.89
CA MET B 95 -31.86 -13.46 -28.18
C MET B 95 -31.92 -13.70 -29.69
N LEU B 96 -32.41 -12.70 -30.44
CA LEU B 96 -32.57 -12.76 -31.88
C LEU B 96 -31.22 -12.88 -32.58
N ASP B 97 -30.98 -14.04 -33.20
CA ASP B 97 -29.78 -14.40 -33.95
C ASP B 97 -29.77 -13.62 -35.26
N VAL B 98 -29.27 -12.38 -35.22
CA VAL B 98 -29.20 -11.55 -36.42
C VAL B 98 -27.96 -11.83 -37.28
N LYS B 99 -27.07 -12.74 -36.85
CA LYS B 99 -25.89 -13.14 -37.61
C LYS B 99 -26.36 -13.92 -38.85
N GLN B 100 -27.29 -14.87 -38.64
CA GLN B 100 -27.85 -15.70 -39.72
C GLN B 100 -28.96 -15.01 -40.53
N LEU B 101 -29.23 -13.74 -40.26
CA LEU B 101 -30.25 -12.99 -41.01
C LEU B 101 -29.70 -12.49 -42.36
N GLU B 102 -28.36 -12.37 -42.51
CA GLU B 102 -27.68 -11.91 -43.73
C GLU B 102 -28.30 -12.41 -45.06
N PRO B 103 -28.48 -13.74 -45.29
CA PRO B 103 -29.05 -14.17 -46.58
C PRO B 103 -30.53 -13.81 -46.72
N LEU B 104 -31.29 -13.93 -45.61
CA LEU B 104 -32.72 -13.60 -45.60
C LEU B 104 -32.97 -12.14 -45.92
N ILE B 105 -32.12 -11.23 -45.41
CA ILE B 105 -32.22 -9.80 -45.66
C ILE B 105 -31.88 -9.50 -47.13
N LEU B 106 -30.91 -10.22 -47.71
CA LEU B 106 -30.56 -10.04 -49.11
C LEU B 106 -31.71 -10.47 -50.02
N LYS B 107 -32.44 -11.53 -49.62
CA LYS B 107 -33.58 -12.03 -50.39
C LYS B 107 -34.77 -11.09 -50.27
N VAL B 108 -35.10 -10.64 -49.04
CA VAL B 108 -36.19 -9.66 -48.82
C VAL B 108 -35.86 -8.34 -49.55
N ASN B 109 -34.57 -8.01 -49.71
CA ASN B 109 -34.11 -6.83 -50.40
C ASN B 109 -34.41 -6.93 -51.89
N ALA B 110 -34.15 -8.11 -52.48
CA ALA B 110 -34.40 -8.38 -53.90
C ALA B 110 -35.91 -8.41 -54.23
N GLY B 111 -36.74 -8.75 -53.25
CA GLY B 111 -38.18 -8.77 -53.40
C GLY B 111 -38.73 -7.35 -53.45
N VAL B 112 -38.22 -6.47 -52.58
CA VAL B 112 -38.62 -5.06 -52.54
C VAL B 112 -38.27 -4.39 -53.87
N ALA B 113 -37.08 -4.69 -54.40
CA ALA B 113 -36.60 -4.16 -55.68
C ALA B 113 -37.50 -4.55 -56.86
N SER B 114 -37.95 -5.81 -56.89
CA SER B 114 -38.82 -6.28 -57.97
C SER B 114 -40.27 -5.80 -57.80
N ALA B 115 -40.70 -5.52 -56.55
CA ALA B 115 -42.05 -5.03 -56.28
C ALA B 115 -42.28 -3.61 -56.80
N VAL B 116 -41.22 -2.80 -56.90
CA VAL B 116 -41.30 -1.43 -57.38
C VAL B 116 -41.72 -1.44 -58.86
N GLU B 117 -41.12 -2.34 -59.66
CA GLU B 117 -41.45 -2.43 -61.09
C GLU B 117 -42.84 -3.07 -61.31
N GLN B 118 -43.85 -2.22 -61.52
CA GLN B 118 -45.23 -2.64 -61.75
C GLN B 118 -45.47 -3.06 -63.20
N GLY B 126 -57.30 -12.44 -61.84
CA GLY B 126 -57.61 -12.65 -60.44
C GLY B 126 -57.42 -14.09 -60.00
N TYR B 127 -58.52 -14.86 -59.94
CA TYR B 127 -58.51 -16.27 -59.54
C TYR B 127 -57.67 -17.11 -60.52
N PHE B 128 -57.75 -16.80 -61.81
CA PHE B 128 -57.03 -17.49 -62.87
C PHE B 128 -55.52 -17.27 -62.77
N ASP B 129 -55.07 -16.16 -62.15
CA ASP B 129 -53.66 -15.83 -62.08
C ASP B 129 -52.90 -16.47 -60.93
N ILE B 130 -53.60 -16.74 -59.80
CA ILE B 130 -52.99 -17.37 -58.63
C ILE B 130 -52.46 -18.78 -58.95
N ILE B 131 -53.19 -19.49 -59.82
CA ILE B 131 -52.83 -20.83 -60.28
C ILE B 131 -51.61 -20.77 -61.19
N ARG B 132 -51.62 -19.83 -62.16
CA ARG B 132 -50.54 -19.62 -63.13
C ARG B 132 -49.23 -19.20 -62.47
N SER B 133 -49.30 -18.28 -61.50
CA SER B 133 -48.13 -17.77 -60.81
C SER B 133 -47.50 -18.77 -59.86
N LEU B 134 -48.31 -19.68 -59.29
CA LEU B 134 -47.79 -20.70 -58.39
C LEU B 134 -47.04 -21.80 -59.15
N LYS B 135 -45.99 -22.36 -58.50
CA LYS B 135 -45.08 -23.38 -59.05
C LYS B 135 -44.06 -22.80 -60.08
N ASP B 136 -44.01 -21.45 -60.23
CA ASP B 136 -43.06 -20.73 -61.11
C ASP B 136 -41.64 -20.89 -60.51
N PRO B 137 -40.53 -20.87 -61.30
CA PRO B 137 -39.21 -21.09 -60.68
C PRO B 137 -38.85 -20.11 -59.57
N GLU B 138 -39.18 -18.82 -59.77
CA GLU B 138 -38.90 -17.78 -58.78
C GLU B 138 -39.81 -17.92 -57.56
N ILE B 139 -41.08 -18.28 -57.80
CA ILE B 139 -42.09 -18.46 -56.76
C ILE B 139 -41.81 -19.70 -55.91
N ASN B 140 -41.52 -20.84 -56.54
CA ASN B 140 -41.22 -22.11 -55.85
C ASN B 140 -40.08 -21.97 -54.86
N LYS B 141 -39.02 -21.21 -55.21
CA LYS B 141 -37.90 -21.01 -54.29
C LYS B 141 -38.37 -20.26 -53.03
N SER B 142 -39.25 -19.28 -53.20
CA SER B 142 -39.77 -18.49 -52.09
C SER B 142 -40.77 -19.26 -51.21
N ILE B 143 -41.73 -19.97 -51.83
CA ILE B 143 -42.73 -20.70 -51.06
C ILE B 143 -42.12 -21.94 -50.36
N THR B 144 -41.06 -22.53 -50.94
CA THR B 144 -40.37 -23.65 -50.27
C THR B 144 -39.53 -23.12 -49.10
N LEU B 145 -38.96 -21.91 -49.23
CA LEU B 145 -38.21 -21.26 -48.15
C LEU B 145 -39.17 -20.82 -47.03
N LEU B 146 -40.40 -20.41 -47.39
CA LEU B 146 -41.45 -20.04 -46.45
C LEU B 146 -41.92 -21.28 -45.67
N PHE B 147 -42.00 -22.44 -46.36
CA PHE B 147 -42.37 -23.72 -45.73
C PHE B 147 -41.24 -24.22 -44.83
N SER B 148 -39.98 -23.98 -45.24
CA SER B 148 -38.79 -24.34 -44.46
C SER B 148 -38.73 -23.52 -43.17
N PHE B 149 -39.20 -22.26 -43.20
CA PHE B 149 -39.26 -21.38 -42.04
C PHE B 149 -40.30 -21.90 -41.04
N LEU B 150 -41.44 -22.40 -41.55
CA LEU B 150 -42.49 -22.97 -40.72
C LEU B 150 -42.02 -24.27 -40.05
N LYS B 151 -41.20 -25.06 -40.76
CA LYS B 151 -40.64 -26.32 -40.25
C LYS B 151 -39.75 -26.05 -39.02
N GLY B 152 -38.98 -24.97 -39.08
CA GLY B 152 -38.09 -24.58 -38.00
C GLY B 152 -38.81 -24.24 -36.72
N MET B 153 -39.96 -23.56 -36.84
CA MET B 153 -40.75 -23.21 -35.66
C MET B 153 -41.47 -24.45 -35.16
N GLY B 154 -40.87 -25.12 -34.19
CA GLY B 154 -41.41 -26.34 -33.60
C GLY B 154 -40.39 -27.07 -32.77
N GLN B 155 -40.65 -27.21 -31.46
CA GLN B 155 -39.74 -27.90 -30.56
C GLN B 155 -40.48 -28.86 -29.63
N LYS C 4 24.73 -16.37 -62.13
CA LYS C 4 23.53 -15.53 -62.03
C LYS C 4 22.36 -16.27 -61.34
N LYS C 5 21.33 -15.51 -60.91
CA LYS C 5 20.18 -16.11 -60.25
C LYS C 5 18.91 -15.32 -60.58
N THR C 6 18.16 -15.74 -61.61
CA THR C 6 16.94 -15.05 -62.02
C THR C 6 15.72 -15.79 -61.48
N ILE C 7 14.80 -15.07 -60.84
CA ILE C 7 13.62 -15.65 -60.21
C ILE C 7 12.33 -14.93 -60.64
N THR C 8 11.21 -15.66 -60.79
CA THR C 8 9.93 -15.04 -61.16
C THR C 8 8.92 -15.11 -59.99
N ILE C 9 8.73 -13.99 -59.28
CA ILE C 9 7.81 -13.95 -58.15
C ILE C 9 6.48 -13.30 -58.51
N ASN C 10 5.38 -14.08 -58.44
CA ASN C 10 4.02 -13.63 -58.79
C ASN C 10 3.87 -13.24 -60.25
N GLY C 11 4.61 -13.90 -61.11
CA GLY C 11 4.56 -13.60 -62.54
C GLY C 11 5.69 -12.72 -63.00
N VAL C 12 6.03 -11.67 -62.23
CA VAL C 12 7.11 -10.77 -62.63
C VAL C 12 8.50 -11.38 -62.40
N GLU C 13 9.33 -11.30 -63.44
CA GLU C 13 10.70 -11.83 -63.45
C GLU C 13 11.65 -10.78 -62.85
N MET C 14 12.63 -11.22 -62.06
CA MET C 14 13.59 -10.30 -61.45
C MET C 14 14.94 -10.96 -61.14
N GLU C 15 15.98 -10.13 -60.94
CA GLU C 15 17.33 -10.60 -60.64
C GLU C 15 17.57 -10.65 -59.14
N ALA C 16 17.91 -11.83 -58.62
CA ALA C 16 18.20 -11.98 -57.19
C ALA C 16 19.61 -11.50 -56.89
N SER C 17 19.75 -10.73 -55.80
CA SER C 17 21.03 -10.19 -55.39
C SER C 17 21.81 -11.20 -54.49
N GLU C 18 21.89 -10.99 -53.16
CA GLU C 18 22.60 -11.90 -52.25
C GLU C 18 21.66 -12.68 -51.33
N GLU C 19 20.33 -12.60 -51.55
CA GLU C 19 19.34 -13.30 -50.72
C GLU C 19 19.45 -14.81 -50.83
N GLN C 20 19.79 -15.45 -49.72
CA GLN C 20 19.93 -16.90 -49.68
C GLN C 20 18.55 -17.56 -49.69
N THR C 21 17.58 -16.98 -48.97
CA THR C 21 16.24 -17.57 -48.87
C THR C 21 15.19 -16.82 -49.70
N VAL C 22 14.06 -17.49 -49.98
CA VAL C 22 12.95 -16.92 -50.73
C VAL C 22 12.35 -15.74 -49.94
N LEU C 23 12.17 -15.91 -48.61
CA LEU C 23 11.62 -14.87 -47.74
C LEU C 23 12.51 -13.65 -47.73
N GLN C 24 13.83 -13.85 -47.72
CA GLN C 24 14.78 -12.73 -47.76
C GLN C 24 14.58 -11.90 -49.04
N LEU C 25 14.36 -12.55 -50.19
CA LEU C 25 14.11 -11.86 -51.46
C LEU C 25 12.76 -11.16 -51.41
N LEU C 26 11.72 -11.85 -50.91
CA LEU C 26 10.37 -11.30 -50.82
C LEU C 26 10.33 -10.04 -49.96
N ASN C 27 11.13 -10.01 -48.89
CA ASN C 27 11.23 -8.88 -47.97
C ASN C 27 11.92 -7.68 -48.64
N ASN C 28 13.03 -7.94 -49.35
CA ASN C 28 13.74 -6.88 -50.07
C ASN C 28 12.91 -6.36 -51.24
N SER C 29 12.09 -7.23 -51.85
CA SER C 29 11.20 -6.88 -52.96
C SER C 29 9.89 -6.22 -52.50
N SER C 30 9.68 -6.04 -51.18
CA SER C 30 8.49 -5.44 -50.59
C SER C 30 7.20 -6.17 -50.97
N ILE C 31 7.24 -7.50 -50.89
CA ILE C 31 6.10 -8.36 -51.19
C ILE C 31 5.54 -8.91 -49.87
N GLU C 32 4.23 -8.73 -49.65
CA GLU C 32 3.56 -9.13 -48.42
C GLU C 32 3.58 -10.65 -48.13
N VAL C 33 4.20 -11.01 -46.99
CA VAL C 33 4.30 -12.41 -46.53
C VAL C 33 4.45 -12.49 -45.00
N PRO C 34 3.50 -13.18 -44.31
CA PRO C 34 3.58 -13.30 -42.85
C PRO C 34 4.84 -14.03 -42.39
N GLN C 35 5.39 -13.64 -41.26
CA GLN C 35 6.62 -14.23 -40.74
C GLN C 35 6.66 -14.03 -39.23
N VAL C 36 5.66 -14.56 -38.54
CA VAL C 36 5.54 -14.40 -37.10
C VAL C 36 6.77 -14.88 -36.34
N CYS C 37 7.37 -16.02 -36.73
CA CYS C 37 8.53 -16.55 -36.03
C CYS C 37 9.88 -16.13 -36.66
N TYR C 38 9.88 -15.33 -37.74
CA TYR C 38 11.16 -14.92 -38.34
C TYR C 38 11.66 -13.59 -37.80
N HIS C 39 12.85 -13.64 -37.21
CA HIS C 39 13.53 -12.47 -36.72
C HIS C 39 14.89 -12.54 -37.36
N PRO C 40 15.28 -11.52 -38.12
CA PRO C 40 16.57 -11.55 -38.82
C PRO C 40 17.79 -11.85 -37.98
N SER C 41 17.79 -11.44 -36.70
CA SER C 41 18.92 -11.70 -35.83
C SER C 41 19.05 -13.18 -35.44
N LEU C 42 17.93 -13.92 -35.45
CA LEU C 42 17.90 -15.33 -35.06
C LEU C 42 18.02 -16.31 -36.24
N GLY C 43 17.47 -15.92 -37.38
CA GLY C 43 17.43 -16.81 -38.54
C GLY C 43 16.14 -17.62 -38.57
N PRO C 44 15.95 -18.44 -39.61
CA PRO C 44 14.71 -19.22 -39.72
C PRO C 44 14.51 -20.24 -38.62
N ILE C 45 13.24 -20.45 -38.23
CA ILE C 45 12.93 -21.41 -37.17
C ILE C 45 11.92 -22.46 -37.65
N GLU C 46 11.02 -22.08 -38.59
CA GLU C 46 9.98 -22.95 -39.17
C GLU C 46 8.94 -23.41 -38.15
N THR C 47 8.58 -22.54 -37.21
CA THR C 47 7.62 -22.87 -36.16
C THR C 47 6.23 -22.27 -36.35
N CYS C 48 6.12 -21.04 -36.85
CA CYS C 48 4.82 -20.40 -36.98
C CYS C 48 4.01 -20.91 -38.18
N ASP C 49 4.70 -21.28 -39.27
CA ASP C 49 4.10 -21.80 -40.50
C ASP C 49 3.17 -20.79 -41.19
N THR C 50 3.50 -19.50 -41.12
CA THR C 50 2.68 -18.46 -41.74
C THR C 50 3.27 -17.92 -43.06
N CYS C 51 4.51 -18.28 -43.39
CA CYS C 51 5.14 -17.83 -44.64
C CYS C 51 4.92 -18.81 -45.78
N ILE C 52 3.79 -19.54 -45.78
CA ILE C 52 3.48 -20.54 -46.80
C ILE C 52 3.27 -19.94 -48.18
N VAL C 53 4.32 -19.97 -49.00
CA VAL C 53 4.23 -19.50 -50.39
C VAL C 53 4.45 -20.72 -51.32
N SER C 54 4.05 -20.62 -52.61
CA SER C 54 4.22 -21.75 -53.53
C SER C 54 5.49 -21.67 -54.37
N ILE C 55 6.52 -22.41 -53.96
CA ILE C 55 7.79 -22.50 -54.66
C ILE C 55 7.62 -23.61 -55.72
N ASN C 56 7.35 -23.21 -56.99
CA ASN C 56 7.13 -24.12 -58.12
C ASN C 56 5.94 -25.07 -57.89
N GLY C 57 4.83 -24.50 -57.44
CA GLY C 57 3.61 -25.27 -57.21
C GLY C 57 3.55 -26.00 -55.87
N GLU C 58 4.69 -26.13 -55.19
CA GLU C 58 4.76 -26.81 -53.90
C GLU C 58 4.62 -25.78 -52.79
N LEU C 59 3.68 -26.00 -51.84
CA LEU C 59 3.52 -25.08 -50.73
C LEU C 59 4.66 -25.30 -49.76
N LYS C 60 5.47 -24.27 -49.55
CA LYS C 60 6.66 -24.39 -48.70
C LYS C 60 6.86 -23.13 -47.85
N ARG C 61 7.50 -23.29 -46.68
CA ARG C 61 7.81 -22.18 -45.80
C ARG C 61 8.91 -21.39 -46.47
N SER C 62 8.66 -20.11 -46.79
CA SER C 62 9.65 -19.29 -47.49
C SER C 62 10.84 -18.88 -46.63
N CYS C 63 10.69 -18.85 -45.30
CA CYS C 63 11.79 -18.46 -44.42
C CYS C 63 12.96 -19.44 -44.51
N SER C 64 12.67 -20.73 -44.70
CA SER C 64 13.68 -21.76 -44.83
C SER C 64 14.00 -22.12 -46.28
N ALA C 65 13.03 -21.94 -47.21
CA ALA C 65 13.23 -22.24 -48.62
C ALA C 65 14.41 -21.52 -49.24
N GLU C 66 15.38 -22.28 -49.78
CA GLU C 66 16.55 -21.70 -50.40
C GLU C 66 16.19 -21.20 -51.79
N LEU C 67 16.59 -19.98 -52.10
CA LEU C 67 16.30 -19.32 -53.37
C LEU C 67 17.17 -19.90 -54.47
N LYS C 68 16.64 -20.86 -55.23
CA LYS C 68 17.39 -21.46 -56.34
C LYS C 68 17.19 -20.66 -57.63
N ASP C 69 18.10 -20.82 -58.60
CA ASP C 69 17.99 -20.13 -59.88
C ASP C 69 16.84 -20.76 -60.67
N GLY C 70 15.94 -19.93 -61.18
CA GLY C 70 14.80 -20.40 -61.97
C GLY C 70 13.68 -20.98 -61.12
N ASP C 71 13.30 -20.25 -60.06
CA ASP C 71 12.23 -20.67 -59.16
C ASP C 71 11.00 -19.80 -59.40
N VAL C 72 9.83 -20.42 -59.56
CA VAL C 72 8.58 -19.69 -59.77
C VAL C 72 7.82 -19.63 -58.46
N ILE C 73 8.04 -18.56 -57.69
CA ILE C 73 7.40 -18.40 -56.38
C ILE C 73 6.13 -17.59 -56.50
N ASP C 74 5.06 -18.02 -55.84
CA ASP C 74 3.80 -17.30 -55.86
C ASP C 74 3.35 -17.06 -54.44
N THR C 75 3.00 -15.81 -54.12
CA THR C 75 2.59 -15.41 -52.79
C THR C 75 1.19 -14.78 -52.79
N LEU C 76 0.32 -15.11 -53.77
CA LEU C 76 -0.99 -14.47 -53.85
C LEU C 76 -2.16 -15.40 -54.17
N SER C 77 -1.90 -16.64 -54.63
CA SER C 77 -2.99 -17.55 -54.99
C SER C 77 -3.90 -17.92 -53.80
N PRO C 78 -5.19 -18.23 -54.04
CA PRO C 78 -6.08 -18.56 -52.92
C PRO C 78 -5.60 -19.69 -52.02
N ASP C 79 -4.89 -20.66 -52.58
CA ASP C 79 -4.36 -21.77 -51.79
C ASP C 79 -3.24 -21.34 -50.87
N VAL C 80 -2.33 -20.44 -51.33
CA VAL C 80 -1.25 -19.98 -50.46
C VAL C 80 -1.80 -19.12 -49.31
N LYS C 81 -2.85 -18.31 -49.59
CA LYS C 81 -3.45 -17.49 -48.56
C LYS C 81 -4.25 -18.34 -47.59
N LYS C 82 -4.96 -19.36 -48.09
CA LYS C 82 -5.71 -20.27 -47.23
C LYS C 82 -4.78 -21.08 -46.31
N ALA C 83 -3.51 -21.30 -46.73
CA ALA C 83 -2.51 -22.01 -45.94
C ALA C 83 -1.90 -21.10 -44.87
N GLN C 84 -1.75 -19.80 -45.17
CA GLN C 84 -1.21 -18.86 -44.21
C GLN C 84 -2.20 -18.65 -43.07
N VAL C 85 -3.49 -18.49 -43.40
CA VAL C 85 -4.54 -18.31 -42.40
C VAL C 85 -4.64 -19.53 -41.48
N ILE C 86 -4.41 -20.74 -42.01
CA ILE C 86 -4.44 -21.98 -41.22
C ILE C 86 -3.31 -21.97 -40.18
N GLY C 87 -2.12 -21.52 -40.57
CA GLY C 87 -1.00 -21.41 -39.67
C GLY C 87 -1.24 -20.37 -38.60
N MET C 88 -1.91 -19.27 -38.97
CA MET C 88 -2.26 -18.20 -38.06
C MET C 88 -3.30 -18.67 -37.05
N ASP C 89 -4.23 -19.55 -37.46
CA ASP C 89 -5.28 -20.08 -36.58
C ASP C 89 -4.69 -20.82 -35.39
N LYS C 90 -3.57 -21.52 -35.59
CA LYS C 90 -2.89 -22.24 -34.51
C LYS C 90 -2.16 -21.27 -33.58
N ILE C 91 -1.63 -20.15 -34.12
CA ILE C 91 -0.98 -19.10 -33.34
C ILE C 91 -2.04 -18.47 -32.44
N LEU C 92 -3.22 -18.16 -33.01
CA LEU C 92 -4.35 -17.56 -32.29
C LEU C 92 -5.02 -18.50 -31.30
N TYR C 93 -4.91 -19.82 -31.52
CA TYR C 93 -5.41 -20.80 -30.58
C TYR C 93 -4.48 -20.78 -29.32
N ASN C 94 -3.17 -20.52 -29.51
CA ASN C 94 -2.19 -20.43 -28.42
C ASN C 94 -1.98 -19.00 -27.90
N HIS C 95 -2.67 -17.99 -28.46
CA HIS C 95 -2.50 -16.61 -28.02
C HIS C 95 -3.83 -15.91 -28.02
N GLU C 96 -4.17 -15.28 -26.90
CA GLU C 96 -5.42 -14.56 -26.76
C GLU C 96 -5.24 -13.10 -27.15
N LEU C 97 -6.04 -12.63 -28.10
CA LEU C 97 -5.95 -11.24 -28.52
C LEU C 97 -6.78 -10.42 -27.57
N TYR C 98 -6.17 -9.50 -26.84
CA TYR C 98 -6.88 -8.56 -25.96
C TYR C 98 -6.21 -7.16 -26.00
N CYS C 99 -5.64 -6.82 -27.15
CA CYS C 99 -4.82 -5.68 -27.53
C CYS C 99 -5.14 -4.36 -26.83
N THR C 100 -6.38 -3.87 -26.84
CA THR C 100 -6.71 -2.57 -26.19
C THR C 100 -6.30 -2.52 -24.71
N VAL C 101 -6.27 -3.69 -24.05
CA VAL C 101 -5.87 -3.77 -22.64
C VAL C 101 -4.59 -4.59 -22.46
N CYS C 102 -3.72 -4.62 -23.49
CA CYS C 102 -2.46 -5.35 -23.46
C CYS C 102 -1.31 -4.36 -23.56
N ASP C 103 -0.27 -4.56 -22.74
CA ASP C 103 0.90 -3.67 -22.74
C ASP C 103 1.77 -3.79 -23.97
N TYR C 104 1.65 -4.89 -24.74
CA TYR C 104 2.41 -5.09 -25.98
C TYR C 104 1.74 -4.46 -27.23
N ASN C 105 0.59 -3.81 -27.07
CA ASN C 105 -0.12 -3.17 -28.17
C ASN C 105 0.53 -1.78 -28.39
N ASN C 106 1.82 -1.74 -28.76
CA ASN C 106 2.59 -0.52 -29.00
C ASN C 106 2.96 -0.36 -30.48
N GLY C 107 2.12 -0.86 -31.38
CA GLY C 107 2.39 -0.77 -32.81
C GLY C 107 3.44 -1.75 -33.34
N GLY C 108 4.24 -2.32 -32.46
CA GLY C 108 5.29 -3.25 -32.87
C GLY C 108 5.02 -4.71 -32.57
N CYS C 109 3.77 -5.05 -32.19
CA CYS C 109 3.44 -6.44 -31.89
C CYS C 109 3.25 -7.24 -33.16
N GLU C 110 4.10 -8.25 -33.39
CA GLU C 110 4.06 -9.08 -34.59
C GLU C 110 2.80 -9.92 -34.72
N ILE C 111 2.17 -10.36 -33.63
CA ILE C 111 0.90 -11.08 -33.74
C ILE C 111 -0.18 -10.08 -34.14
N HIS C 112 -0.25 -8.96 -33.43
CA HIS C 112 -1.22 -7.91 -33.71
C HIS C 112 -1.17 -7.42 -35.16
N ASN C 113 0.00 -6.99 -35.65
CA ASN C 113 0.11 -6.50 -37.02
C ASN C 113 -0.03 -7.62 -38.06
N THR C 114 0.21 -8.90 -37.70
CA THR C 114 0.02 -9.97 -38.67
C THR C 114 -1.47 -10.23 -38.82
N VAL C 115 -2.23 -10.27 -37.71
CA VAL C 115 -3.69 -10.43 -37.78
C VAL C 115 -4.32 -9.28 -38.59
N LYS C 116 -3.76 -8.07 -38.45
CA LYS C 116 -4.19 -6.86 -39.14
C LYS C 116 -3.84 -6.94 -40.64
N GLU C 117 -2.60 -7.35 -40.96
N GLU C 117 -2.60 -7.32 -40.98
CA GLU C 117 -2.05 -7.50 -42.31
CA GLU C 117 -2.18 -7.41 -42.38
C GLU C 117 -2.84 -8.54 -43.11
C GLU C 117 -2.89 -8.54 -43.14
N MET C 118 -3.21 -9.64 -42.45
CA MET C 118 -3.92 -10.75 -43.08
C MET C 118 -5.43 -10.52 -43.22
N LYS C 119 -5.93 -9.31 -42.90
CA LYS C 119 -7.34 -8.94 -42.99
C LYS C 119 -8.27 -9.99 -42.35
N ILE C 120 -7.83 -10.51 -41.19
CA ILE C 120 -8.53 -11.53 -40.43
C ILE C 120 -9.67 -10.91 -39.63
N ASN C 121 -10.85 -11.54 -39.68
CA ASN C 121 -12.00 -11.08 -38.92
C ASN C 121 -12.53 -12.15 -37.96
N HIS C 122 -12.27 -13.43 -38.23
CA HIS C 122 -12.71 -14.50 -37.35
C HIS C 122 -11.54 -15.43 -36.97
N GLN C 123 -11.70 -16.24 -35.91
CA GLN C 123 -10.66 -17.17 -35.47
C GLN C 123 -11.24 -18.59 -35.50
N SER C 124 -10.75 -19.44 -36.42
CA SER C 124 -11.25 -20.80 -36.59
C SER C 124 -11.08 -21.68 -35.35
N ILE C 125 -9.88 -21.69 -34.75
CA ILE C 125 -9.66 -22.47 -33.53
C ILE C 125 -9.79 -21.53 -32.33
N PRO C 126 -10.84 -21.70 -31.51
CA PRO C 126 -11.01 -20.83 -30.33
C PRO C 126 -9.85 -20.92 -29.36
N PHE C 127 -9.49 -19.79 -28.73
CA PHE C 127 -8.39 -19.74 -27.78
C PHE C 127 -8.64 -20.66 -26.59
N ASP C 128 -7.74 -21.61 -26.34
CA ASP C 128 -7.87 -22.49 -25.19
C ASP C 128 -6.69 -22.21 -24.25
N HIS C 129 -6.97 -21.96 -22.97
CA HIS C 129 -5.93 -21.66 -22.00
C HIS C 129 -5.02 -22.87 -21.81
N LYS C 130 -3.71 -22.65 -21.69
CA LYS C 130 -2.77 -23.74 -21.43
C LYS C 130 -2.86 -24.14 -19.97
N PRO C 131 -2.66 -25.44 -19.65
CA PRO C 131 -2.77 -25.89 -18.25
C PRO C 131 -1.57 -25.54 -17.36
N TYR C 132 -1.11 -24.28 -17.40
CA TYR C 132 0.01 -23.85 -16.59
C TYR C 132 -0.25 -22.46 -16.02
N HIS C 133 0.39 -22.15 -14.90
N HIS C 133 0.40 -22.14 -14.90
CA HIS C 133 0.25 -20.82 -14.29
CA HIS C 133 0.30 -20.84 -14.26
C HIS C 133 1.41 -19.90 -14.74
C HIS C 133 1.41 -19.90 -14.78
N LYS C 134 1.23 -18.58 -14.63
CA LYS C 134 2.26 -17.61 -15.06
C LYS C 134 3.49 -17.77 -14.19
N ASP C 135 4.67 -17.80 -14.80
CA ASP C 135 5.90 -17.92 -14.04
C ASP C 135 6.39 -16.52 -13.78
N GLU C 136 5.95 -15.95 -12.66
CA GLU C 136 6.33 -14.59 -12.29
C GLU C 136 7.37 -14.62 -11.17
N SER C 137 8.24 -15.63 -11.13
CA SER C 137 9.24 -15.76 -10.07
C SER C 137 10.41 -14.80 -10.20
N HIS C 138 10.88 -14.55 -11.45
CA HIS C 138 12.03 -13.69 -11.76
C HIS C 138 11.72 -12.24 -11.43
N PRO C 139 12.72 -11.46 -10.95
CA PRO C 139 12.43 -10.07 -10.59
C PRO C 139 12.21 -9.13 -11.78
N PHE C 140 12.77 -9.47 -12.95
CA PHE C 140 12.74 -8.59 -14.11
C PHE C 140 11.76 -8.90 -15.21
N TYR C 141 11.52 -10.18 -15.52
CA TYR C 141 10.58 -10.53 -16.58
C TYR C 141 9.63 -11.66 -16.14
N ARG C 142 8.60 -11.97 -16.95
CA ARG C 142 7.65 -13.00 -16.59
C ARG C 142 7.16 -13.79 -17.80
N TYR C 143 6.78 -15.04 -17.56
CA TYR C 143 6.27 -15.90 -18.62
C TYR C 143 4.78 -16.11 -18.48
N ASP C 144 4.03 -15.89 -19.56
CA ASP C 144 2.59 -16.13 -19.55
C ASP C 144 2.35 -17.22 -20.57
N PRO C 145 2.33 -18.49 -20.12
CA PRO C 145 2.17 -19.61 -21.06
C PRO C 145 0.89 -19.58 -21.90
N ASP C 146 -0.19 -18.95 -21.39
CA ASP C 146 -1.42 -18.89 -22.17
C ASP C 146 -1.28 -18.04 -23.42
N GLN C 147 -0.41 -17.02 -23.38
CA GLN C 147 -0.11 -16.13 -24.53
C GLN C 147 1.02 -16.67 -25.43
N CYS C 148 1.71 -17.75 -25.00
CA CYS C 148 2.81 -18.32 -25.75
C CYS C 148 2.37 -19.07 -27.01
N ILE C 149 2.89 -18.65 -28.15
CA ILE C 149 2.57 -19.30 -29.42
C ILE C 149 3.54 -20.42 -29.81
N LEU C 150 4.54 -20.71 -28.95
CA LEU C 150 5.54 -21.75 -29.19
C LEU C 150 6.33 -21.52 -30.47
N CYS C 151 6.61 -20.25 -30.77
CA CYS C 151 7.39 -19.86 -31.94
C CYS C 151 8.88 -20.20 -31.79
N GLY C 152 9.36 -20.34 -30.56
CA GLY C 152 10.75 -20.69 -30.29
C GLY C 152 11.75 -19.58 -30.55
N ARG C 153 11.29 -18.32 -30.64
CA ARG C 153 12.21 -17.20 -30.86
C ARG C 153 13.09 -16.99 -29.62
N CYS C 154 12.50 -17.10 -28.43
CA CYS C 154 13.20 -16.99 -27.16
C CYS C 154 14.20 -18.12 -27.01
N VAL C 155 13.83 -19.34 -27.45
CA VAL C 155 14.69 -20.53 -27.40
C VAL C 155 15.90 -20.35 -28.33
N GLU C 156 15.67 -19.85 -29.54
CA GLU C 156 16.76 -19.58 -30.48
C GLU C 156 17.72 -18.55 -29.91
N ALA C 157 17.18 -17.50 -29.26
CA ALA C 157 17.98 -16.45 -28.65
C ALA C 157 18.80 -17.01 -27.46
N CYS C 158 18.16 -17.71 -26.52
CA CYS C 158 18.83 -18.25 -25.36
C CYS C 158 19.88 -19.26 -25.75
N GLN C 159 19.55 -20.15 -26.69
CA GLN C 159 20.47 -21.20 -27.10
C GLN C 159 21.58 -20.74 -28.03
N ASP C 160 21.23 -20.14 -29.18
CA ASP C 160 22.19 -19.83 -30.21
C ASP C 160 22.64 -18.37 -30.35
N VAL C 161 22.03 -17.40 -29.65
CA VAL C 161 22.49 -16.01 -29.75
C VAL C 161 23.19 -15.59 -28.46
N GLN C 162 22.51 -15.74 -27.32
CA GLN C 162 23.01 -15.46 -25.99
C GLN C 162 23.97 -16.58 -25.55
N VAL C 163 23.64 -17.83 -25.91
CA VAL C 163 24.40 -19.03 -25.56
C VAL C 163 24.51 -19.15 -24.05
N THR C 164 23.34 -19.20 -23.41
CA THR C 164 23.11 -19.44 -21.99
C THR C 164 22.50 -20.85 -21.86
N GLU C 165 21.58 -21.18 -22.79
CA GLU C 165 20.96 -22.48 -22.97
C GLU C 165 20.03 -22.83 -21.83
N THR C 166 19.24 -21.87 -21.34
CA THR C 166 18.29 -22.15 -20.27
C THR C 166 16.96 -22.58 -20.89
N LEU C 167 16.53 -21.86 -21.92
CA LEU C 167 15.23 -22.09 -22.56
C LEU C 167 15.21 -23.19 -23.59
N THR C 168 14.22 -24.06 -23.48
CA THR C 168 13.89 -25.15 -24.41
C THR C 168 12.36 -25.27 -24.48
N ILE C 169 11.81 -25.93 -25.51
CA ILE C 169 10.37 -26.14 -25.56
C ILE C 169 10.11 -27.62 -25.39
N ASP C 170 9.28 -28.02 -24.41
CA ASP C 170 8.95 -29.42 -24.22
C ASP C 170 7.94 -29.79 -25.29
N TRP C 171 8.44 -30.19 -26.47
CA TRP C 171 7.55 -30.58 -27.56
C TRP C 171 6.84 -31.89 -27.25
N GLU C 172 7.52 -32.81 -26.53
CA GLU C 172 6.99 -34.14 -26.17
C GLU C 172 5.82 -34.11 -25.18
N ARG C 173 5.46 -32.94 -24.65
CA ARG C 173 4.37 -32.76 -23.71
C ARG C 173 3.04 -32.54 -24.43
N LYS C 174 1.89 -32.97 -23.84
CA LYS C 174 0.54 -32.81 -24.40
C LYS C 174 0.28 -31.40 -24.87
N ARG C 175 0.64 -30.42 -24.04
CA ARG C 175 0.56 -29.00 -24.33
C ARG C 175 1.97 -28.42 -24.24
N PRO C 176 2.68 -28.23 -25.36
CA PRO C 176 4.04 -27.68 -25.28
C PRO C 176 4.10 -26.33 -24.55
N ARG C 177 5.23 -26.07 -23.90
CA ARG C 177 5.43 -24.88 -23.07
C ARG C 177 6.93 -24.56 -23.02
N VAL C 178 7.32 -23.27 -22.88
CA VAL C 178 8.74 -22.92 -22.76
C VAL C 178 9.20 -23.31 -21.34
N ILE C 179 10.25 -24.09 -21.27
CA ILE C 179 10.80 -24.65 -20.05
C ILE C 179 12.14 -23.95 -19.70
N TRP C 180 12.36 -23.69 -18.41
CA TRP C 180 13.61 -23.11 -17.94
C TRP C 180 14.38 -24.25 -17.31
N ASP C 181 15.55 -24.63 -17.86
CA ASP C 181 16.31 -25.77 -17.36
C ASP C 181 15.43 -27.05 -17.50
N ASN C 182 15.30 -27.92 -16.48
CA ASN C 182 14.42 -29.09 -16.58
CA ASN C 182 14.45 -29.10 -16.54
C ASN C 182 13.09 -28.74 -15.93
N ASP C 183 12.42 -27.74 -16.50
CA ASP C 183 11.15 -27.18 -16.08
C ASP C 183 11.17 -26.76 -14.62
N VAL C 184 12.00 -25.77 -14.32
CA VAL C 184 12.10 -25.19 -12.98
C VAL C 184 11.61 -23.72 -13.02
N PRO C 185 11.24 -23.10 -11.88
CA PRO C 185 10.82 -21.70 -11.91
C PRO C 185 11.96 -20.79 -12.38
N ILE C 186 11.63 -19.78 -13.21
CA ILE C 186 12.61 -18.86 -13.81
C ILE C 186 13.66 -18.37 -12.84
N ASN C 187 13.23 -17.92 -11.66
CA ASN C 187 14.13 -17.40 -10.64
C ASN C 187 15.16 -18.43 -10.16
N GLU C 188 14.76 -19.70 -10.04
CA GLU C 188 15.68 -20.75 -9.60
C GLU C 188 16.55 -21.33 -10.72
N SER C 189 16.26 -21.01 -11.98
CA SER C 189 17.02 -21.54 -13.12
C SER C 189 18.38 -20.83 -13.34
N SER C 190 19.13 -21.29 -14.37
CA SER C 190 20.42 -20.72 -14.81
C SER C 190 20.24 -19.43 -15.62
N CYS C 191 19.01 -18.89 -15.71
CA CYS C 191 18.71 -17.70 -16.47
C CYS C 191 19.54 -16.54 -15.97
N VAL C 192 20.45 -16.07 -16.81
CA VAL C 192 21.34 -14.98 -16.46
C VAL C 192 20.70 -13.60 -16.57
N SER C 193 19.38 -13.52 -16.82
CA SER C 193 18.59 -12.29 -16.90
C SER C 193 19.06 -11.30 -17.99
N CYS C 194 19.58 -11.82 -19.10
CA CYS C 194 20.06 -10.99 -20.21
C CYS C 194 18.97 -10.20 -20.90
N GLY C 195 17.75 -10.69 -20.87
CA GLY C 195 16.63 -10.01 -21.50
C GLY C 195 16.34 -10.42 -22.92
N HIS C 196 17.20 -11.26 -23.51
CA HIS C 196 17.03 -11.71 -24.91
C HIS C 196 15.63 -12.27 -25.19
N CYS C 197 15.14 -13.17 -24.34
CA CYS C 197 13.86 -13.83 -24.52
C CYS C 197 12.65 -12.88 -24.58
N SER C 198 12.60 -11.82 -23.74
CA SER C 198 11.50 -10.84 -23.79
C SER C 198 11.65 -9.95 -25.02
N THR C 199 12.91 -9.56 -25.35
CA THR C 199 13.24 -8.73 -26.51
C THR C 199 12.74 -9.39 -27.81
N VAL C 200 13.15 -10.65 -28.07
CA VAL C 200 12.79 -11.36 -29.30
C VAL C 200 11.37 -11.93 -29.33
N CYS C 201 10.66 -12.03 -28.18
CA CYS C 201 9.30 -12.56 -28.17
C CYS C 201 8.38 -11.68 -29.00
N PRO C 202 7.67 -12.27 -29.99
CA PRO C 202 6.78 -11.47 -30.85
C PRO C 202 5.46 -10.99 -30.22
N CYS C 203 5.18 -11.36 -28.97
CA CYS C 203 3.94 -10.95 -28.31
C CYS C 203 4.18 -10.62 -26.80
N ASN C 204 3.14 -10.62 -25.94
CA ASN C 204 3.33 -10.35 -24.52
C ASN C 204 3.63 -11.62 -23.70
N ALA C 205 3.81 -12.81 -24.35
CA ALA C 205 4.07 -14.08 -23.69
C ALA C 205 5.31 -13.98 -22.81
N MET C 206 6.36 -13.35 -23.30
CA MET C 206 7.55 -13.09 -22.51
C MET C 206 7.69 -11.59 -22.46
N MET C 207 7.39 -10.99 -21.31
CA MET C 207 7.44 -9.55 -21.18
C MET C 207 8.19 -9.12 -19.92
N GLU C 208 8.75 -7.90 -19.94
CA GLU C 208 9.43 -7.30 -18.79
C GLU C 208 8.34 -6.88 -17.79
N LYS C 209 8.57 -7.15 -16.51
CA LYS C 209 7.61 -6.76 -15.48
C LYS C 209 7.38 -5.22 -15.44
N GLY C 210 8.33 -4.45 -15.96
CA GLY C 210 8.24 -2.99 -16.02
C GLY C 210 7.12 -2.53 -16.91
N MET C 211 6.81 -3.31 -17.96
CA MET C 211 5.73 -3.03 -18.90
C MET C 211 4.36 -3.32 -18.32
N GLU C 212 4.24 -4.35 -17.45
CA GLU C 212 2.99 -4.78 -16.85
C GLU C 212 2.24 -3.67 -16.14
N GLY C 213 1.04 -3.36 -16.64
CA GLY C 213 0.14 -2.34 -16.12
C GLY C 213 0.55 -0.90 -16.39
N GLU C 214 1.71 -0.70 -17.02
CA GLU C 214 2.22 0.64 -17.27
C GLU C 214 2.03 1.17 -18.68
N ALA C 215 2.28 0.37 -19.72
CA ALA C 215 2.25 0.86 -21.10
C ALA C 215 0.90 1.37 -21.62
N GLY C 216 -0.18 0.68 -21.30
CA GLY C 216 -1.50 1.05 -21.80
C GLY C 216 -2.32 1.97 -20.93
N TYR C 217 -3.38 2.54 -21.49
CA TYR C 217 -4.29 3.40 -20.72
C TYR C 217 -5.24 2.57 -19.87
N LEU C 218 -5.68 1.41 -20.38
CA LEU C 218 -6.59 0.55 -19.65
C LEU C 218 -5.91 -0.66 -19.01
N THR C 219 -4.57 -0.78 -19.08
CA THR C 219 -3.87 -1.91 -18.48
C THR C 219 -3.67 -1.77 -16.95
N GLY C 220 -3.94 -0.61 -16.38
CA GLY C 220 -3.83 -0.40 -14.94
C GLY C 220 -4.98 -1.03 -14.17
N ILE C 221 -6.13 -1.26 -14.85
CA ILE C 221 -7.32 -1.87 -14.30
C ILE C 221 -6.97 -3.23 -13.75
N ASN C 222 -7.22 -3.48 -12.45
CA ASN C 222 -6.91 -4.77 -11.79
C ASN C 222 -7.45 -5.95 -12.57
N ASN C 223 -6.67 -7.02 -12.67
CA ASN C 223 -7.05 -8.21 -13.42
C ASN C 223 -8.42 -8.77 -13.04
N GLU C 224 -8.90 -8.47 -11.83
CA GLU C 224 -10.19 -8.92 -11.35
C GLU C 224 -11.33 -8.29 -12.17
N THR C 225 -11.17 -7.03 -12.59
CA THR C 225 -12.11 -6.22 -13.39
C THR C 225 -11.77 -6.31 -14.88
N LEU C 226 -10.49 -6.40 -15.22
CA LEU C 226 -10.03 -6.47 -16.61
C LEU C 226 -10.34 -7.79 -17.27
N ARG C 227 -10.30 -8.89 -16.49
CA ARG C 227 -10.60 -10.22 -17.02
C ARG C 227 -12.06 -10.33 -17.49
N PRO C 228 -13.07 -9.91 -16.71
CA PRO C 228 -14.44 -9.93 -17.22
C PRO C 228 -14.62 -8.97 -18.40
N MET C 229 -13.84 -7.87 -18.47
CA MET C 229 -13.94 -6.92 -19.58
C MET C 229 -13.55 -7.61 -20.88
N ILE C 230 -12.47 -8.41 -20.84
CA ILE C 230 -11.97 -9.17 -21.98
C ILE C 230 -13.00 -10.24 -22.39
N GLU C 231 -13.62 -10.90 -21.40
CA GLU C 231 -14.63 -11.91 -21.68
C GLU C 231 -15.90 -11.31 -22.26
N ILE C 232 -16.26 -10.09 -21.85
CA ILE C 232 -17.43 -9.37 -22.37
C ILE C 232 -17.14 -9.03 -23.83
N THR C 233 -15.99 -8.37 -24.08
CA THR C 233 -15.56 -7.96 -25.40
C THR C 233 -15.48 -9.12 -26.35
N LYS C 234 -14.91 -10.26 -25.91
CA LYS C 234 -14.80 -11.45 -26.73
C LYS C 234 -16.16 -11.94 -27.23
N GLY C 235 -17.15 -11.92 -26.34
CA GLY C 235 -18.51 -12.36 -26.69
C GLY C 235 -19.22 -11.40 -27.61
N VAL C 236 -19.10 -10.10 -27.34
CA VAL C 236 -19.73 -9.02 -28.11
C VAL C 236 -19.19 -8.94 -29.55
N GLU C 237 -17.85 -8.92 -29.68
CA GLU C 237 -17.10 -8.81 -30.94
C GLU C 237 -17.81 -9.25 -32.21
N THR C 238 -17.92 -8.33 -33.17
CA THR C 238 -18.51 -8.58 -34.49
C THR C 238 -17.41 -9.14 -35.42
N GLY C 239 -16.23 -8.54 -35.37
CA GLY C 239 -15.06 -8.92 -36.16
C GLY C 239 -13.77 -8.43 -35.54
N TYR C 240 -12.66 -9.04 -35.95
CA TYR C 240 -11.34 -8.69 -35.44
C TYR C 240 -10.91 -7.31 -35.87
N GLY C 241 -11.23 -6.93 -37.10
CA GLY C 241 -10.88 -5.62 -37.65
C GLY C 241 -11.53 -4.45 -36.94
N SER C 242 -12.73 -4.65 -36.38
CA SER C 242 -13.43 -3.59 -35.67
C SER C 242 -12.72 -3.25 -34.36
N ILE C 243 -12.46 -4.27 -33.53
CA ILE C 243 -11.79 -4.07 -32.25
C ILE C 243 -10.27 -3.84 -32.41
N LEU C 244 -9.69 -4.24 -33.56
CA LEU C 244 -8.28 -3.96 -33.88
C LEU C 244 -8.12 -2.46 -34.15
N ALA C 245 -9.15 -1.81 -34.75
CA ALA C 245 -9.14 -0.38 -35.00
C ALA C 245 -9.19 0.37 -33.67
N ILE C 246 -10.05 -0.08 -32.73
CA ILE C 246 -10.15 0.50 -31.39
C ILE C 246 -8.81 0.39 -30.67
N SER C 247 -8.16 -0.77 -30.79
CA SER C 247 -6.86 -1.00 -30.17
C SER C 247 -5.74 -0.18 -30.83
N ASP C 248 -5.87 0.11 -32.12
CA ASP C 248 -4.89 0.90 -32.86
C ASP C 248 -4.98 2.35 -32.45
N MET C 249 -6.20 2.86 -32.22
CA MET C 249 -6.39 4.23 -31.76
C MET C 249 -5.82 4.38 -30.36
N GLU C 250 -6.00 3.38 -29.49
CA GLU C 250 -5.45 3.43 -28.14
C GLU C 250 -3.92 3.30 -28.20
N SER C 251 -3.41 2.45 -29.09
CA SER C 251 -1.97 2.28 -29.29
C SER C 251 -1.34 3.62 -29.70
N ALA C 252 -2.02 4.35 -30.59
CA ALA C 252 -1.56 5.65 -31.07
C ALA C 252 -1.50 6.64 -29.94
N MET C 253 -2.51 6.61 -29.05
CA MET C 253 -2.60 7.49 -27.90
C MET C 253 -1.45 7.30 -26.93
N ARG C 254 -0.91 6.08 -26.82
CA ARG C 254 0.21 5.81 -25.93
C ARG C 254 1.42 6.70 -26.20
N ASP C 255 1.56 7.21 -27.44
CA ASP C 255 2.64 8.13 -27.81
C ASP C 255 2.68 9.40 -26.95
N GLU C 256 1.58 9.74 -26.28
CA GLU C 256 1.50 10.89 -25.41
C GLU C 256 2.28 10.63 -24.11
N ARG C 257 2.11 9.43 -23.54
CA ARG C 257 2.79 9.11 -22.28
CA ARG C 257 2.78 9.08 -22.27
C ARG C 257 4.18 8.47 -22.42
N ILE C 258 4.29 7.35 -23.17
CA ILE C 258 5.54 6.62 -23.34
C ILE C 258 6.57 7.32 -24.24
N LYS C 259 7.76 7.56 -23.70
CA LYS C 259 8.81 8.23 -24.42
C LYS C 259 9.89 7.19 -24.74
N LYS C 260 10.30 7.09 -26.00
CA LYS C 260 11.29 6.11 -26.42
C LYS C 260 12.56 6.85 -26.86
N THR C 261 13.67 6.71 -26.10
CA THR C 261 14.91 7.46 -26.36
C THR C 261 16.15 6.59 -26.53
N LYS C 262 16.91 6.80 -27.61
CA LYS C 262 18.14 6.05 -27.87
C LYS C 262 19.24 6.43 -26.88
N THR C 263 19.91 5.45 -26.32
CA THR C 263 21.02 5.68 -25.41
C THR C 263 22.12 4.63 -25.60
N VAL C 264 23.31 4.86 -25.02
CA VAL C 264 24.41 3.92 -25.07
C VAL C 264 24.61 3.49 -23.64
N CYS C 265 24.64 2.18 -23.39
CA CYS C 265 24.77 1.59 -22.07
C CYS C 265 25.86 2.22 -21.22
N THR C 266 25.50 2.60 -19.99
CA THR C 266 26.43 3.22 -19.05
C THR C 266 27.37 2.22 -18.37
N TYR C 267 27.23 0.90 -18.61
CA TYR C 267 28.01 -0.09 -17.89
C TYR C 267 29.37 -0.42 -18.53
N CYS C 268 29.49 -1.49 -19.35
CA CYS C 268 30.77 -1.94 -19.88
C CYS C 268 31.07 -1.47 -21.31
N GLY C 269 32.29 -1.77 -21.74
CA GLY C 269 32.85 -1.40 -23.02
C GLY C 269 32.30 -2.08 -24.26
N VAL C 270 31.34 -3.03 -24.14
CA VAL C 270 30.75 -3.63 -25.35
C VAL C 270 30.02 -2.57 -26.18
N GLY C 271 29.53 -1.52 -25.53
CA GLY C 271 28.92 -0.39 -26.21
C GLY C 271 27.56 -0.64 -26.76
N CYS C 272 26.74 -1.38 -26.01
CA CYS C 272 25.38 -1.66 -26.43
C CYS C 272 24.57 -0.39 -26.47
N SER C 273 23.88 -0.15 -27.56
CA SER C 273 22.95 0.96 -27.66
C SER C 273 21.54 0.35 -27.74
N PHE C 274 20.55 1.08 -27.25
CA PHE C 274 19.16 0.61 -27.19
C PHE C 274 18.21 1.79 -26.89
N ASP C 275 16.89 1.57 -26.96
CA ASP C 275 15.93 2.63 -26.64
C ASP C 275 15.43 2.43 -25.23
N VAL C 276 15.28 3.50 -24.45
CA VAL C 276 14.70 3.39 -23.11
C VAL C 276 13.24 3.82 -23.22
N TRP C 277 12.32 2.98 -22.74
CA TRP C 277 10.90 3.30 -22.80
C TRP C 277 10.54 3.83 -21.44
N THR C 278 10.16 5.11 -21.33
CA THR C 278 9.86 5.72 -20.04
C THR C 278 8.54 6.44 -19.98
N LYS C 279 7.71 6.10 -18.97
CA LYS C 279 6.44 6.79 -18.76
C LYS C 279 6.67 7.69 -17.57
N GLY C 280 6.99 8.94 -17.85
CA GLY C 280 7.34 9.89 -16.80
C GLY C 280 8.76 9.58 -16.40
N ARG C 281 8.97 9.28 -15.13
CA ARG C 281 10.29 8.88 -14.67
C ARG C 281 10.49 7.36 -14.57
N ASP C 282 9.43 6.58 -14.81
CA ASP C 282 9.52 5.13 -14.72
C ASP C 282 10.08 4.56 -15.97
N ILE C 283 11.09 3.69 -15.84
CA ILE C 283 11.62 2.96 -16.98
C ILE C 283 10.74 1.74 -17.14
N LEU C 284 10.03 1.65 -18.25
CA LEU C 284 9.14 0.55 -18.56
C LEU C 284 10.00 -0.63 -19.08
N LYS C 285 10.76 -0.43 -20.15
CA LYS C 285 11.62 -1.47 -20.69
C LYS C 285 12.75 -0.88 -21.51
N VAL C 286 13.86 -1.59 -21.59
CA VAL C 286 14.98 -1.21 -22.41
C VAL C 286 14.73 -2.02 -23.67
N GLU C 287 14.35 -1.35 -24.74
CA GLU C 287 13.98 -1.97 -25.99
C GLU C 287 15.14 -1.88 -26.97
N PRO C 288 15.86 -3.01 -27.16
CA PRO C 288 16.99 -3.01 -28.10
C PRO C 288 16.54 -2.95 -29.56
N GLN C 289 17.41 -2.45 -30.43
CA GLN C 289 17.08 -2.32 -31.85
C GLN C 289 18.09 -3.07 -32.72
N GLU C 290 17.63 -3.64 -33.85
CA GLU C 290 18.53 -4.36 -34.74
C GLU C 290 19.60 -3.45 -35.32
N GLU C 291 19.28 -2.17 -35.55
CA GLU C 291 20.23 -1.20 -36.08
C GLU C 291 21.38 -0.91 -35.14
N ALA C 292 21.28 -1.27 -33.83
CA ALA C 292 22.33 -1.03 -32.84
C ALA C 292 23.64 -1.63 -33.34
N PRO C 293 24.61 -0.75 -33.65
CA PRO C 293 25.82 -1.22 -34.34
C PRO C 293 26.67 -2.25 -33.61
N ALA C 294 26.81 -2.13 -32.28
CA ALA C 294 27.66 -3.05 -31.54
C ALA C 294 26.95 -4.28 -31.01
N ASN C 295 25.65 -4.16 -30.69
CA ASN C 295 24.93 -5.27 -30.10
C ASN C 295 23.74 -5.85 -30.83
N GLY C 296 23.12 -5.10 -31.73
CA GLY C 296 21.91 -5.58 -32.40
C GLY C 296 20.78 -5.68 -31.39
N ILE C 297 20.09 -6.83 -31.29
CA ILE C 297 19.05 -6.98 -30.27
C ILE C 297 19.60 -7.52 -28.92
N SER C 298 20.92 -7.74 -28.81
CA SER C 298 21.55 -8.30 -27.62
C SER C 298 21.78 -7.33 -26.48
N THR C 299 21.61 -7.81 -25.25
CA THR C 299 21.81 -7.06 -24.00
C THR C 299 22.21 -8.04 -22.88
N CYS C 300 22.74 -7.53 -21.78
CA CYS C 300 22.98 -8.33 -20.60
C CYS C 300 22.09 -7.76 -19.46
N VAL C 301 22.03 -8.43 -18.30
CA VAL C 301 21.21 -7.98 -17.18
C VAL C 301 21.43 -6.52 -16.79
N LYS C 302 22.68 -6.03 -16.91
CA LYS C 302 22.98 -4.66 -16.52
C LYS C 302 22.37 -3.61 -17.43
N GLY C 303 22.52 -3.77 -18.74
CA GLY C 303 21.97 -2.81 -19.69
C GLY C 303 20.48 -2.99 -19.91
N LYS C 304 20.00 -4.24 -19.83
CA LYS C 304 18.58 -4.53 -20.05
C LYS C 304 17.74 -4.24 -18.82
N PHE C 305 18.25 -4.50 -17.62
CA PHE C 305 17.45 -4.32 -16.41
C PHE C 305 18.11 -3.63 -15.22
N GLY C 306 19.37 -3.21 -15.35
CA GLY C 306 20.08 -2.60 -14.22
C GLY C 306 20.06 -1.09 -14.14
N TRP C 307 18.93 -0.45 -14.52
CA TRP C 307 18.84 1.00 -14.52
C TRP C 307 18.14 1.60 -13.34
N ASP C 308 17.87 0.84 -12.29
CA ASP C 308 17.16 1.36 -11.11
C ASP C 308 17.87 2.52 -10.42
N PHE C 309 19.20 2.55 -10.46
CA PHE C 309 19.98 3.59 -9.79
C PHE C 309 19.62 5.00 -10.20
N VAL C 310 19.15 5.21 -11.44
CA VAL C 310 18.85 6.55 -11.92
C VAL C 310 17.74 7.21 -11.10
N ASN C 311 16.79 6.40 -10.61
CA ASN C 311 15.69 6.85 -9.78
C ASN C 311 15.91 6.53 -8.28
N SER C 312 17.11 6.10 -7.87
CA SER C 312 17.37 5.75 -6.48
C SER C 312 17.13 6.90 -5.55
N GLU C 313 16.45 6.66 -4.44
CA GLU C 313 16.21 7.67 -3.42
C GLU C 313 17.53 8.26 -2.87
N GLU C 314 18.64 7.53 -3.04
CA GLU C 314 19.97 7.94 -2.61
C GLU C 314 20.69 8.87 -3.59
N ARG C 315 20.07 9.18 -4.75
CA ARG C 315 20.65 10.07 -5.77
C ARG C 315 20.94 11.43 -5.15
N LEU C 316 22.10 12.01 -5.42
CA LEU C 316 22.44 13.32 -4.89
C LEU C 316 21.76 14.37 -5.75
N THR C 317 20.95 15.23 -5.13
CA THR C 317 20.22 16.29 -5.82
C THR C 317 20.65 17.71 -5.41
N LYS C 318 21.59 17.86 -4.47
CA LYS C 318 22.02 19.18 -4.03
C LYS C 318 23.48 19.11 -3.62
N PRO C 319 24.28 20.14 -3.98
CA PRO C 319 25.71 20.13 -3.60
C PRO C 319 25.91 20.06 -2.10
N LEU C 320 26.95 19.35 -1.66
CA LEU C 320 27.25 19.21 -0.25
C LEU C 320 28.56 19.85 0.11
N ILE C 321 28.57 20.75 1.09
CA ILE C 321 29.79 21.38 1.56
C ILE C 321 30.02 20.91 3.00
N ARG C 322 31.16 20.27 3.26
CA ARG C 322 31.50 19.80 4.58
C ARG C 322 31.46 20.91 5.65
N GLU C 323 30.69 20.68 6.72
CA GLU C 323 30.59 21.60 7.85
C GLU C 323 30.95 20.81 9.12
N GLY C 324 32.26 20.62 9.33
CA GLY C 324 32.76 19.88 10.48
C GLY C 324 32.59 18.39 10.36
N ASP C 325 31.81 17.79 11.27
CA ASP C 325 31.55 16.34 11.32
C ASP C 325 30.36 15.88 10.46
N HIS C 326 29.87 16.75 9.56
CA HIS C 326 28.74 16.44 8.70
C HIS C 326 28.80 17.21 7.37
N PHE C 327 27.93 16.88 6.43
CA PHE C 327 27.84 17.57 5.16
C PHE C 327 26.66 18.51 5.22
N ARG C 328 26.84 19.72 4.73
CA ARG C 328 25.78 20.71 4.71
C ARG C 328 25.26 20.79 3.29
N GLU C 329 23.93 20.75 3.10
CA GLU C 329 23.37 20.94 1.76
C GLU C 329 23.50 22.43 1.48
N ALA C 330 24.15 22.80 0.38
CA ALA C 330 24.39 24.20 0.05
C ALA C 330 24.00 24.55 -1.39
N GLU C 331 23.78 25.84 -1.68
CA GLU C 331 23.41 26.25 -3.03
C GLU C 331 24.54 26.04 -4.03
N TRP C 332 24.20 25.85 -5.32
CA TRP C 332 25.21 25.60 -6.34
C TRP C 332 26.24 26.72 -6.43
N GLU C 333 25.79 27.97 -6.26
CA GLU C 333 26.64 29.15 -6.30
C GLU C 333 27.73 29.12 -5.24
N GLU C 334 27.38 28.78 -3.99
CA GLU C 334 28.36 28.73 -2.90
C GLU C 334 29.36 27.58 -3.09
N ALA C 335 28.89 26.45 -3.62
CA ALA C 335 29.76 25.30 -3.87
C ALA C 335 30.75 25.62 -4.99
N LEU C 336 30.27 26.29 -6.06
CA LEU C 336 31.13 26.66 -7.18
C LEU C 336 32.10 27.77 -6.77
N LEU C 337 31.62 28.74 -5.98
CA LEU C 337 32.42 29.86 -5.48
C LEU C 337 33.52 29.36 -4.55
N LEU C 338 33.23 28.34 -3.72
CA LEU C 338 34.21 27.77 -2.81
C LEU C 338 35.26 26.99 -3.60
N ILE C 339 34.83 26.25 -4.64
CA ILE C 339 35.79 25.50 -5.46
C ILE C 339 36.70 26.47 -6.20
N ALA C 340 36.15 27.59 -6.71
CA ALA C 340 36.96 28.61 -7.38
C ALA C 340 37.92 29.31 -6.43
N SER C 341 37.48 29.61 -5.20
CA SER C 341 38.30 30.29 -4.21
C SER C 341 39.45 29.40 -3.70
N LYS C 342 39.17 28.11 -3.45
CA LYS C 342 40.19 27.20 -2.96
C LYS C 342 41.14 26.74 -4.05
N PHE C 343 40.64 26.53 -5.27
CA PHE C 343 41.49 26.12 -6.37
C PHE C 343 42.47 27.24 -6.72
N THR C 344 42.00 28.50 -6.71
CA THR C 344 42.86 29.66 -6.98
C THR C 344 43.89 29.85 -5.87
N GLU C 345 43.48 29.60 -4.60
CA GLU C 345 44.35 29.70 -3.43
C GLU C 345 45.55 28.73 -3.52
N LEU C 346 45.30 27.44 -3.82
CA LEU C 346 46.38 26.47 -3.93
C LEU C 346 47.21 26.65 -5.19
N LYS C 347 46.61 27.19 -6.26
CA LYS C 347 47.32 27.46 -7.50
C LYS C 347 48.30 28.64 -7.31
N GLU C 348 47.91 29.64 -6.51
CA GLU C 348 48.79 30.79 -6.26
C GLU C 348 49.89 30.45 -5.28
N ALA C 349 49.52 29.83 -4.14
CA ALA C 349 50.49 29.53 -3.10
C ALA C 349 51.39 28.32 -3.36
N PHE C 350 50.85 27.26 -3.97
CA PHE C 350 51.63 26.03 -4.19
C PHE C 350 51.89 25.68 -5.66
N GLY C 351 51.27 26.40 -6.58
CA GLY C 351 51.46 26.14 -8.01
C GLY C 351 50.31 25.36 -8.62
N PRO C 352 50.24 25.31 -9.96
CA PRO C 352 49.15 24.56 -10.60
C PRO C 352 49.28 23.05 -10.44
N ASP C 353 50.52 22.54 -10.37
CA ASP C 353 50.75 21.10 -10.21
C ASP C 353 50.35 20.54 -8.83
N SER C 354 49.93 21.40 -7.89
CA SER C 354 49.43 20.92 -6.59
C SER C 354 47.91 20.69 -6.68
N LEU C 355 47.41 20.30 -7.86
CA LEU C 355 46.00 20.09 -8.13
C LEU C 355 45.88 18.99 -9.18
N ALA C 356 45.31 17.86 -8.81
CA ALA C 356 45.10 16.76 -9.74
C ALA C 356 43.61 16.63 -10.13
N PHE C 357 43.34 16.06 -11.30
CA PHE C 357 42.00 15.95 -11.84
C PHE C 357 41.73 14.56 -12.38
N ILE C 358 40.66 13.92 -11.91
CA ILE C 358 40.29 12.58 -12.36
C ILE C 358 38.99 12.58 -13.19
N THR C 359 39.12 12.12 -14.42
CA THR C 359 38.02 11.98 -15.35
C THR C 359 37.34 10.62 -15.11
N SER C 360 36.05 10.55 -15.41
CA SER C 360 35.30 9.32 -15.27
C SER C 360 35.10 8.67 -16.62
N SER C 361 35.41 7.37 -16.71
CA SER C 361 35.11 6.60 -17.90
C SER C 361 33.60 6.20 -17.95
N LYS C 362 32.81 6.59 -16.95
CA LYS C 362 31.36 6.41 -16.94
C LYS C 362 30.74 7.61 -17.72
N CYS C 363 31.37 8.80 -17.63
CA CYS C 363 30.96 10.04 -18.28
C CYS C 363 31.29 10.07 -19.78
N THR C 364 30.79 11.10 -20.52
CA THR C 364 30.95 11.19 -21.98
C THR C 364 32.34 11.72 -22.44
N ASN C 365 32.64 11.64 -23.76
CA ASN C 365 33.85 12.10 -24.42
C ASN C 365 34.05 13.59 -24.20
N GLU C 366 32.96 14.37 -24.29
CA GLU C 366 32.99 15.81 -24.09
C GLU C 366 33.31 16.17 -22.65
N GLU C 367 32.85 15.36 -21.69
CA GLU C 367 33.10 15.57 -20.26
C GLU C 367 34.56 15.27 -19.92
N SER C 368 35.17 14.28 -20.61
CA SER C 368 36.58 13.96 -20.45
C SER C 368 37.39 15.15 -21.00
N TYR C 369 37.02 15.64 -22.19
CA TYR C 369 37.65 16.77 -22.87
C TYR C 369 37.61 18.04 -22.02
N LEU C 370 36.48 18.30 -21.35
CA LEU C 370 36.38 19.51 -20.53
C LEU C 370 37.19 19.38 -19.24
N MET C 371 37.31 18.17 -18.68
CA MET C 371 38.07 17.96 -17.44
C MET C 371 39.55 18.22 -17.69
N GLN C 372 40.07 17.78 -18.85
CA GLN C 372 41.46 18.04 -19.21
C GLN C 372 41.66 19.50 -19.68
N LYS C 373 40.63 20.12 -20.28
CA LYS C 373 40.72 21.52 -20.66
C LYS C 373 40.77 22.39 -19.38
N LEU C 374 40.08 21.96 -18.31
CA LEU C 374 40.11 22.65 -17.03
C LEU C 374 41.49 22.48 -16.42
N ALA C 375 42.02 21.25 -16.38
CA ALA C 375 43.32 21.00 -15.81
C ALA C 375 44.46 21.70 -16.52
N ARG C 376 44.53 21.63 -17.86
CA ARG C 376 45.62 22.22 -18.64
C ARG C 376 45.40 23.68 -19.02
N GLY C 377 44.24 24.00 -19.55
CA GLY C 377 43.95 25.36 -20.01
C GLY C 377 43.55 26.33 -18.94
N VAL C 378 42.94 25.85 -17.84
CA VAL C 378 42.47 26.75 -16.79
C VAL C 378 43.41 26.77 -15.56
N ILE C 379 43.66 25.61 -14.97
CA ILE C 379 44.53 25.49 -13.81
C ILE C 379 46.00 25.61 -14.21
N GLY C 380 46.36 24.98 -15.33
CA GLY C 380 47.72 25.04 -15.85
C GLY C 380 48.59 23.86 -15.49
N THR C 381 47.97 22.69 -15.24
CA THR C 381 48.70 21.47 -14.88
C THR C 381 48.34 20.27 -15.77
N ASN C 382 49.26 19.31 -15.91
CA ASN C 382 49.00 18.11 -16.70
C ASN C 382 48.57 16.93 -15.83
N ASN C 383 48.13 17.18 -14.59
CA ASN C 383 47.71 16.17 -13.63
C ASN C 383 46.32 15.55 -13.92
N VAL C 384 46.07 15.12 -15.15
CA VAL C 384 44.80 14.48 -15.51
C VAL C 384 44.97 13.00 -15.69
N ASP C 385 43.93 12.22 -15.38
CA ASP C 385 43.92 10.78 -15.60
C ASP C 385 42.54 10.18 -15.43
N ASN C 386 42.35 8.95 -15.89
CA ASN C 386 41.08 8.25 -15.72
C ASN C 386 41.35 6.81 -15.26
N CYS C 387 40.27 6.06 -14.93
CA CYS C 387 40.38 4.67 -14.47
C CYS C 387 41.03 3.72 -15.48
N SER C 388 41.47 4.20 -16.65
CA SER C 388 42.22 3.38 -17.58
C SER C 388 43.59 3.02 -16.95
N ARG C 389 44.08 3.85 -15.97
CA ARG C 389 45.33 3.67 -15.25
C ARG C 389 45.34 2.34 -14.54
N TYR C 390 44.24 1.97 -13.86
CA TYR C 390 44.09 0.67 -13.19
C TYR C 390 43.68 -0.45 -14.16
N CYS C 391 43.56 -0.14 -15.43
CA CYS C 391 42.90 -0.97 -16.38
C CYS C 391 43.75 -1.41 -17.59
N GLN C 392 43.36 -1.10 -18.83
CA GLN C 392 44.10 -1.55 -19.99
C GLN C 392 45.14 -0.51 -20.45
N SER C 393 45.67 0.28 -19.50
CA SER C 393 46.80 1.18 -19.77
C SER C 393 48.03 0.35 -20.22
N PRO C 394 48.34 -0.83 -19.61
CA PRO C 394 49.43 -1.66 -20.14
C PRO C 394 49.12 -2.21 -21.54
N ALA C 395 47.84 -2.47 -21.83
CA ALA C 395 47.41 -2.96 -23.14
C ALA C 395 47.61 -1.89 -24.21
N THR C 396 47.34 -0.61 -23.88
CA THR C 396 47.60 0.47 -24.84
C THR C 396 49.08 0.71 -24.96
N ALA C 397 49.87 0.54 -23.88
CA ALA C 397 51.32 0.66 -23.96
C ALA C 397 51.87 -0.41 -24.92
N GLY C 398 51.34 -1.64 -24.82
CA GLY C 398 51.70 -2.75 -25.69
C GLY C 398 51.38 -2.48 -27.16
N LEU C 399 50.21 -1.91 -27.43
CA LEU C 399 49.82 -1.59 -28.80
C LEU C 399 50.59 -0.40 -29.34
N PHE C 400 50.92 0.58 -28.48
CA PHE C 400 51.69 1.75 -28.93
C PHE C 400 53.11 1.35 -29.35
N ARG C 401 53.71 0.39 -28.63
CA ARG C 401 55.04 -0.15 -28.88
C ARG C 401 55.12 -0.96 -30.15
N THR C 402 54.01 -1.62 -30.54
CA THR C 402 54.02 -2.54 -31.67
C THR C 402 53.22 -2.10 -32.91
N VAL C 403 51.94 -1.69 -32.76
CA VAL C 403 51.13 -1.31 -33.93
C VAL C 403 50.78 0.17 -34.01
N GLY C 404 51.08 0.96 -32.98
CA GLY C 404 50.89 2.41 -33.02
C GLY C 404 49.55 3.06 -32.77
N TYR C 405 48.47 2.29 -32.53
CA TYR C 405 47.16 2.88 -32.23
C TYR C 405 46.68 2.36 -30.90
N GLY C 406 46.20 3.25 -30.03
CA GLY C 406 45.74 2.84 -28.70
C GLY C 406 44.32 2.30 -28.65
N GLY C 407 44.02 1.33 -29.50
CA GLY C 407 42.70 0.74 -29.56
C GLY C 407 42.70 -0.65 -30.14
N ASP C 408 41.55 -1.33 -30.06
CA ASP C 408 41.40 -2.68 -30.62
C ASP C 408 41.60 -2.64 -32.13
N SER C 409 42.05 -3.74 -32.69
CA SER C 409 42.34 -3.82 -34.11
C SER C 409 41.13 -3.73 -35.01
N GLY C 410 39.99 -4.25 -34.56
CA GLY C 410 38.78 -4.25 -35.37
C GLY C 410 37.50 -4.13 -34.60
N SER C 411 36.42 -4.67 -35.17
CA SER C 411 35.09 -4.63 -34.58
C SER C 411 34.71 -5.97 -33.89
N ILE C 412 33.56 -5.99 -33.17
CA ILE C 412 33.01 -7.21 -32.59
C ILE C 412 32.65 -8.20 -33.72
N THR C 413 32.29 -7.69 -34.91
CA THR C 413 31.98 -8.48 -36.10
C THR C 413 33.19 -9.28 -36.56
N ASP C 414 34.41 -8.74 -36.38
CA ASP C 414 35.65 -9.44 -36.73
C ASP C 414 35.89 -10.57 -35.72
N ILE C 415 35.53 -10.37 -34.45
CA ILE C 415 35.67 -11.40 -33.44
C ILE C 415 34.76 -12.59 -33.75
N ALA C 416 33.50 -12.34 -34.16
CA ALA C 416 32.56 -13.41 -34.51
C ALA C 416 32.92 -14.15 -35.82
N GLN C 417 33.82 -13.55 -36.64
CA GLN C 417 34.31 -14.05 -37.92
C GLN C 417 35.60 -14.88 -37.78
N ALA C 418 36.39 -14.62 -36.73
CA ALA C 418 37.67 -15.26 -36.48
C ALA C 418 37.66 -16.77 -36.62
N ASP C 419 38.77 -17.34 -37.07
CA ASP C 419 38.92 -18.79 -37.11
C ASP C 419 39.26 -19.24 -35.68
N LEU C 420 40.13 -18.48 -35.00
CA LEU C 420 40.50 -18.77 -33.61
C LEU C 420 40.38 -17.52 -32.77
N VAL C 421 39.92 -17.69 -31.53
CA VAL C 421 39.87 -16.62 -30.56
C VAL C 421 40.69 -17.05 -29.34
N LEU C 422 41.81 -16.35 -29.13
CA LEU C 422 42.67 -16.63 -28.00
C LEU C 422 42.23 -15.67 -26.90
N ILE C 423 41.79 -16.20 -25.76
CA ILE C 423 41.31 -15.38 -24.65
C ILE C 423 42.29 -15.51 -23.52
N ILE C 424 43.02 -14.44 -23.18
CA ILE C 424 44.00 -14.52 -22.09
C ILE C 424 43.60 -13.60 -20.91
N GLY C 425 43.33 -14.18 -19.75
CA GLY C 425 42.98 -13.41 -18.56
C GLY C 425 41.79 -12.49 -18.76
N SER C 426 40.68 -13.05 -19.23
CA SER C 426 39.50 -12.27 -19.52
C SER C 426 38.24 -13.09 -19.25
N ASN C 427 37.42 -12.67 -18.27
CA ASN C 427 36.15 -13.35 -18.01
C ASN C 427 35.20 -12.71 -18.99
N THR C 428 35.33 -13.09 -20.28
CA THR C 428 34.65 -12.47 -21.41
C THR C 428 33.13 -12.54 -21.37
N SER C 429 32.51 -13.60 -20.82
CA SER C 429 31.05 -13.68 -20.80
C SER C 429 30.41 -12.94 -19.63
N GLU C 430 31.21 -12.56 -18.62
CA GLU C 430 30.73 -11.84 -17.45
C GLU C 430 31.15 -10.37 -17.49
N SER C 431 32.29 -10.05 -18.12
CA SER C 431 32.76 -8.69 -18.21
C SER C 431 32.39 -8.03 -19.52
N HIS C 432 32.34 -8.78 -20.61
CA HIS C 432 31.91 -8.22 -21.91
C HIS C 432 30.85 -9.17 -22.49
N PRO C 433 29.69 -9.33 -21.78
CA PRO C 433 28.73 -10.37 -22.14
C PRO C 433 28.25 -10.40 -23.57
N VAL C 434 27.85 -9.25 -24.12
CA VAL C 434 27.35 -9.21 -25.48
C VAL C 434 28.49 -9.51 -26.49
N LEU C 435 29.73 -9.13 -26.18
CA LEU C 435 30.89 -9.46 -27.03
C LEU C 435 31.14 -10.98 -27.00
N SER C 436 30.93 -11.61 -25.84
CA SER C 436 31.11 -13.05 -25.67
C SER C 436 30.04 -13.84 -26.38
N THR C 437 28.82 -13.29 -26.52
CA THR C 437 27.75 -14.01 -27.24
C THR C 437 28.14 -14.28 -28.69
N ARG C 438 29.02 -13.44 -29.26
CA ARG C 438 29.48 -13.56 -30.63
C ARG C 438 30.50 -14.69 -30.75
N ILE C 439 31.37 -14.85 -29.72
CA ILE C 439 32.37 -15.91 -29.64
C ILE C 439 31.67 -17.23 -29.37
N LYS C 440 30.79 -17.29 -28.35
CA LYS C 440 30.03 -18.48 -27.99
C LYS C 440 29.21 -18.99 -29.17
N ARG C 441 28.53 -18.09 -29.91
CA ARG C 441 27.74 -18.51 -31.08
C ARG C 441 28.66 -19.03 -32.19
N ALA C 442 29.79 -18.34 -32.43
CA ALA C 442 30.73 -18.76 -33.45
C ALA C 442 31.33 -20.12 -33.14
N HIS C 443 31.64 -20.37 -31.87
CA HIS C 443 32.21 -21.64 -31.46
C HIS C 443 31.14 -22.73 -31.50
N LYS C 444 29.96 -22.44 -30.96
CA LYS C 444 28.84 -23.38 -30.88
C LYS C 444 28.27 -23.78 -32.24
N LEU C 445 28.19 -22.83 -33.18
CA LEU C 445 27.56 -23.09 -34.48
C LEU C 445 28.51 -23.06 -35.70
N ARG C 446 29.42 -22.09 -35.79
CA ARG C 446 30.36 -22.00 -36.91
C ARG C 446 31.63 -22.85 -36.71
N GLY C 447 31.82 -23.43 -35.53
CA GLY C 447 32.97 -24.26 -35.22
C GLY C 447 34.26 -23.48 -35.01
N GLN C 448 34.15 -22.25 -34.53
CA GLN C 448 35.30 -21.39 -34.25
C GLN C 448 36.11 -21.99 -33.12
N LYS C 449 37.43 -21.97 -33.24
CA LYS C 449 38.30 -22.49 -32.21
C LYS C 449 38.45 -21.44 -31.13
N VAL C 450 38.33 -21.84 -29.86
CA VAL C 450 38.46 -20.91 -28.75
C VAL C 450 39.49 -21.44 -27.78
N ILE C 451 40.57 -20.69 -27.56
CA ILE C 451 41.60 -21.10 -26.60
C ILE C 451 41.45 -20.18 -25.40
N VAL C 452 41.36 -20.74 -24.17
CA VAL C 452 41.23 -19.91 -22.98
C VAL C 452 42.39 -20.15 -22.02
N ALA C 453 43.14 -19.09 -21.72
CA ALA C 453 44.23 -19.16 -20.78
C ALA C 453 43.78 -18.41 -19.54
N ASP C 454 43.50 -19.12 -18.43
CA ASP C 454 43.01 -18.48 -17.22
C ASP C 454 43.25 -19.34 -15.99
N ILE C 455 43.24 -18.72 -14.81
CA ILE C 455 43.41 -19.44 -13.55
C ILE C 455 42.03 -19.86 -12.94
N ARG C 456 40.91 -19.27 -13.41
CA ARG C 456 39.56 -19.57 -12.93
C ARG C 456 38.66 -20.13 -14.05
N LYS C 457 38.01 -21.25 -13.79
CA LYS C 457 37.15 -21.89 -14.78
C LYS C 457 35.79 -21.17 -14.90
N HIS C 458 35.73 -20.15 -15.74
CA HIS C 458 34.50 -19.37 -15.97
C HIS C 458 33.73 -19.90 -17.22
N GLU C 459 32.62 -19.27 -17.66
CA GLU C 459 31.87 -19.76 -18.82
C GLU C 459 32.74 -19.97 -20.07
N MET C 460 33.60 -19.01 -20.37
CA MET C 460 34.46 -19.11 -21.53
C MET C 460 35.43 -20.27 -21.42
N ALA C 461 35.94 -20.54 -20.21
CA ALA C 461 36.83 -21.68 -19.98
C ALA C 461 36.06 -22.99 -20.16
N GLU C 462 34.83 -23.06 -19.60
CA GLU C 462 33.97 -24.23 -19.70
C GLU C 462 33.58 -24.52 -21.17
N ARG C 463 33.42 -23.47 -21.98
CA ARG C 463 33.02 -23.65 -23.38
C ARG C 463 34.19 -23.67 -24.37
N SER C 464 35.42 -23.43 -23.90
CA SER C 464 36.57 -23.37 -24.79
C SER C 464 36.95 -24.71 -25.37
N ASP C 465 37.57 -24.68 -26.55
CA ASP C 465 38.10 -25.84 -27.24
C ASP C 465 39.33 -26.34 -26.48
N LEU C 466 40.15 -25.42 -25.94
CA LEU C 466 41.33 -25.76 -25.15
C LEU C 466 41.46 -24.81 -23.95
N PHE C 467 41.30 -25.35 -22.72
CA PHE C 467 41.44 -24.52 -21.52
C PHE C 467 42.76 -24.80 -20.81
N VAL C 468 43.73 -23.89 -20.96
CA VAL C 468 45.01 -24.02 -20.27
C VAL C 468 44.97 -23.16 -19.00
N GLN C 469 45.64 -23.62 -17.92
CA GLN C 469 45.63 -22.88 -16.66
C GLN C 469 47.04 -22.50 -16.21
N PRO C 470 47.61 -21.41 -16.76
CA PRO C 470 48.97 -21.02 -16.35
C PRO C 470 49.01 -20.40 -14.96
N ARG C 471 50.18 -20.41 -14.31
CA ARG C 471 50.32 -19.81 -12.98
C ARG C 471 50.17 -18.28 -13.12
N ALA C 472 49.59 -17.62 -12.10
CA ALA C 472 49.40 -16.17 -12.13
C ALA C 472 50.69 -15.38 -12.45
N GLY C 473 50.67 -14.58 -13.52
CA GLY C 473 51.82 -13.78 -13.90
C GLY C 473 52.78 -14.43 -14.86
N SER C 474 52.60 -15.73 -15.15
CA SER C 474 53.48 -16.44 -16.07
C SER C 474 53.03 -16.38 -17.54
N ASP C 475 52.00 -15.59 -17.86
CA ASP C 475 51.46 -15.53 -19.21
C ASP C 475 52.46 -15.17 -20.29
N ILE C 476 53.38 -14.22 -20.02
CA ILE C 476 54.37 -13.82 -21.02
C ILE C 476 55.34 -14.96 -21.34
N VAL C 477 55.62 -15.84 -20.36
CA VAL C 477 56.51 -16.99 -20.54
C VAL C 477 55.99 -17.95 -21.62
N TRP C 478 54.68 -18.30 -21.58
CA TRP C 478 54.13 -19.19 -22.59
C TRP C 478 53.90 -18.45 -23.91
N LEU C 479 53.57 -17.15 -23.86
CA LEU C 479 53.34 -16.37 -25.07
C LEU C 479 54.62 -16.27 -25.88
N ASN C 480 55.74 -15.99 -25.21
CA ASN C 480 57.04 -15.91 -25.87
C ASN C 480 57.45 -17.27 -26.45
N ALA C 481 57.15 -18.36 -25.72
CA ALA C 481 57.44 -19.71 -26.17
C ALA C 481 56.63 -20.10 -27.41
N ILE C 482 55.36 -19.68 -27.52
CA ILE C 482 54.55 -19.97 -28.72
C ILE C 482 55.20 -19.30 -29.95
N ALA C 483 55.67 -18.06 -29.78
CA ALA C 483 56.31 -17.32 -30.83
C ALA C 483 57.65 -17.95 -31.23
N LYS C 484 58.46 -18.37 -30.24
CA LYS C 484 59.74 -19.01 -30.52
C LYS C 484 59.56 -20.32 -31.30
N TYR C 485 58.61 -21.17 -30.88
CA TYR C 485 58.30 -22.43 -31.56
C TYR C 485 57.80 -22.19 -32.98
N LEU C 486 56.89 -21.23 -33.17
CA LEU C 486 56.33 -20.97 -34.49
C LEU C 486 57.36 -20.38 -35.45
N ILE C 487 58.25 -19.53 -34.94
CA ILE C 487 59.29 -18.91 -35.75
C ILE C 487 60.32 -19.96 -36.17
N GLU C 488 60.80 -20.76 -35.19
CA GLU C 488 61.81 -21.78 -35.45
C GLU C 488 61.28 -22.98 -36.23
N ASN C 489 60.01 -23.36 -36.05
CA ASN C 489 59.43 -24.46 -36.84
C ASN C 489 59.00 -24.05 -38.25
N GLY C 490 59.29 -22.81 -38.66
CA GLY C 490 58.97 -22.28 -39.97
C GLY C 490 57.50 -21.97 -40.21
N LYS C 491 56.68 -22.04 -39.14
CA LYS C 491 55.25 -21.81 -39.27
C LYS C 491 54.81 -20.34 -39.09
N ALA C 492 55.78 -19.40 -38.99
CA ALA C 492 55.45 -17.98 -38.86
C ALA C 492 55.16 -17.40 -40.22
N ASP C 493 54.31 -16.35 -40.28
CA ASP C 493 53.95 -15.67 -41.52
C ASP C 493 55.14 -14.81 -41.92
N GLU C 494 56.05 -15.40 -42.68
CA GLU C 494 57.25 -14.70 -43.10
C GLU C 494 57.01 -13.66 -44.15
N ARG C 495 55.97 -13.82 -44.99
CA ARG C 495 55.60 -12.83 -46.00
C ARG C 495 55.14 -11.53 -45.32
N PHE C 496 54.39 -11.66 -44.21
CA PHE C 496 53.91 -10.52 -43.43
C PHE C 496 55.08 -9.87 -42.69
N LEU C 497 55.80 -10.65 -41.86
CA LEU C 497 56.94 -10.15 -41.09
C LEU C 497 57.97 -9.40 -41.95
N ARG C 498 58.07 -9.79 -43.23
CA ARG C 498 58.99 -9.24 -44.20
C ARG C 498 58.67 -7.76 -44.49
N GLU C 499 57.61 -7.50 -45.28
CA GLU C 499 57.24 -6.17 -45.73
C GLU C 499 56.49 -5.33 -44.73
N ARG C 500 56.01 -5.91 -43.61
CA ARG C 500 55.21 -5.13 -42.66
C ARG C 500 55.78 -5.01 -41.26
N VAL C 501 56.85 -5.72 -40.92
CA VAL C 501 57.36 -5.67 -39.53
C VAL C 501 58.86 -5.28 -39.45
N ASN C 502 59.28 -4.74 -38.29
CA ASN C 502 60.64 -4.30 -37.98
C ASN C 502 61.13 -4.94 -36.67
N GLY C 503 62.44 -4.98 -36.49
CA GLY C 503 63.06 -5.53 -35.28
C GLY C 503 62.91 -7.03 -35.11
N ARG C 504 62.89 -7.78 -36.23
CA ARG C 504 62.73 -9.24 -36.20
C ARG C 504 63.90 -10.01 -35.55
N ASP C 505 65.15 -9.77 -35.96
CA ASP C 505 66.29 -10.49 -35.41
C ASP C 505 66.51 -10.21 -33.91
N GLU C 506 66.31 -8.94 -33.49
CA GLU C 506 66.41 -8.57 -32.07
C GLU C 506 65.30 -9.25 -31.26
N TYR C 507 64.13 -9.46 -31.90
CA TYR C 507 62.99 -10.13 -31.30
C TYR C 507 63.30 -11.62 -31.09
N VAL C 508 63.83 -12.31 -32.11
CA VAL C 508 64.17 -13.73 -31.98
C VAL C 508 65.29 -13.96 -30.94
N LYS C 509 66.17 -12.95 -30.76
CA LYS C 509 67.23 -13.01 -29.76
C LYS C 509 66.63 -12.96 -28.35
N SER C 510 65.59 -12.13 -28.15
CA SER C 510 64.91 -12.03 -26.86
C SER C 510 64.06 -13.26 -26.54
N LEU C 511 63.66 -14.05 -27.55
CA LEU C 511 62.88 -15.27 -27.33
C LEU C 511 63.74 -16.46 -26.85
N ALA C 512 65.09 -16.34 -26.92
CA ALA C 512 66.06 -17.36 -26.52
C ALA C 512 65.72 -18.14 -25.26
N PRO C 513 65.41 -17.52 -24.09
CA PRO C 513 65.16 -18.33 -22.89
C PRO C 513 63.84 -19.07 -22.88
N TYR C 514 62.89 -18.66 -23.71
CA TYR C 514 61.55 -19.21 -23.68
C TYR C 514 61.39 -20.44 -24.55
N THR C 515 62.02 -21.53 -24.09
CA THR C 515 61.93 -22.84 -24.70
C THR C 515 60.75 -23.60 -24.08
N LEU C 516 60.23 -24.62 -24.76
CA LEU C 516 59.10 -25.42 -24.25
C LEU C 516 59.34 -25.95 -22.85
N GLU C 517 60.60 -26.27 -22.53
CA GLU C 517 60.97 -26.77 -21.20
C GLU C 517 60.80 -25.67 -20.14
N TYR C 518 61.26 -24.45 -20.45
CA TYR C 518 61.17 -23.29 -19.57
C TYR C 518 59.73 -22.91 -19.37
N ALA C 519 58.93 -22.90 -20.46
CA ALA C 519 57.51 -22.58 -20.39
C ALA C 519 56.78 -23.62 -19.53
N GLU C 520 57.04 -24.92 -19.73
CA GLU C 520 56.42 -25.96 -18.92
C GLU C 520 56.80 -25.83 -17.44
N GLU C 521 58.02 -25.37 -17.17
CA GLU C 521 58.53 -25.19 -15.82
C GLU C 521 57.93 -23.96 -15.11
N LYS C 522 57.87 -22.82 -15.80
CA LYS C 522 57.37 -21.59 -15.20
C LYS C 522 55.85 -21.44 -15.21
N THR C 523 55.19 -21.75 -16.32
CA THR C 523 53.75 -21.63 -16.44
C THR C 523 53.01 -22.80 -15.84
N GLY C 524 53.56 -24.00 -15.98
CA GLY C 524 52.90 -25.21 -15.53
C GLY C 524 52.11 -25.90 -16.63
N ILE C 525 52.04 -25.30 -17.82
CA ILE C 525 51.34 -25.88 -18.95
C ILE C 525 52.31 -26.84 -19.58
N ASP C 526 51.95 -28.12 -19.74
CA ASP C 526 52.88 -29.10 -20.33
C ASP C 526 53.29 -28.76 -21.78
N GLN C 527 54.46 -29.27 -22.19
CA GLN C 527 54.99 -28.99 -23.52
C GLN C 527 54.08 -29.50 -24.63
N GLU C 528 53.45 -30.65 -24.44
CA GLU C 528 52.53 -31.26 -25.40
C GLU C 528 51.33 -30.35 -25.70
N THR C 529 50.68 -29.80 -24.67
CA THR C 529 49.57 -28.88 -24.88
C THR C 529 50.07 -27.56 -25.43
N LEU C 530 51.29 -27.11 -25.05
CA LEU C 530 51.90 -25.90 -25.61
C LEU C 530 52.06 -26.06 -27.12
N ILE C 531 52.38 -27.28 -27.61
CA ILE C 531 52.49 -27.55 -29.04
C ILE C 531 51.12 -27.37 -29.68
N GLN C 532 50.07 -27.92 -29.03
CA GLN C 532 48.70 -27.81 -29.51
C GLN C 532 48.25 -26.36 -29.63
N MET C 533 48.56 -25.51 -28.63
CA MET C 533 48.24 -24.09 -28.65
C MET C 533 48.91 -23.42 -29.82
N ALA C 534 50.22 -23.65 -30.01
CA ALA C 534 50.99 -23.05 -31.09
C ALA C 534 50.52 -23.52 -32.47
N GLU C 535 50.13 -24.80 -32.59
CA GLU C 535 49.63 -25.38 -33.84
C GLU C 535 48.27 -24.77 -34.18
N MET C 536 47.39 -24.65 -33.19
CA MET C 536 46.08 -24.05 -33.40
C MET C 536 46.22 -22.59 -33.81
N ILE C 537 47.06 -21.83 -33.09
CA ILE C 537 47.32 -20.43 -33.37
C ILE C 537 47.90 -20.23 -34.76
N GLY C 538 48.89 -21.05 -35.11
CA GLY C 538 49.57 -20.97 -36.40
C GLY C 538 48.74 -21.39 -37.60
N GLN C 539 48.01 -22.51 -37.48
CA GLN C 539 47.17 -23.06 -38.55
C GLN C 539 45.88 -22.28 -38.80
N ALA C 540 45.44 -21.48 -37.81
CA ALA C 540 44.24 -20.68 -37.99
C ALA C 540 44.58 -19.54 -38.92
N ASP C 541 43.72 -19.35 -39.90
CA ASP C 541 43.88 -18.32 -40.92
C ASP C 541 43.71 -16.92 -40.31
N SER C 542 42.75 -16.78 -39.36
CA SER C 542 42.48 -15.53 -38.69
C SER C 542 42.37 -15.74 -37.18
N VAL C 543 43.21 -15.06 -36.41
CA VAL C 543 43.25 -15.19 -34.95
C VAL C 543 43.01 -13.86 -34.25
N CYS C 544 42.00 -13.81 -33.37
CA CYS C 544 41.72 -12.63 -32.60
C CYS C 544 42.21 -12.90 -31.19
N ALA C 545 43.09 -12.04 -30.66
CA ALA C 545 43.60 -12.26 -29.31
C ALA C 545 42.96 -11.26 -28.34
N LEU C 546 42.04 -11.74 -27.52
CA LEU C 546 41.32 -10.93 -26.55
C LEU C 546 41.95 -11.08 -25.19
N TRP C 547 42.50 -10.00 -24.64
CA TRP C 547 43.05 -10.05 -23.29
C TRP C 547 42.41 -8.98 -22.41
N ALA C 548 42.45 -9.20 -21.11
CA ALA C 548 41.85 -8.25 -20.17
C ALA C 548 42.70 -8.15 -18.82
N MET C 549 42.12 -7.95 -17.62
CA MET C 549 42.83 -7.68 -16.39
C MET C 549 43.65 -8.81 -15.82
N GLY C 550 43.40 -10.03 -16.27
CA GLY C 550 44.25 -11.15 -15.89
C GLY C 550 45.66 -10.98 -16.46
N VAL C 551 45.78 -10.30 -17.61
CA VAL C 551 47.08 -10.01 -18.25
C VAL C 551 47.71 -8.70 -17.73
N THR C 552 46.95 -7.59 -17.77
CA THR C 552 47.45 -6.26 -17.48
C THR C 552 47.61 -5.87 -16.01
N GLN C 553 46.81 -6.43 -15.08
CA GLN C 553 46.95 -6.06 -13.67
C GLN C 553 48.06 -6.84 -12.99
N HIS C 554 49.29 -6.61 -13.47
CA HIS C 554 50.52 -7.25 -13.06
C HIS C 554 51.71 -6.26 -13.21
N ILE C 555 52.87 -6.61 -12.61
CA ILE C 555 54.10 -5.81 -12.72
C ILE C 555 54.65 -5.86 -14.17
N GLY C 556 54.45 -7.00 -14.84
CA GLY C 556 54.85 -7.16 -16.23
C GLY C 556 53.67 -7.10 -17.19
N GLY C 557 52.61 -6.40 -16.79
CA GLY C 557 51.37 -6.27 -17.55
C GLY C 557 51.57 -5.62 -18.91
N SER C 558 52.40 -4.56 -18.98
CA SER C 558 52.68 -3.88 -20.25
C SER C 558 53.44 -4.81 -21.17
N ASP C 559 54.41 -5.56 -20.62
CA ASP C 559 55.20 -6.49 -21.40
C ASP C 559 54.38 -7.68 -21.90
N THR C 560 53.53 -8.29 -21.04
CA THR C 560 52.69 -9.41 -21.47
C THR C 560 51.72 -8.97 -22.57
N SER C 561 51.21 -7.73 -22.49
CA SER C 561 50.34 -7.20 -23.52
C SER C 561 51.13 -7.06 -24.83
N THR C 562 52.39 -6.59 -24.74
CA THR C 562 53.28 -6.44 -25.90
C THR C 562 53.56 -7.80 -26.54
N ALA C 563 53.70 -8.85 -25.72
CA ALA C 563 53.93 -10.21 -26.18
C ALA C 563 52.76 -10.73 -27.01
N ILE C 564 51.52 -10.35 -26.66
CA ILE C 564 50.35 -10.78 -27.42
C ILE C 564 50.35 -10.14 -28.81
N SER C 565 50.68 -8.84 -28.87
CA SER C 565 50.76 -8.10 -30.12
C SER C 565 51.92 -8.65 -30.98
N ASN C 566 53.04 -9.01 -30.34
CA ASN C 566 54.19 -9.58 -31.01
C ASN C 566 53.81 -10.92 -31.61
N LEU C 567 53.09 -11.79 -30.87
CA LEU C 567 52.64 -13.08 -31.37
C LEU C 567 51.75 -12.90 -32.59
N LEU C 568 50.80 -11.95 -32.53
CA LEU C 568 49.92 -11.67 -33.66
C LEU C 568 50.70 -11.18 -34.87
N LEU C 569 51.79 -10.42 -34.66
CA LEU C 569 52.62 -9.95 -35.76
C LEU C 569 53.27 -11.16 -36.44
N VAL C 570 53.92 -12.04 -35.64
CA VAL C 570 54.54 -13.28 -36.09
C VAL C 570 53.60 -14.12 -36.98
N THR C 571 52.36 -14.43 -36.49
CA THR C 571 51.39 -15.25 -37.22
C THR C 571 50.63 -14.48 -38.33
N GLY C 572 50.93 -13.19 -38.51
CA GLY C 572 50.34 -12.37 -39.54
C GLY C 572 48.88 -12.03 -39.35
N ASN C 573 48.45 -11.94 -38.08
CA ASN C 573 47.08 -11.63 -37.73
C ASN C 573 46.85 -10.15 -37.39
N TYR C 574 46.96 -9.29 -38.42
CA TYR C 574 46.76 -7.84 -38.41
C TYR C 574 46.34 -7.38 -39.80
N GLY C 575 45.66 -6.25 -39.88
CA GLY C 575 45.22 -5.66 -41.14
C GLY C 575 44.32 -6.51 -42.01
N LYS C 576 43.68 -7.54 -41.44
CA LYS C 576 42.77 -8.39 -42.18
C LYS C 576 41.54 -8.73 -41.32
N PRO C 577 40.36 -8.88 -41.97
CA PRO C 577 39.15 -9.19 -41.21
C PRO C 577 39.19 -10.54 -40.48
N GLY C 578 38.66 -10.57 -39.26
CA GLY C 578 38.64 -11.76 -38.44
C GLY C 578 39.87 -11.95 -37.57
N ALA C 579 40.83 -11.01 -37.63
CA ALA C 579 42.07 -11.13 -36.85
C ALA C 579 42.46 -9.81 -36.18
N GLY C 580 43.28 -9.87 -35.13
CA GLY C 580 43.78 -8.67 -34.49
C GLY C 580 43.93 -8.76 -32.99
N SER C 581 44.42 -7.67 -32.39
CA SER C 581 44.59 -7.56 -30.95
C SER C 581 43.36 -6.91 -30.37
N TYR C 582 42.75 -7.53 -29.37
CA TYR C 582 41.55 -7.01 -28.75
C TYR C 582 41.65 -6.91 -27.24
N PRO C 583 42.38 -5.91 -26.72
CA PRO C 583 42.36 -5.71 -25.25
C PRO C 583 40.96 -5.16 -24.95
N LEU C 584 40.15 -5.95 -24.24
CA LEU C 584 38.76 -5.58 -24.00
C LEU C 584 38.61 -4.40 -23.05
N ARG C 585 38.21 -3.26 -23.63
CA ARG C 585 38.04 -1.98 -22.93
C ARG C 585 37.00 -2.06 -21.82
N GLY C 586 37.43 -1.71 -20.62
CA GLY C 586 36.66 -1.80 -19.40
C GLY C 586 35.30 -1.12 -19.36
N HIS C 587 35.28 0.13 -18.86
CA HIS C 587 34.07 0.94 -18.71
C HIS C 587 33.38 1.25 -20.04
N ASN C 588 32.14 1.72 -19.97
CA ASN C 588 31.32 2.14 -21.10
C ASN C 588 32.04 3.15 -21.97
N ASN C 589 32.83 4.03 -21.36
CA ASN C 589 33.54 5.04 -22.08
C ASN C 589 34.96 5.20 -21.57
N VAL C 590 35.70 4.08 -21.42
CA VAL C 590 37.10 4.19 -21.04
C VAL C 590 37.93 4.57 -22.27
N GLN C 591 37.58 3.99 -23.44
CA GLN C 591 38.21 4.25 -24.72
C GLN C 591 38.05 5.74 -25.06
N GLY C 592 36.85 6.27 -24.91
CA GLY C 592 36.59 7.67 -25.17
C GLY C 592 37.18 8.63 -24.17
N ALA C 593 37.23 8.27 -22.87
CA ALA C 593 37.85 9.15 -21.87
C ALA C 593 39.35 9.33 -22.19
N SER C 594 40.05 8.24 -22.57
CA SER C 594 41.46 8.29 -22.98
C SER C 594 41.58 9.03 -24.35
N ASP C 595 40.65 8.73 -25.28
CA ASP C 595 40.62 9.38 -26.60
C ASP C 595 40.56 10.89 -26.50
N PHE C 596 40.11 11.45 -25.37
CA PHE C 596 39.99 12.90 -25.26
C PHE C 596 40.96 13.49 -24.24
N GLY C 597 42.14 12.92 -24.15
CA GLY C 597 43.22 13.47 -23.35
C GLY C 597 43.15 13.39 -21.84
N SER C 598 42.38 12.43 -21.30
CA SER C 598 42.32 12.25 -19.86
C SER C 598 43.42 11.30 -19.40
N MET C 599 44.67 11.71 -19.67
CA MET C 599 45.91 11.03 -19.32
C MET C 599 46.94 12.10 -19.00
N PRO C 600 47.94 11.79 -18.16
CA PRO C 600 48.94 12.83 -17.82
C PRO C 600 49.93 13.13 -18.94
N ASP C 601 50.22 12.12 -19.78
CA ASP C 601 51.19 12.19 -20.85
C ASP C 601 50.65 12.59 -22.21
N ARG C 602 49.33 12.46 -22.44
CA ARG C 602 48.77 12.77 -23.75
C ARG C 602 47.57 13.68 -23.75
N LEU C 603 47.44 14.44 -24.82
CA LEU C 603 46.32 15.32 -25.10
C LEU C 603 45.29 14.50 -25.93
N PRO C 604 44.12 15.05 -26.32
CA PRO C 604 43.16 14.27 -27.12
C PRO C 604 43.78 13.68 -28.40
N GLY C 605 43.22 12.58 -28.89
CA GLY C 605 43.75 11.91 -30.06
C GLY C 605 45.10 11.24 -29.87
N TYR C 606 45.51 11.07 -28.60
CA TYR C 606 46.77 10.46 -28.17
C TYR C 606 48.01 11.22 -28.59
N GLU C 607 47.88 12.52 -28.86
CA GLU C 607 49.02 13.34 -29.25
C GLU C 607 49.79 13.70 -27.99
N LYS C 608 51.09 13.30 -27.93
CA LYS C 608 51.94 13.51 -26.77
C LYS C 608 51.98 14.95 -26.27
N VAL C 609 51.96 15.12 -24.94
CA VAL C 609 51.96 16.42 -24.28
C VAL C 609 53.28 17.16 -24.52
N THR C 610 54.41 16.46 -24.38
CA THR C 610 55.77 17.00 -24.57
C THR C 610 56.10 17.42 -26.01
N ASP C 611 55.20 17.11 -26.96
CA ASP C 611 55.33 17.47 -28.36
C ASP C 611 55.01 18.96 -28.48
N GLU C 612 56.03 19.78 -28.66
CA GLU C 612 55.91 21.23 -28.77
C GLU C 612 55.00 21.67 -29.91
N GLN C 613 54.90 20.87 -30.98
CA GLN C 613 54.04 21.18 -32.13
C GLN C 613 52.56 21.01 -31.79
N VAL C 614 52.25 19.97 -30.98
CA VAL C 614 50.90 19.64 -30.55
C VAL C 614 50.41 20.69 -29.56
N ARG C 615 51.24 21.00 -28.57
CA ARG C 615 50.97 21.99 -27.55
C ARG C 615 50.67 23.36 -28.15
N GLN C 616 51.44 23.75 -29.18
CA GLN C 616 51.27 25.03 -29.86
C GLN C 616 49.94 25.13 -30.59
N LYS C 617 49.42 24.01 -31.11
CA LYS C 617 48.14 23.96 -31.80
C LYS C 617 47.03 24.29 -30.81
N TYR C 618 47.04 23.61 -29.64
CA TYR C 618 46.07 23.83 -28.57
C TYR C 618 46.19 25.22 -27.94
N GLU C 619 47.40 25.79 -27.92
CA GLU C 619 47.61 27.12 -27.37
C GLU C 619 46.88 28.16 -28.19
N ARG C 620 46.91 28.04 -29.53
CA ARG C 620 46.24 28.96 -30.44
C ARG C 620 44.73 28.87 -30.33
N VAL C 621 44.20 27.64 -30.25
CA VAL C 621 42.75 27.42 -30.16
C VAL C 621 42.20 27.79 -28.78
N TRP C 622 42.82 27.28 -27.70
CA TRP C 622 42.39 27.57 -26.33
C TRP C 622 42.69 29.01 -25.88
N GLY C 623 43.60 29.69 -26.57
CA GLY C 623 43.97 31.05 -26.26
C GLY C 623 44.81 31.21 -25.01
N VAL C 624 45.51 30.14 -24.60
CA VAL C 624 46.33 30.16 -23.39
C VAL C 624 47.50 29.15 -23.51
N PRO C 625 48.65 29.38 -22.82
CA PRO C 625 49.75 28.40 -22.90
C PRO C 625 49.46 27.12 -22.12
N LEU C 626 49.88 25.98 -22.67
CA LEU C 626 49.68 24.67 -22.06
C LEU C 626 50.91 24.27 -21.27
N PRO C 627 50.74 23.56 -20.14
CA PRO C 627 51.92 23.11 -19.38
C PRO C 627 52.72 22.10 -20.18
N LYS C 628 54.05 22.26 -20.21
CA LYS C 628 54.92 21.40 -21.03
C LYS C 628 55.23 20.07 -20.39
N GLU C 629 55.37 20.05 -19.06
CA GLU C 629 55.75 18.85 -18.33
C GLU C 629 54.59 17.88 -18.09
N PRO C 630 54.73 16.55 -18.27
CA PRO C 630 53.62 15.65 -17.96
C PRO C 630 53.24 15.67 -16.46
N GLY C 631 52.12 15.02 -16.15
CA GLY C 631 51.61 15.01 -14.79
C GLY C 631 51.66 13.67 -14.09
N MET C 632 50.89 13.55 -13.02
CA MET C 632 50.84 12.32 -12.23
C MET C 632 49.82 11.35 -12.77
N THR C 633 50.02 10.06 -12.48
CA THR C 633 49.03 9.05 -12.83
C THR C 633 48.02 8.91 -11.67
N ASN C 634 46.87 8.27 -11.92
CA ASN C 634 45.82 8.04 -10.95
C ASN C 634 46.36 7.33 -9.71
N HIS C 635 47.28 6.39 -9.89
CA HIS C 635 47.88 5.64 -8.80
C HIS C 635 48.89 6.52 -8.04
N GLU C 636 49.76 7.20 -8.77
CA GLU C 636 50.81 8.09 -8.27
C GLU C 636 50.26 9.25 -7.44
N MET C 637 49.03 9.68 -7.72
CA MET C 637 48.38 10.80 -7.04
C MET C 637 48.29 10.66 -5.54
N ILE C 638 48.01 9.47 -5.01
CA ILE C 638 47.93 9.29 -3.54
C ILE C 638 49.31 9.37 -2.89
N GLU C 639 50.37 8.98 -3.61
CA GLU C 639 51.74 9.05 -3.10
C GLU C 639 52.13 10.53 -2.94
N LYS C 640 51.77 11.36 -3.93
CA LYS C 640 52.05 12.79 -3.93
C LYS C 640 51.25 13.57 -2.89
N ILE C 641 50.09 13.04 -2.43
CA ILE C 641 49.33 13.70 -1.36
C ILE C 641 50.11 13.48 -0.04
N HIS C 642 50.55 12.22 0.16
CA HIS C 642 51.31 11.78 1.33
C HIS C 642 52.62 12.53 1.48
N SER C 643 53.26 12.90 0.38
CA SER C 643 54.51 13.64 0.43
C SER C 643 54.33 15.17 0.33
N GLY C 644 53.13 15.66 0.68
CA GLY C 644 52.78 17.09 0.68
C GLY C 644 52.93 17.83 -0.63
N GLN C 645 52.82 17.12 -1.77
CA GLN C 645 52.98 17.70 -3.11
C GLN C 645 51.65 17.98 -3.79
N LEU C 646 50.61 17.20 -3.47
CA LEU C 646 49.29 17.35 -4.08
C LEU C 646 48.32 17.89 -3.05
N LYS C 647 47.94 19.16 -3.17
CA LYS C 647 47.04 19.77 -2.19
C LYS C 647 45.55 19.70 -2.58
N ALA C 648 45.23 19.37 -3.85
CA ALA C 648 43.84 19.27 -4.26
C ALA C 648 43.58 18.17 -5.27
N MET C 649 42.37 17.59 -5.21
CA MET C 649 41.95 16.54 -6.13
C MET C 649 40.49 16.76 -6.52
N TYR C 650 40.21 16.80 -7.82
CA TYR C 650 38.85 16.95 -8.32
C TYR C 650 38.55 15.62 -9.00
N VAL C 651 37.89 14.70 -8.29
CA VAL C 651 37.58 13.37 -8.85
C VAL C 651 36.13 13.28 -9.29
N LYS C 652 35.89 13.06 -10.59
CA LYS C 652 34.53 12.89 -11.08
C LYS C 652 34.27 11.41 -11.43
N GLY C 653 33.09 10.93 -11.04
CA GLY C 653 32.61 9.58 -11.28
C GLY C 653 33.61 8.45 -11.14
N GLU C 654 34.43 8.46 -10.10
CA GLU C 654 35.39 7.39 -9.86
C GLU C 654 35.40 7.04 -8.38
N GLU C 655 35.18 5.76 -8.06
CA GLU C 655 35.15 5.28 -6.68
C GLU C 655 36.56 4.95 -6.20
N MET C 656 37.48 5.93 -6.28
CA MET C 656 38.90 5.78 -5.93
C MET C 656 39.15 5.26 -4.52
N GLY C 657 38.30 5.65 -3.56
CA GLY C 657 38.39 5.19 -2.18
C GLY C 657 38.17 3.69 -2.00
N LEU C 658 37.74 2.99 -3.05
CA LEU C 658 37.55 1.55 -3.00
C LEU C 658 38.26 0.85 -4.15
N VAL C 659 38.45 1.52 -5.31
CA VAL C 659 39.04 0.89 -6.48
C VAL C 659 40.56 1.08 -6.63
N ASP C 660 41.19 2.05 -5.94
CA ASP C 660 42.65 2.18 -6.01
C ASP C 660 43.23 1.10 -5.11
N SER C 661 44.40 0.57 -5.46
CA SER C 661 45.06 -0.48 -4.66
C SER C 661 45.42 0.03 -3.27
N ASN C 662 45.41 -0.87 -2.27
CA ASN C 662 45.81 -0.56 -0.89
C ASN C 662 44.96 0.56 -0.34
N ILE C 663 43.63 0.32 -0.19
CA ILE C 663 42.72 1.39 0.22
C ILE C 663 42.92 1.89 1.63
N ASN C 664 43.79 1.26 2.43
CA ASN C 664 44.09 1.81 3.76
C ASN C 664 45.03 3.00 3.57
N HIS C 665 46.00 2.87 2.64
CA HIS C 665 46.94 3.93 2.30
C HIS C 665 46.20 5.04 1.53
N VAL C 666 45.19 4.69 0.71
CA VAL C 666 44.37 5.62 -0.06
C VAL C 666 43.61 6.50 0.92
N HIS C 667 42.95 5.88 1.91
CA HIS C 667 42.16 6.58 2.91
C HIS C 667 43.02 7.46 3.78
N ALA C 668 44.24 6.99 4.12
CA ALA C 668 45.20 7.76 4.91
C ALA C 668 45.59 9.03 4.16
N ALA C 669 45.79 8.92 2.83
CA ALA C 669 46.12 10.09 2.02
C ALA C 669 44.94 11.05 1.91
N TYR C 670 43.69 10.54 2.01
CA TYR C 670 42.49 11.37 1.93
C TYR C 670 42.32 12.27 3.15
N GLU C 671 42.79 11.83 4.33
CA GLU C 671 42.70 12.63 5.55
C GLU C 671 43.71 13.80 5.50
N LYS C 672 44.88 13.57 4.88
CA LYS C 672 45.94 14.57 4.72
C LYS C 672 45.56 15.68 3.72
N LEU C 673 44.90 15.30 2.60
CA LEU C 673 44.51 16.17 1.48
C LEU C 673 43.82 17.49 1.88
N ASP C 674 44.35 18.62 1.37
CA ASP C 674 43.85 19.97 1.67
C ASP C 674 42.44 20.20 1.13
N PHE C 675 42.24 19.99 -0.18
CA PHE C 675 40.93 20.18 -0.77
C PHE C 675 40.55 18.96 -1.60
N PHE C 676 39.35 18.39 -1.36
CA PHE C 676 38.91 17.23 -2.12
C PHE C 676 37.50 17.45 -2.67
N VAL C 677 37.37 17.50 -4.00
CA VAL C 677 36.05 17.69 -4.63
C VAL C 677 35.66 16.38 -5.28
N VAL C 678 34.55 15.77 -4.84
CA VAL C 678 34.09 14.53 -5.46
C VAL C 678 32.80 14.83 -6.19
N GLN C 679 32.73 14.49 -7.48
CA GLN C 679 31.55 14.73 -8.30
C GLN C 679 30.99 13.39 -8.65
N ASP C 680 29.80 13.07 -8.17
CA ASP C 680 29.22 11.75 -8.39
C ASP C 680 27.69 11.82 -8.37
N ILE C 681 27.01 10.73 -8.75
CA ILE C 681 25.55 10.66 -8.68
C ILE C 681 25.10 10.19 -7.28
N PHE C 682 25.98 9.53 -6.50
CA PHE C 682 25.68 9.07 -5.13
C PHE C 682 26.81 9.48 -4.18
N LEU C 683 26.57 9.44 -2.86
CA LEU C 683 27.63 9.75 -1.90
C LEU C 683 28.47 8.50 -1.76
N SER C 684 29.33 8.27 -2.74
CA SER C 684 30.24 7.13 -2.80
C SER C 684 31.16 7.07 -1.56
N ARG C 685 31.92 5.97 -1.39
CA ARG C 685 32.89 5.86 -0.29
C ARG C 685 33.89 7.03 -0.38
N THR C 686 34.34 7.34 -1.60
CA THR C 686 35.26 8.43 -1.92
C THR C 686 34.67 9.78 -1.51
N ALA C 687 33.38 10.01 -1.84
CA ALA C 687 32.67 11.25 -1.54
C ALA C 687 32.60 11.56 -0.05
N GLU C 688 32.70 10.53 0.82
CA GLU C 688 32.72 10.73 2.27
C GLU C 688 33.97 11.51 2.70
N PHE C 689 35.08 11.34 1.98
CA PHE C 689 36.33 12.04 2.26
C PHE C 689 36.38 13.44 1.62
N ALA C 690 35.37 13.83 0.84
CA ALA C 690 35.37 15.11 0.16
C ALA C 690 35.03 16.28 1.06
N ASP C 691 35.56 17.45 0.72
CA ASP C 691 35.25 18.72 1.35
C ASP C 691 34.00 19.30 0.64
N VAL C 692 33.86 19.04 -0.70
CA VAL C 692 32.72 19.44 -1.52
C VAL C 692 32.28 18.26 -2.38
N VAL C 693 30.99 17.95 -2.37
CA VAL C 693 30.44 16.90 -3.22
C VAL C 693 29.48 17.56 -4.18
N LEU C 694 29.69 17.37 -5.50
CA LEU C 694 28.79 17.97 -6.49
C LEU C 694 27.84 16.92 -7.07
N PRO C 695 26.53 17.17 -7.00
CA PRO C 695 25.57 16.20 -7.53
C PRO C 695 25.60 16.15 -9.05
N ALA C 696 26.13 15.07 -9.63
CA ALA C 696 26.19 14.92 -11.09
C ALA C 696 25.00 14.09 -11.62
N SER C 697 24.67 14.24 -12.92
CA SER C 697 23.56 13.52 -13.52
C SER C 697 24.07 12.38 -14.36
N PRO C 698 23.48 11.18 -14.24
CA PRO C 698 23.99 10.02 -15.00
C PRO C 698 23.65 10.03 -16.50
N SER C 699 24.08 8.99 -17.25
CA SER C 699 23.89 8.87 -18.68
C SER C 699 22.47 9.16 -19.17
N LEU C 700 21.46 8.64 -18.49
CA LEU C 700 20.07 8.88 -18.88
C LEU C 700 19.65 10.33 -18.74
N GLU C 701 20.34 11.12 -17.90
CA GLU C 701 19.97 12.51 -17.68
C GLU C 701 20.84 13.52 -18.44
N LYS C 702 21.53 13.06 -19.49
CA LYS C 702 22.37 13.95 -20.29
C LYS C 702 22.57 13.46 -21.73
N GLU C 703 23.11 14.33 -22.58
CA GLU C 703 23.45 14.04 -23.96
C GLU C 703 24.98 14.02 -24.06
N GLY C 704 25.48 13.38 -25.10
CA GLY C 704 26.92 13.26 -25.30
C GLY C 704 27.28 12.04 -26.12
N THR C 705 28.57 11.69 -26.16
CA THR C 705 29.01 10.51 -26.91
C THR C 705 29.88 9.61 -26.06
N PHE C 706 29.86 8.31 -26.36
CA PHE C 706 30.69 7.28 -25.73
C PHE C 706 31.47 6.55 -26.81
N THR C 707 32.69 6.13 -26.53
CA THR C 707 33.49 5.34 -27.47
C THR C 707 33.73 3.97 -26.86
N ASN C 708 33.23 2.90 -27.49
CA ASN C 708 33.34 1.56 -26.93
C ASN C 708 34.66 0.86 -27.29
N THR C 709 34.76 -0.43 -26.93
CA THR C 709 35.90 -1.30 -27.16
C THR C 709 36.30 -1.36 -28.63
N GLU C 710 35.37 -1.10 -29.57
CA GLU C 710 35.68 -1.11 -31.00
C GLU C 710 36.07 0.27 -31.53
N ARG C 711 36.47 1.21 -30.65
CA ARG C 711 36.76 2.60 -31.04
C ARG C 711 35.51 3.23 -31.71
N ARG C 712 34.30 2.72 -31.37
CA ARG C 712 33.04 3.15 -31.96
C ARG C 712 32.40 4.25 -31.18
N ILE C 713 32.40 5.44 -31.76
CA ILE C 713 31.83 6.64 -31.19
C ILE C 713 30.34 6.53 -31.42
N GLN C 714 29.55 6.56 -30.35
CA GLN C 714 28.10 6.44 -30.41
C GLN C 714 27.45 7.60 -29.62
N ARG C 715 26.29 8.10 -30.09
CA ARG C 715 25.64 9.24 -29.44
C ARG C 715 24.53 8.85 -28.44
N LEU C 716 24.43 9.61 -27.32
CA LEU C 716 23.48 9.52 -26.21
C LEU C 716 22.39 10.58 -26.37
N TYR C 717 21.13 10.20 -26.18
CA TYR C 717 20.03 11.17 -26.19
C TYR C 717 19.47 11.25 -24.77
N GLN C 718 19.03 12.44 -24.36
CA GLN C 718 18.54 12.63 -23.00
C GLN C 718 17.23 11.90 -22.75
N VAL C 719 17.21 10.95 -21.80
CA VAL C 719 16.01 10.20 -21.47
C VAL C 719 15.17 11.00 -20.46
N PHE C 720 15.80 11.40 -19.35
CA PHE C 720 15.12 12.17 -18.30
C PHE C 720 15.82 13.50 -18.14
N GLU C 721 15.11 14.50 -17.64
CA GLU C 721 15.74 15.77 -17.31
C GLU C 721 16.51 15.58 -15.99
N PRO C 722 17.67 16.27 -15.81
CA PRO C 722 18.43 16.12 -14.55
C PRO C 722 17.61 16.23 -13.26
N LEU C 723 17.71 15.22 -12.40
CA LEU C 723 16.98 15.11 -11.14
C LEU C 723 17.41 16.18 -10.18
N GLY C 724 16.45 16.92 -9.64
CA GLY C 724 16.70 18.00 -8.69
C GLY C 724 17.69 19.03 -9.20
N GLU C 725 18.66 19.39 -8.38
CA GLU C 725 19.70 20.32 -8.79
C GLU C 725 20.97 19.61 -9.26
N SER C 726 20.88 18.32 -9.63
CA SER C 726 22.05 17.61 -10.14
C SER C 726 22.25 18.04 -11.58
N LYS C 727 23.48 18.38 -11.98
CA LYS C 727 23.74 18.82 -13.36
C LYS C 727 24.59 17.77 -14.10
N PRO C 728 24.45 17.64 -15.44
CA PRO C 728 25.32 16.71 -16.17
C PRO C 728 26.78 17.16 -16.02
N ASP C 729 27.70 16.21 -15.89
CA ASP C 729 29.12 16.50 -15.65
C ASP C 729 29.73 17.62 -16.51
N TRP C 730 29.42 17.71 -17.82
CA TRP C 730 29.98 18.75 -18.66
C TRP C 730 29.55 20.13 -18.19
N GLN C 731 28.29 20.25 -17.80
CA GLN C 731 27.74 21.50 -17.30
C GLN C 731 28.43 21.90 -16.02
N ILE C 732 28.73 20.94 -15.14
CA ILE C 732 29.44 21.22 -13.90
C ILE C 732 30.87 21.69 -14.19
N ILE C 733 31.67 20.88 -14.92
CA ILE C 733 33.05 21.21 -15.29
C ILE C 733 33.16 22.59 -15.93
N MET C 734 32.20 22.91 -16.80
CA MET C 734 32.14 24.19 -17.48
C MET C 734 31.87 25.31 -16.48
N GLU C 735 30.95 25.09 -15.54
CA GLU C 735 30.62 26.10 -14.54
C GLU C 735 31.75 26.33 -13.56
N VAL C 736 32.55 25.30 -13.28
CA VAL C 736 33.71 25.42 -12.40
C VAL C 736 34.76 26.26 -13.13
N ALA C 737 35.00 25.95 -14.40
CA ALA C 737 35.98 26.66 -15.22
C ALA C 737 35.56 28.11 -15.38
N ASN C 738 34.27 28.37 -15.61
CA ASN C 738 33.77 29.73 -15.73
C ASN C 738 33.97 30.52 -14.45
N LYS C 739 33.83 29.88 -13.28
CA LYS C 739 34.11 30.55 -12.01
C LYS C 739 35.59 30.97 -11.87
N LEU C 740 36.48 30.36 -12.66
CA LEU C 740 37.89 30.69 -12.68
C LEU C 740 38.27 31.63 -13.88
N GLY C 741 37.28 32.11 -14.62
CA GLY C 741 37.45 33.02 -15.74
C GLY C 741 37.69 32.39 -17.10
N ALA C 742 37.17 31.17 -17.34
CA ALA C 742 37.38 30.50 -18.62
C ALA C 742 36.56 31.11 -19.73
N GLY C 743 35.34 31.53 -19.40
CA GLY C 743 34.44 32.16 -20.37
C GLY C 743 34.00 31.21 -21.47
N TRP C 744 33.87 29.93 -21.15
CA TRP C 744 33.41 28.92 -22.10
C TRP C 744 31.94 29.15 -22.37
N LEU C 745 31.50 29.01 -23.63
CA LEU C 745 30.11 29.27 -23.96
C LEU C 745 29.36 28.11 -24.61
N TYR C 746 29.66 26.86 -24.21
CA TYR C 746 28.97 25.70 -24.77
C TYR C 746 27.52 25.68 -24.34
N GLU C 747 26.65 25.25 -25.22
CA GLU C 747 25.23 25.11 -24.91
C GLU C 747 24.76 23.66 -24.97
N HIS C 748 25.50 22.80 -25.65
CA HIS C 748 25.18 21.40 -25.79
C HIS C 748 26.50 20.63 -25.95
N PRO C 749 26.61 19.36 -25.53
CA PRO C 749 27.89 18.64 -25.74
C PRO C 749 28.37 18.65 -27.19
N ALA C 750 27.47 18.81 -28.16
CA ALA C 750 27.84 18.88 -29.57
C ALA C 750 28.76 20.06 -29.87
N ASP C 751 28.69 21.15 -29.07
CA ASP C 751 29.56 22.34 -29.17
C ASP C 751 30.97 21.97 -28.71
N ILE C 752 31.08 21.16 -27.65
CA ILE C 752 32.34 20.66 -27.10
C ILE C 752 32.99 19.73 -28.12
N MET C 753 32.19 18.86 -28.75
CA MET C 753 32.66 17.91 -29.74
C MET C 753 33.19 18.61 -31.00
N GLU C 754 32.54 19.70 -31.44
CA GLU C 754 33.00 20.45 -32.62
C GLU C 754 34.39 21.03 -32.37
N GLU C 755 34.63 21.58 -31.18
CA GLU C 755 35.92 22.15 -30.84
C GLU C 755 36.99 21.07 -30.80
N ALA C 756 36.70 19.96 -30.13
CA ALA C 756 37.61 18.84 -29.97
C ALA C 756 37.94 18.08 -31.24
N ALA C 757 36.99 17.97 -32.20
CA ALA C 757 37.24 17.26 -33.46
C ALA C 757 38.25 18.01 -34.32
N LYS C 758 38.24 19.35 -34.25
CA LYS C 758 39.19 20.19 -34.97
C LYS C 758 40.61 19.97 -34.45
N LEU C 759 40.76 19.77 -33.15
CA LEU C 759 42.07 19.57 -32.54
C LEU C 759 42.57 18.12 -32.58
N SER C 760 41.74 17.14 -32.17
CA SER C 760 42.11 15.73 -32.19
C SER C 760 42.10 15.22 -33.64
N PRO C 761 43.25 14.78 -34.18
CA PRO C 761 43.28 14.36 -35.59
C PRO C 761 42.53 13.06 -35.85
N ILE C 762 42.59 12.11 -34.90
CA ILE C 762 41.87 10.85 -35.06
C ILE C 762 40.32 11.03 -34.99
N TYR C 763 39.84 12.21 -34.55
CA TYR C 763 38.43 12.53 -34.45
C TYR C 763 38.01 13.66 -35.39
N ALA C 764 38.85 14.02 -36.37
CA ALA C 764 38.63 15.13 -37.28
C ALA C 764 37.27 15.15 -38.00
N GLY C 765 36.81 13.99 -38.45
CA GLY C 765 35.56 13.91 -39.19
C GLY C 765 34.32 13.60 -38.37
N VAL C 766 34.44 13.58 -37.02
CA VAL C 766 33.28 13.29 -36.19
C VAL C 766 32.42 14.55 -35.93
N THR C 767 31.17 14.45 -36.29
CA THR C 767 30.16 15.48 -36.09
C THR C 767 28.91 14.76 -35.56
N TYR C 768 28.11 15.44 -34.73
CA TYR C 768 26.89 14.83 -34.19
C TYR C 768 25.94 14.37 -35.27
N GLU C 769 25.95 15.05 -36.44
CA GLU C 769 25.15 14.71 -37.60
C GLU C 769 25.52 13.30 -38.11
N ARG C 770 26.82 12.95 -38.14
CA ARG C 770 27.25 11.62 -38.58
C ARG C 770 26.94 10.50 -37.57
N LEU C 771 26.60 10.88 -36.31
CA LEU C 771 26.28 9.99 -35.21
C LEU C 771 24.79 10.04 -34.81
N GLU C 772 23.91 10.56 -35.67
CA GLU C 772 22.49 10.67 -35.34
C GLU C 772 21.81 9.31 -35.32
N GLY C 773 20.99 9.07 -34.31
CA GLY C 773 20.26 7.82 -34.18
C GLY C 773 21.18 6.66 -33.86
N TYR C 774 21.07 5.56 -34.61
CA TYR C 774 21.97 4.42 -34.39
C TYR C 774 23.26 4.48 -35.22
N ASN C 775 23.53 5.62 -35.87
CA ASN C 775 24.74 5.80 -36.65
C ASN C 775 25.94 5.91 -35.75
N SER C 776 27.08 5.39 -36.21
CA SER C 776 28.31 5.41 -35.45
C SER C 776 29.53 5.64 -36.36
N LEU C 777 30.66 5.98 -35.74
CA LEU C 777 31.90 6.19 -36.47
C LEU C 777 33.03 5.54 -35.69
N GLN C 778 33.89 4.76 -36.35
CA GLN C 778 35.02 4.14 -35.66
C GLN C 778 36.28 4.93 -35.99
N TRP C 779 37.03 5.37 -34.97
CA TRP C 779 38.22 6.18 -35.24
C TRP C 779 39.41 5.32 -35.71
N PRO C 780 40.35 5.86 -36.51
CA PRO C 780 40.46 7.25 -36.99
C PRO C 780 39.43 7.65 -38.03
N VAL C 781 38.79 8.82 -37.84
CA VAL C 781 37.79 9.35 -38.74
C VAL C 781 38.36 10.59 -39.42
N ASN C 782 38.73 10.50 -40.71
CA ASN C 782 39.28 11.66 -41.43
C ASN C 782 38.19 12.72 -41.67
N ALA C 783 38.57 13.99 -41.95
CA ALA C 783 37.64 15.11 -42.13
C ALA C 783 36.51 14.86 -43.13
N ASP C 784 36.69 13.89 -44.04
CA ASP C 784 35.67 13.53 -45.03
C ASP C 784 34.54 12.63 -44.46
N GLY C 785 34.60 12.29 -43.18
CA GLY C 785 33.61 11.43 -42.57
C GLY C 785 33.88 9.94 -42.74
N LYS C 786 34.96 9.59 -43.48
CA LYS C 786 35.32 8.18 -43.70
C LYS C 786 35.97 7.63 -42.46
N ASP C 787 35.32 6.65 -41.83
CA ASP C 787 35.78 6.05 -40.57
C ASP C 787 36.77 4.88 -40.81
N SER C 788 37.15 4.17 -39.75
CA SER C 788 38.08 3.05 -39.86
C SER C 788 37.56 1.87 -39.05
N PRO C 789 36.71 1.03 -39.65
CA PRO C 789 36.19 -0.13 -38.92
C PRO C 789 37.28 -1.16 -38.60
N LEU C 790 38.22 -1.35 -39.54
CA LEU C 790 39.32 -2.29 -39.36
C LEU C 790 40.65 -1.57 -39.50
N LEU C 791 41.46 -1.58 -38.46
CA LEU C 791 42.75 -0.90 -38.46
C LEU C 791 43.85 -1.67 -39.17
N PHE C 792 44.84 -0.92 -39.69
CA PHE C 792 46.08 -1.39 -40.32
C PHE C 792 45.86 -2.14 -41.62
N THR C 793 44.78 -1.84 -42.35
CA THR C 793 44.50 -2.52 -43.61
C THR C 793 45.54 -2.16 -44.66
N GLU C 794 45.83 -0.87 -44.82
CA GLU C 794 46.82 -0.41 -45.78
C GLU C 794 48.22 -0.38 -45.16
N ARG C 795 48.39 0.23 -43.97
CA ARG C 795 49.69 0.33 -43.29
C ARG C 795 49.58 0.52 -41.76
N PHE C 796 50.70 0.39 -41.04
CA PHE C 796 50.75 0.65 -39.60
C PHE C 796 51.11 2.13 -39.37
N PRO C 797 50.53 2.80 -38.36
CA PRO C 797 50.81 4.23 -38.17
C PRO C 797 52.16 4.59 -37.55
N PHE C 798 53.21 4.30 -38.28
CA PHE C 798 54.59 4.59 -37.92
C PHE C 798 55.24 5.29 -39.13
N PRO C 799 56.33 6.06 -38.97
CA PRO C 799 56.93 6.75 -40.13
C PRO C 799 57.14 5.91 -41.38
N ASP C 800 57.55 4.63 -41.22
CA ASP C 800 57.78 3.75 -42.36
C ASP C 800 56.60 2.84 -42.74
N GLY C 801 55.47 2.97 -42.05
CA GLY C 801 54.29 2.15 -42.30
C GLY C 801 54.42 0.70 -41.86
N LYS C 802 55.44 0.40 -41.04
CA LYS C 802 55.69 -0.95 -40.58
C LYS C 802 55.59 -1.02 -39.09
N ALA C 803 54.98 -2.10 -38.60
CA ALA C 803 54.83 -2.44 -37.19
C ALA C 803 56.20 -2.76 -36.59
N ILE C 804 56.33 -2.68 -35.25
CA ILE C 804 57.60 -2.92 -34.58
C ILE C 804 57.51 -4.11 -33.63
N LEU C 805 58.36 -5.13 -33.81
CA LEU C 805 58.42 -6.23 -32.85
C LEU C 805 59.17 -5.68 -31.66
N TYR C 806 58.58 -5.82 -30.46
CA TYR C 806 59.14 -5.23 -29.25
C TYR C 806 59.70 -6.25 -28.26
N PRO C 807 61.03 -6.27 -28.06
CA PRO C 807 61.63 -7.23 -27.12
C PRO C 807 61.11 -7.11 -25.69
N VAL C 808 60.44 -8.16 -25.18
CA VAL C 808 59.91 -8.12 -23.83
C VAL C 808 60.39 -9.29 -22.99
N GLN C 809 60.62 -9.03 -21.70
CA GLN C 809 61.09 -10.02 -20.75
C GLN C 809 60.03 -10.37 -19.72
N TRP C 810 60.13 -11.55 -19.12
CA TRP C 810 59.19 -11.93 -18.08
C TRP C 810 59.61 -11.22 -16.81
N THR C 811 58.64 -10.59 -16.14
CA THR C 811 58.88 -9.92 -14.88
C THR C 811 58.14 -10.77 -13.88
N GLU C 812 58.87 -11.43 -12.97
CA GLU C 812 58.28 -12.32 -11.99
C GLU C 812 57.26 -11.61 -11.13
N PRO C 813 56.07 -12.19 -10.97
CA PRO C 813 55.04 -11.54 -10.15
C PRO C 813 55.49 -11.41 -8.70
N LYS C 814 55.11 -10.29 -8.05
CA LYS C 814 55.48 -10.00 -6.68
C LYS C 814 55.11 -11.10 -5.72
N GLU C 815 56.11 -11.55 -4.93
CA GLU C 815 55.93 -12.58 -3.91
C GLU C 815 55.71 -11.92 -2.55
N PHE C 816 54.65 -12.32 -1.84
CA PHE C 816 54.28 -11.69 -0.58
C PHE C 816 54.94 -12.24 0.65
N GLY C 817 55.33 -13.51 0.59
CA GLY C 817 55.91 -14.17 1.74
C GLY C 817 55.32 -15.54 1.96
N GLU C 818 56.09 -16.44 2.58
CA GLU C 818 55.65 -17.80 2.81
C GLU C 818 54.41 -17.88 3.69
N GLU C 819 54.22 -16.93 4.62
CA GLU C 819 53.06 -16.93 5.51
C GLU C 819 51.73 -16.67 4.81
N TYR C 820 51.78 -15.99 3.64
CA TYR C 820 50.63 -15.66 2.81
C TYR C 820 50.56 -16.72 1.73
N ASP C 821 49.87 -17.82 2.06
CA ASP C 821 49.76 -18.99 1.18
C ASP C 821 48.56 -18.99 0.26
N ILE C 822 47.56 -18.15 0.53
CA ILE C 822 46.40 -18.07 -0.35
C ILE C 822 46.59 -16.99 -1.43
N HIS C 823 46.46 -17.37 -2.70
CA HIS C 823 46.58 -16.43 -3.79
C HIS C 823 45.19 -15.90 -4.06
N VAL C 824 44.84 -14.70 -3.54
CA VAL C 824 43.50 -14.18 -3.74
C VAL C 824 43.36 -13.51 -5.13
N ASN C 825 42.76 -14.26 -6.06
CA ASN C 825 42.43 -13.77 -7.40
C ASN C 825 41.15 -12.90 -7.20
N ASN C 826 40.97 -11.86 -8.01
CA ASN C 826 39.82 -10.98 -7.87
C ASN C 826 39.32 -10.47 -9.21
N GLY C 827 38.05 -10.11 -9.25
CA GLY C 827 37.46 -9.59 -10.46
C GLY C 827 36.07 -9.07 -10.26
N ARG C 828 35.22 -9.35 -11.23
CA ARG C 828 33.83 -8.89 -11.24
C ARG C 828 32.83 -10.07 -11.30
N LEU C 829 31.53 -9.76 -11.40
CA LEU C 829 30.49 -10.74 -11.57
C LEU C 829 29.63 -10.23 -12.72
N LEU C 830 29.06 -11.12 -13.54
CA LEU C 830 28.20 -10.75 -14.67
C LEU C 830 27.14 -9.67 -14.31
N GLU C 831 26.44 -9.86 -13.20
CA GLU C 831 25.37 -9.03 -12.67
C GLU C 831 25.81 -7.79 -11.96
N HIS C 832 27.03 -7.74 -11.42
CA HIS C 832 27.45 -6.58 -10.65
C HIS C 832 28.54 -5.79 -11.27
N PHE C 833 28.43 -4.47 -11.15
CA PHE C 833 29.41 -3.55 -11.67
C PHE C 833 30.20 -2.96 -10.51
N HIS C 834 31.44 -3.43 -10.36
CA HIS C 834 32.41 -3.04 -9.36
C HIS C 834 31.82 -3.17 -7.94
N GLU C 835 32.10 -2.24 -7.01
CA GLU C 835 31.57 -2.32 -5.66
C GLU C 835 30.02 -2.27 -5.60
N GLY C 836 29.37 -1.99 -6.73
CA GLY C 836 27.92 -1.97 -6.81
C GLY C 836 27.24 -0.68 -6.41
N ASN C 837 27.84 0.48 -6.70
CA ASN C 837 27.17 1.76 -6.42
C ASN C 837 25.92 1.88 -7.30
N LEU C 838 25.98 1.34 -8.54
CA LEU C 838 24.88 1.38 -9.49
C LEU C 838 24.02 0.09 -9.35
N THR C 839 24.68 -1.08 -9.36
CA THR C 839 23.99 -2.36 -9.39
C THR C 839 23.30 -2.76 -8.08
N TYR C 840 23.76 -2.29 -6.90
CA TYR C 840 23.06 -2.62 -5.65
C TYR C 840 21.72 -1.83 -5.50
N LYS C 841 21.57 -0.71 -6.25
CA LYS C 841 20.33 0.06 -6.31
C LYS C 841 19.29 -0.74 -7.11
N SER C 842 19.71 -1.62 -8.04
CA SER C 842 18.79 -2.46 -8.77
C SER C 842 18.41 -3.56 -7.80
N LYS C 843 17.16 -3.56 -7.35
CA LYS C 843 16.73 -4.56 -6.37
C LYS C 843 16.57 -5.96 -6.97
N GLY C 844 16.33 -6.06 -8.26
CA GLY C 844 16.21 -7.34 -8.94
C GLY C 844 17.54 -8.06 -9.01
N ILE C 845 18.63 -7.28 -9.20
CA ILE C 845 20.01 -7.78 -9.23
C ILE C 845 20.38 -8.14 -7.80
N SER C 846 20.11 -7.25 -6.82
CA SER C 846 20.38 -7.51 -5.41
C SER C 846 19.70 -8.80 -4.93
N GLU C 847 18.46 -9.06 -5.37
CA GLU C 847 17.67 -10.24 -5.00
C GLU C 847 18.38 -11.58 -5.30
N LYS C 848 18.99 -11.69 -6.49
CA LYS C 848 19.66 -12.92 -6.90
C LYS C 848 21.16 -12.96 -6.56
N THR C 849 21.76 -11.80 -6.19
CA THR C 849 23.17 -11.66 -5.80
C THR C 849 23.27 -10.55 -4.74
N PRO C 850 22.82 -10.82 -3.51
CA PRO C 850 22.80 -9.77 -2.49
C PRO C 850 24.11 -9.37 -1.87
N GLU C 851 25.17 -10.17 -2.05
CA GLU C 851 26.43 -9.86 -1.40
C GLU C 851 27.68 -10.46 -2.04
N VAL C 852 28.84 -10.00 -1.55
CA VAL C 852 30.15 -10.48 -1.92
C VAL C 852 30.32 -11.91 -1.35
N PHE C 853 31.28 -12.65 -1.87
CA PHE C 853 31.59 -13.99 -1.41
C PHE C 853 33.00 -14.36 -1.76
N LEU C 854 33.58 -15.33 -1.05
CA LEU C 854 34.95 -15.77 -1.34
C LEU C 854 34.88 -17.17 -1.90
N GLU C 855 35.24 -17.35 -3.18
CA GLU C 855 35.21 -18.68 -3.78
C GLU C 855 36.35 -19.52 -3.23
N ILE C 856 36.01 -20.64 -2.61
CA ILE C 856 37.00 -21.56 -2.04
C ILE C 856 36.97 -22.85 -2.84
N SER C 857 38.13 -23.41 -3.20
CA SER C 857 38.16 -24.66 -3.95
C SER C 857 37.72 -25.81 -3.05
N PRO C 858 37.14 -26.89 -3.60
CA PRO C 858 36.78 -28.04 -2.73
C PRO C 858 38.00 -28.61 -1.98
N GLU C 859 39.21 -28.50 -2.59
CA GLU C 859 40.44 -28.94 -1.94
C GLU C 859 40.71 -28.10 -0.70
N LEU C 860 40.74 -26.76 -0.84
CA LEU C 860 41.01 -25.88 0.28
C LEU C 860 39.95 -25.98 1.36
N ALA C 861 38.68 -26.17 0.95
CA ALA C 861 37.56 -26.29 1.89
C ALA C 861 37.69 -27.57 2.70
N ALA C 862 38.19 -28.66 2.08
CA ALA C 862 38.39 -29.91 2.80
C ALA C 862 39.50 -29.69 3.86
N GLU C 863 40.63 -29.09 3.45
CA GLU C 863 41.77 -28.79 4.31
C GLU C 863 41.46 -27.86 5.48
N ARG C 864 40.71 -26.78 5.25
CA ARG C 864 40.43 -25.82 6.33
C ARG C 864 39.07 -26.00 7.01
N GLY C 865 38.28 -26.97 6.57
CA GLY C 865 36.99 -27.26 7.20
C GLY C 865 35.94 -26.19 6.93
N ILE C 866 36.01 -25.63 5.71
CA ILE C 866 35.13 -24.56 5.22
C ILE C 866 33.88 -25.12 4.55
N GLN C 867 32.74 -24.54 4.89
CA GLN C 867 31.46 -24.83 4.27
C GLN C 867 30.92 -23.49 3.69
N ASP C 868 29.80 -23.54 2.97
CA ASP C 868 29.21 -22.32 2.42
C ASP C 868 28.68 -21.48 3.58
N GLY C 869 29.14 -20.23 3.66
CA GLY C 869 28.73 -19.33 4.73
C GLY C 869 29.75 -19.14 5.84
N THR C 870 30.86 -19.87 5.77
CA THR C 870 31.92 -19.79 6.77
C THR C 870 32.60 -18.43 6.67
N LEU C 871 32.53 -17.64 7.73
CA LEU C 871 33.18 -16.35 7.75
C LEU C 871 34.68 -16.55 8.00
N VAL C 872 35.52 -16.08 7.07
CA VAL C 872 36.97 -16.19 7.19
C VAL C 872 37.62 -14.79 7.16
N ARG C 873 38.91 -14.69 7.47
CA ARG C 873 39.61 -13.42 7.48
C ARG C 873 40.87 -13.49 6.65
N LEU C 874 40.84 -12.96 5.42
CA LEU C 874 42.04 -12.93 4.60
C LEU C 874 42.87 -11.75 5.06
N THR C 875 44.14 -12.01 5.43
CA THR C 875 45.02 -10.97 5.93
C THR C 875 46.25 -10.88 5.07
N SER C 876 46.57 -9.68 4.61
CA SER C 876 47.75 -9.41 3.79
C SER C 876 48.62 -8.34 4.52
N PRO C 877 49.84 -8.01 4.04
CA PRO C 877 50.63 -6.96 4.71
C PRO C 877 50.09 -5.53 4.51
N PHE C 878 48.85 -5.38 4.00
CA PHE C 878 48.26 -4.07 3.70
C PHE C 878 46.91 -3.83 4.37
N GLY C 879 46.24 -4.89 4.79
CA GLY C 879 44.93 -4.84 5.44
C GLY C 879 44.25 -6.19 5.49
N ASN C 880 42.99 -6.23 5.95
CA ASN C 880 42.28 -7.52 6.03
C ASN C 880 40.81 -7.43 5.67
N VAL C 881 40.27 -8.53 5.14
CA VAL C 881 38.84 -8.60 4.81
C VAL C 881 38.16 -9.73 5.58
N LYS C 882 36.91 -9.54 5.97
CA LYS C 882 36.14 -10.60 6.64
C LYS C 882 35.07 -10.95 5.61
N VAL C 883 35.07 -12.19 5.09
CA VAL C 883 34.13 -12.55 4.02
C VAL C 883 33.57 -13.97 4.18
N LYS C 884 32.27 -14.17 3.87
CA LYS C 884 31.64 -15.50 3.88
C LYS C 884 32.22 -16.33 2.71
N CYS C 885 32.17 -17.67 2.81
CA CYS C 885 32.77 -18.53 1.78
C CYS C 885 31.77 -19.24 0.86
N LEU C 886 32.21 -19.57 -0.35
CA LEU C 886 31.40 -20.30 -1.32
C LEU C 886 32.26 -21.35 -2.01
N ILE C 887 31.98 -22.64 -1.80
CA ILE C 887 32.77 -23.71 -2.43
C ILE C 887 32.36 -23.92 -3.87
N THR C 888 33.35 -24.00 -4.79
CA THR C 888 33.09 -24.22 -6.21
C THR C 888 34.34 -24.65 -6.96
N ASP C 889 34.18 -25.55 -7.95
CA ASP C 889 35.34 -26.00 -8.74
C ASP C 889 35.82 -24.96 -9.78
N ARG C 890 35.27 -23.73 -9.73
CA ARG C 890 35.72 -22.62 -10.56
C ARG C 890 37.14 -22.24 -10.13
N VAL C 891 37.46 -22.34 -8.81
CA VAL C 891 38.81 -22.08 -8.31
C VAL C 891 39.48 -23.37 -7.87
N LYS C 892 40.81 -23.40 -7.95
CA LYS C 892 41.57 -24.61 -7.63
C LYS C 892 42.63 -24.38 -6.56
N GLY C 893 42.93 -25.45 -5.83
CA GLY C 893 43.94 -25.46 -4.77
C GLY C 893 43.89 -24.31 -3.80
N LYS C 894 44.98 -23.52 -3.75
CA LYS C 894 45.05 -22.40 -2.83
C LYS C 894 44.74 -21.04 -3.47
N GLU C 895 44.25 -21.01 -4.74
CA GLU C 895 43.83 -19.76 -5.35
C GLU C 895 42.34 -19.58 -5.02
N VAL C 896 41.99 -18.45 -4.42
CA VAL C 896 40.60 -18.15 -4.12
C VAL C 896 40.12 -17.05 -5.10
N TYR C 897 38.83 -16.69 -5.06
CA TYR C 897 38.30 -15.64 -5.92
C TYR C 897 37.42 -14.73 -5.10
N LEU C 898 37.78 -13.45 -5.05
CA LEU C 898 36.99 -12.48 -4.29
C LEU C 898 36.49 -11.40 -5.24
N PRO C 899 35.20 -11.44 -5.64
CA PRO C 899 34.69 -10.40 -6.52
C PRO C 899 34.65 -9.02 -5.83
N MET C 900 34.61 -7.95 -6.64
CA MET C 900 34.65 -6.57 -6.15
C MET C 900 33.37 -6.02 -5.52
N ASN C 901 32.24 -6.74 -5.60
CA ASN C 901 30.93 -6.26 -5.15
C ASN C 901 30.75 -6.13 -3.63
N ASP C 902 31.58 -5.30 -2.99
CA ASP C 902 31.47 -4.98 -1.58
C ASP C 902 32.18 -3.66 -1.28
N SER C 903 31.57 -2.85 -0.39
CA SER C 903 32.04 -1.52 -0.04
C SER C 903 32.50 -1.34 1.42
N GLY C 904 32.68 -2.45 2.15
CA GLY C 904 33.10 -2.37 3.55
C GLY C 904 34.11 -3.43 3.99
N GLU C 905 33.67 -4.31 4.89
CA GLU C 905 34.48 -5.38 5.47
C GLU C 905 35.15 -6.30 4.45
N ALA C 906 34.52 -6.51 3.28
CA ALA C 906 35.07 -7.43 2.29
C ALA C 906 35.60 -6.77 1.03
N ALA C 907 35.92 -5.47 1.10
CA ALA C 907 36.46 -4.72 -0.03
C ALA C 907 37.82 -5.30 -0.40
N ILE C 908 37.91 -5.95 -1.58
CA ILE C 908 39.14 -6.59 -2.08
C ILE C 908 40.35 -5.68 -2.01
N ASN C 909 40.16 -4.35 -2.17
CA ASN C 909 41.31 -3.46 -2.17
C ASN C 909 41.90 -3.15 -0.78
N LEU C 910 41.35 -3.76 0.28
CA LEU C 910 41.96 -3.71 1.60
C LEU C 910 43.20 -4.66 1.60
N LEU C 911 43.14 -5.77 0.83
CA LEU C 911 44.20 -6.76 0.71
C LEU C 911 45.26 -6.35 -0.27
N THR C 912 44.88 -5.75 -1.39
CA THR C 912 45.81 -5.43 -2.46
C THR C 912 46.91 -4.44 -2.06
N GLY C 913 48.06 -4.59 -2.71
CA GLY C 913 49.20 -3.73 -2.44
C GLY C 913 49.37 -2.66 -3.48
N SER C 914 50.08 -1.59 -3.10
CA SER C 914 50.37 -0.48 -3.99
C SER C 914 51.41 -0.82 -5.07
N HIS C 915 51.85 -2.10 -5.18
CA HIS C 915 52.81 -2.48 -6.23
C HIS C 915 52.08 -2.44 -7.56
N ALA C 916 52.68 -1.77 -8.53
CA ALA C 916 52.05 -1.54 -9.81
C ALA C 916 52.96 -1.95 -10.99
N ASP C 917 52.45 -1.92 -12.25
CA ASP C 917 53.20 -2.21 -13.47
C ASP C 917 54.39 -1.24 -13.55
N LYS C 918 55.55 -1.76 -13.97
CA LYS C 918 56.77 -0.96 -14.03
C LYS C 918 56.77 0.15 -15.05
N ASP C 919 55.98 0.03 -16.11
CA ASP C 919 55.98 1.02 -17.18
C ASP C 919 54.76 1.94 -17.21
N THR C 920 53.60 1.43 -16.79
CA THR C 920 52.36 2.21 -16.90
C THR C 920 51.64 2.49 -15.58
N ASP C 921 52.25 2.13 -14.45
CA ASP C 921 51.73 2.36 -13.09
C ASP C 921 50.33 1.75 -12.80
N THR C 922 49.92 0.72 -13.56
CA THR C 922 48.64 0.05 -13.34
C THR C 922 48.79 -0.83 -12.13
N PRO C 923 48.01 -0.62 -11.06
CA PRO C 923 48.16 -1.49 -9.88
C PRO C 923 48.08 -2.99 -10.21
N ALA C 924 48.96 -3.78 -9.58
CA ALA C 924 48.98 -5.22 -9.82
C ALA C 924 47.94 -5.86 -8.90
N TYR C 925 46.67 -5.84 -9.32
CA TYR C 925 45.59 -6.40 -8.55
C TYR C 925 45.57 -7.92 -8.65
N LYS C 926 46.04 -8.51 -9.77
CA LYS C 926 46.08 -9.97 -9.92
C LYS C 926 47.34 -10.62 -9.28
N GLU C 927 48.08 -9.86 -8.48
CA GLU C 927 49.24 -10.32 -7.72
C GLU C 927 48.94 -9.98 -6.26
N THR C 928 47.94 -10.65 -5.68
CA THR C 928 47.58 -10.42 -4.28
C THR C 928 47.57 -11.74 -3.54
N SER C 929 48.34 -11.81 -2.46
CA SER C 929 48.41 -12.98 -1.61
C SER C 929 47.98 -12.58 -0.21
N ALA C 930 47.47 -13.55 0.56
CA ALA C 930 46.99 -13.34 1.92
C ALA C 930 46.94 -14.69 2.68
N LYS C 931 46.78 -14.64 4.02
CA LYS C 931 46.63 -15.83 4.86
C LYS C 931 45.21 -15.85 5.42
N MET C 932 44.57 -17.01 5.42
CA MET C 932 43.18 -17.16 5.84
C MET C 932 42.99 -17.68 7.26
N GLU C 933 42.24 -16.95 8.08
CA GLU C 933 41.97 -17.31 9.47
C GLU C 933 40.46 -17.46 9.68
N ILE C 934 39.95 -18.66 10.06
CA ILE C 934 38.51 -18.89 10.28
C ILE C 934 37.95 -18.06 11.45
N LEU C 935 36.83 -17.33 11.23
CA LEU C 935 36.22 -16.49 12.25
C LEU C 935 34.92 -17.11 12.80
N LYS C 936 34.06 -17.59 11.89
CA LYS C 936 32.80 -18.26 12.22
C LYS C 936 32.70 -19.50 11.35
N HIS C 937 32.01 -20.52 11.83
CA HIS C 937 31.90 -21.77 11.07
C HIS C 937 30.57 -21.87 10.38
N ASP C 938 29.50 -21.49 11.07
CA ASP C 938 28.17 -21.58 10.52
C ASP C 938 27.61 -20.23 10.13
N GLY C 939 27.13 -20.17 8.90
CA GLY C 939 26.51 -18.98 8.35
C GLY C 939 25.70 -19.33 7.12
N ILE C 940 24.69 -18.49 6.79
CA ILE C 940 23.89 -18.74 5.60
C ILE C 940 24.77 -18.51 4.37
N SER C 941 24.64 -19.37 3.33
CA SER C 941 25.45 -19.27 2.12
C SER C 941 25.33 -17.89 1.48
N PRO C 942 26.45 -17.26 1.11
CA PRO C 942 26.36 -15.91 0.53
C PRO C 942 25.79 -15.85 -0.90
N LEU C 943 25.53 -17.02 -1.52
CA LEU C 943 24.95 -17.09 -2.85
C LEU C 943 23.63 -17.85 -2.78
N PRO C 944 22.50 -17.15 -2.98
CA PRO C 944 21.20 -17.83 -2.87
C PRO C 944 20.92 -18.88 -3.95
N LYS C 945 19.92 -19.76 -3.71
CA LYS C 945 19.53 -20.81 -4.65
C LYS C 945 19.13 -20.24 -6.01
N ILE C 946 18.54 -19.02 -6.00
CA ILE C 946 18.07 -18.30 -7.17
C ILE C 946 19.19 -17.67 -8.00
N ASN C 947 20.46 -17.68 -7.52
CA ASN C 947 21.55 -17.13 -8.32
C ASN C 947 21.73 -17.99 -9.58
N HIS C 948 22.05 -17.36 -10.71
CA HIS C 948 22.20 -18.07 -11.97
C HIS C 948 23.26 -19.17 -11.89
N ARG C 949 24.32 -18.98 -11.09
CA ARG C 949 25.38 -19.99 -10.95
C ARG C 949 24.93 -21.30 -10.33
N ASN C 950 23.73 -21.32 -9.74
CA ASN C 950 23.13 -22.51 -9.14
C ASN C 950 22.10 -23.15 -10.10
N GLY C 951 22.28 -22.98 -11.40
CA GLY C 951 21.34 -23.51 -12.39
C GLY C 951 21.70 -24.86 -12.99
N ASN C 952 21.07 -25.18 -14.13
CA ASN C 952 21.24 -26.44 -14.84
C ASN C 952 20.90 -26.29 -16.33
N PRO C 953 21.74 -25.56 -17.10
CA PRO C 953 21.45 -25.37 -18.53
C PRO C 953 21.15 -26.66 -19.31
N GLN C 954 20.41 -26.55 -20.42
CA GLN C 954 20.08 -27.69 -21.27
C GLN C 954 20.57 -27.37 -22.68
N PRO C 955 21.89 -27.50 -22.93
CA PRO C 955 22.42 -27.13 -24.25
C PRO C 955 21.82 -27.91 -25.42
N GLN C 956 21.64 -27.24 -26.56
CA GLN C 956 21.10 -27.83 -27.79
C GLN C 956 21.26 -26.90 -28.99
N ILE C 957 21.23 -27.47 -30.21
CA ILE C 957 21.32 -26.65 -31.41
C ILE C 957 19.92 -26.37 -31.88
N GLY C 958 19.51 -25.12 -31.74
CA GLY C 958 18.20 -24.69 -32.19
C GLY C 958 17.06 -24.85 -31.23
N VAL C 959 15.87 -24.95 -31.80
CA VAL C 959 14.58 -25.04 -31.11
C VAL C 959 14.06 -26.48 -31.01
N GLN C 960 14.60 -27.40 -31.86
CA GLN C 960 14.20 -28.80 -32.00
C GLN C 960 12.81 -28.84 -32.64
N VAL C 961 12.61 -28.06 -33.70
CA VAL C 961 11.32 -28.00 -34.38
C VAL C 961 10.91 -29.36 -34.95
N HIS C 962 11.89 -30.25 -35.23
CA HIS C 962 11.60 -31.60 -35.71
C HIS C 962 10.82 -32.42 -34.69
N LYS C 963 10.94 -32.11 -33.39
CA LYS C 963 10.18 -32.78 -32.35
C LYS C 963 8.69 -32.38 -32.40
N LYS C 964 8.41 -31.12 -32.81
CA LYS C 964 7.05 -30.62 -32.96
C LYS C 964 6.40 -31.33 -34.15
N TRP C 965 7.15 -31.47 -35.27
CA TRP C 965 6.64 -32.13 -36.47
C TRP C 965 6.40 -33.63 -36.27
N ALA C 966 7.12 -34.25 -35.32
CA ALA C 966 6.99 -35.67 -34.99
C ALA C 966 5.70 -36.00 -34.23
N ARG C 967 5.04 -35.00 -33.64
CA ARG C 967 3.79 -35.20 -32.90
C ARG C 967 2.65 -35.69 -33.82
N LYS C 968 1.59 -36.25 -33.23
CA LYS C 968 0.45 -36.71 -34.01
C LYS C 968 -0.42 -35.51 -34.42
N ASP C 969 -0.59 -34.53 -33.52
CA ASP C 969 -1.41 -33.36 -33.77
C ASP C 969 -0.83 -32.39 -34.82
N TYR C 970 0.48 -32.49 -35.13
CA TYR C 970 1.07 -31.60 -36.12
C TYR C 970 0.64 -31.94 -37.52
N ILE C 971 0.03 -30.98 -38.21
CA ILE C 971 -0.38 -31.11 -39.59
C ILE C 971 0.08 -29.83 -40.26
N PHE C 972 1.04 -29.92 -41.19
CA PHE C 972 1.57 -28.74 -41.87
C PHE C 972 0.46 -27.98 -42.61
N PRO C 973 0.36 -26.65 -42.40
CA PRO C 973 -0.72 -25.87 -43.04
C PRO C 973 -0.80 -26.03 -44.56
N GLY C 974 0.35 -26.18 -45.19
CA GLY C 974 0.42 -26.38 -46.63
C GLY C 974 -0.23 -27.69 -47.03
N ASP C 975 -0.03 -28.74 -46.22
CA ASP C 975 -0.61 -30.05 -46.45
C ASP C 975 -2.15 -30.07 -46.37
N ALA C 976 -2.79 -28.98 -45.90
CA ALA C 976 -4.24 -28.92 -45.88
C ALA C 976 -4.77 -28.53 -47.27
N VAL C 977 -4.73 -29.49 -48.21
CA VAL C 977 -5.20 -29.34 -49.59
C VAL C 977 -6.47 -30.18 -49.77
N LYS C 978 -6.40 -31.50 -49.50
CA LYS C 978 -7.55 -32.38 -49.62
C LYS C 978 -7.96 -32.90 -48.24
N LYS D 4 -16.96 -35.15 18.87
CA LYS D 4 -17.88 -36.24 19.23
C LYS D 4 -19.05 -36.41 18.24
N LYS D 5 -19.37 -35.35 17.47
CA LYS D 5 -20.47 -35.39 16.51
C LYS D 5 -19.91 -35.42 15.09
N THR D 6 -20.46 -36.27 14.23
CA THR D 6 -20.01 -36.37 12.84
C THR D 6 -21.22 -36.21 11.94
N ILE D 7 -21.16 -35.29 10.98
CA ILE D 7 -22.29 -35.03 10.08
C ILE D 7 -21.88 -35.05 8.60
N THR D 8 -22.89 -35.10 7.70
CA THR D 8 -22.66 -35.08 6.27
C THR D 8 -23.50 -33.96 5.61
N ILE D 9 -22.84 -32.85 5.25
CA ILE D 9 -23.50 -31.71 4.62
C ILE D 9 -23.32 -31.76 3.12
N ASN D 10 -24.43 -31.80 2.36
CA ASN D 10 -24.41 -31.80 0.90
C ASN D 10 -23.60 -32.95 0.30
N GLY D 11 -23.57 -34.08 0.99
CA GLY D 11 -22.80 -35.22 0.54
C GLY D 11 -21.47 -35.36 1.24
N VAL D 12 -20.72 -34.25 1.37
CA VAL D 12 -19.40 -34.30 2.03
C VAL D 12 -19.55 -34.43 3.55
N GLU D 13 -18.86 -35.41 4.13
CA GLU D 13 -18.92 -35.64 5.56
C GLU D 13 -17.75 -34.96 6.27
N MET D 14 -18.01 -34.42 7.46
CA MET D 14 -16.98 -33.77 8.26
C MET D 14 -17.38 -33.71 9.73
N GLU D 15 -16.40 -33.73 10.63
CA GLU D 15 -16.66 -33.71 12.06
C GLU D 15 -17.10 -32.34 12.56
N ALA D 16 -18.03 -32.32 13.51
CA ALA D 16 -18.56 -31.11 14.12
C ALA D 16 -17.83 -30.81 15.42
N SER D 17 -17.49 -29.53 15.64
CA SER D 17 -16.78 -29.11 16.84
C SER D 17 -17.79 -28.79 18.00
N GLU D 18 -17.94 -27.51 18.41
CA GLU D 18 -18.90 -27.15 19.47
C GLU D 18 -20.17 -26.44 18.93
N GLU D 19 -20.41 -26.53 17.59
CA GLU D 19 -21.57 -25.92 16.93
C GLU D 19 -22.88 -26.50 17.46
N GLN D 20 -23.59 -25.71 18.27
CA GLN D 20 -24.85 -26.16 18.85
C GLN D 20 -25.97 -26.30 17.82
N THR D 21 -25.95 -25.50 16.74
CA THR D 21 -27.00 -25.58 15.72
C THR D 21 -26.44 -25.94 14.34
N VAL D 22 -27.32 -26.35 13.41
CA VAL D 22 -26.95 -26.69 12.05
C VAL D 22 -26.42 -25.44 11.33
N LEU D 23 -27.12 -24.30 11.51
CA LEU D 23 -26.73 -23.02 10.90
C LEU D 23 -25.36 -22.58 11.38
N GLN D 24 -25.08 -22.72 12.68
CA GLN D 24 -23.78 -22.37 13.26
C GLN D 24 -22.66 -23.12 12.57
N LEU D 25 -22.89 -24.41 12.27
CA LEU D 25 -21.93 -25.25 11.58
C LEU D 25 -21.81 -24.83 10.12
N LEU D 26 -22.94 -24.63 9.40
CA LEU D 26 -22.99 -24.20 8.01
C LEU D 26 -22.21 -22.89 7.79
N ASN D 27 -22.30 -21.98 8.78
CA ASN D 27 -21.62 -20.69 8.75
C ASN D 27 -20.10 -20.87 8.90
N ASN D 28 -19.67 -21.71 9.85
CA ASN D 28 -18.24 -21.99 10.05
C ASN D 28 -17.67 -22.76 8.86
N SER D 29 -18.49 -23.60 8.21
CA SER D 29 -18.12 -24.38 7.03
C SER D 29 -18.17 -23.57 5.71
N SER D 30 -18.56 -22.28 5.77
CA SER D 30 -18.68 -21.38 4.63
C SER D 30 -19.62 -21.91 3.54
N ILE D 31 -20.78 -22.41 3.99
CA ILE D 31 -21.82 -22.92 3.10
C ILE D 31 -22.98 -21.90 3.05
N GLU D 32 -23.35 -21.49 1.82
CA GLU D 32 -24.38 -20.47 1.60
C GLU D 32 -25.78 -20.85 2.13
N VAL D 33 -26.30 -20.04 3.09
CA VAL D 33 -27.63 -20.21 3.66
C VAL D 33 -28.21 -18.87 4.17
N PRO D 34 -29.37 -18.45 3.64
CA PRO D 34 -29.98 -17.17 4.08
C PRO D 34 -30.33 -17.19 5.56
N GLN D 35 -30.20 -16.05 6.23
CA GLN D 35 -30.46 -15.94 7.67
C GLN D 35 -30.80 -14.50 7.99
N VAL D 36 -31.87 -14.01 7.36
CA VAL D 36 -32.30 -12.62 7.53
C VAL D 36 -32.56 -12.24 8.99
N CYS D 37 -33.18 -13.14 9.78
CA CYS D 37 -33.47 -12.83 11.17
C CYS D 37 -32.41 -13.36 12.17
N TYR D 38 -31.33 -14.00 11.70
CA TYR D 38 -30.30 -14.49 12.63
C TYR D 38 -29.17 -13.50 12.85
N HIS D 39 -29.00 -13.10 14.09
CA HIS D 39 -27.93 -12.23 14.51
C HIS D 39 -27.28 -12.96 15.66
N PRO D 40 -25.98 -13.27 15.54
CA PRO D 40 -25.30 -14.03 16.60
C PRO D 40 -25.44 -13.50 18.01
N SER D 41 -25.54 -12.18 18.19
CA SER D 41 -25.69 -11.61 19.51
C SER D 41 -27.06 -11.89 20.13
N LEU D 42 -28.09 -12.11 19.30
CA LEU D 42 -29.46 -12.34 19.77
C LEU D 42 -29.83 -13.82 19.88
N GLY D 43 -29.28 -14.64 19.00
CA GLY D 43 -29.65 -16.05 18.95
C GLY D 43 -30.79 -16.30 17.99
N PRO D 44 -31.19 -17.57 17.82
CA PRO D 44 -32.26 -17.87 16.85
C PRO D 44 -33.62 -17.27 17.20
N ILE D 45 -34.39 -16.88 16.17
CA ILE D 45 -35.70 -16.30 16.39
C ILE D 45 -36.80 -17.07 15.65
N GLU D 46 -36.45 -17.67 14.48
CA GLU D 46 -37.35 -18.47 13.63
C GLU D 46 -38.49 -17.64 13.03
N THR D 47 -38.19 -16.39 12.67
CA THR D 47 -39.20 -15.49 12.11
C THR D 47 -39.12 -15.27 10.61
N CYS D 48 -37.91 -15.20 10.04
CA CYS D 48 -37.77 -14.93 8.60
C CYS D 48 -38.06 -16.14 7.73
N ASP D 49 -37.75 -17.36 8.23
CA ASP D 49 -37.97 -18.63 7.53
C ASP D 49 -37.18 -18.74 6.23
N THR D 50 -35.98 -18.17 6.18
CA THR D 50 -35.15 -18.22 4.97
C THR D 50 -34.00 -19.26 5.07
N CYS D 51 -33.75 -19.83 6.24
CA CYS D 51 -32.69 -20.82 6.42
C CYS D 51 -33.21 -22.24 6.25
N ILE D 52 -34.23 -22.43 5.40
CA ILE D 52 -34.84 -23.74 5.17
C ILE D 52 -33.90 -24.73 4.49
N VAL D 53 -33.26 -25.58 5.28
CA VAL D 53 -32.40 -26.63 4.74
C VAL D 53 -33.02 -28.00 5.09
N SER D 54 -32.62 -29.08 4.39
CA SER D 54 -33.19 -30.40 4.67
C SER D 54 -32.37 -31.25 5.63
N ILE D 55 -32.80 -31.27 6.91
CA ILE D 55 -32.17 -32.06 7.95
C ILE D 55 -32.80 -33.47 7.86
N ASN D 56 -32.10 -34.42 7.23
CA ASN D 56 -32.56 -35.79 7.05
C ASN D 56 -33.87 -35.89 6.24
N GLY D 57 -33.95 -35.14 5.14
CA GLY D 57 -35.13 -35.13 4.27
C GLY D 57 -36.25 -34.23 4.73
N GLU D 58 -36.22 -33.78 5.99
CA GLU D 58 -37.24 -32.90 6.54
C GLU D 58 -36.81 -31.44 6.36
N LEU D 59 -37.66 -30.59 5.76
CA LEU D 59 -37.34 -29.19 5.60
C LEU D 59 -37.47 -28.51 6.96
N LYS D 60 -36.36 -27.98 7.47
CA LYS D 60 -36.35 -27.37 8.79
C LYS D 60 -35.50 -26.09 8.81
N ARG D 61 -35.83 -25.15 9.72
CA ARG D 61 -35.08 -23.92 9.89
C ARG D 61 -33.75 -24.32 10.54
N SER D 62 -32.64 -24.06 9.87
CA SER D 62 -31.33 -24.44 10.40
C SER D 62 -30.86 -23.60 11.57
N CYS D 63 -31.37 -22.37 11.72
CA CYS D 63 -30.96 -21.52 12.85
C CYS D 63 -31.35 -22.12 14.19
N SER D 64 -32.49 -22.81 14.24
CA SER D 64 -32.99 -23.44 15.46
C SER D 64 -32.67 -24.93 15.52
N ALA D 65 -32.52 -25.59 14.37
CA ALA D 65 -32.21 -27.03 14.31
C ALA D 65 -30.93 -27.40 15.07
N GLU D 66 -31.06 -28.28 16.06
CA GLU D 66 -29.90 -28.71 16.84
C GLU D 66 -29.10 -29.73 16.04
N LEU D 67 -27.80 -29.54 16.00
CA LEU D 67 -26.88 -30.39 15.26
C LEU D 67 -26.68 -31.72 15.97
N LYS D 68 -27.42 -32.76 15.58
CA LYS D 68 -27.28 -34.07 16.20
C LYS D 68 -26.19 -34.89 15.49
N ASP D 69 -25.68 -35.93 16.17
CA ASP D 69 -24.66 -36.79 15.57
C ASP D 69 -25.33 -37.66 14.50
N GLY D 70 -24.73 -37.69 13.31
CA GLY D 70 -25.25 -38.47 12.20
C GLY D 70 -26.44 -37.83 11.51
N ASP D 71 -26.32 -36.54 11.20
CA ASP D 71 -27.39 -35.81 10.51
C ASP D 71 -27.00 -35.54 9.07
N VAL D 72 -27.90 -35.83 8.12
CA VAL D 72 -27.64 -35.61 6.70
C VAL D 72 -28.33 -34.32 6.27
N ILE D 73 -27.60 -33.21 6.34
CA ILE D 73 -28.15 -31.90 6.00
C ILE D 73 -27.86 -31.55 4.55
N ASP D 74 -28.85 -31.03 3.83
CA ASP D 74 -28.67 -30.63 2.44
C ASP D 74 -29.14 -29.19 2.29
N THR D 75 -28.29 -28.36 1.67
CA THR D 75 -28.57 -26.94 1.49
C THR D 75 -28.53 -26.54 0.00
N LEU D 76 -28.75 -27.49 -0.93
CA LEU D 76 -28.65 -27.17 -2.34
C LEU D 76 -29.75 -27.74 -3.25
N SER D 77 -30.56 -28.70 -2.75
CA SER D 77 -31.61 -29.30 -3.60
C SER D 77 -32.68 -28.29 -4.06
N PRO D 78 -33.32 -28.52 -5.22
CA PRO D 78 -34.33 -27.55 -5.71
C PRO D 78 -35.45 -27.26 -4.73
N ASP D 79 -35.84 -28.24 -3.91
CA ASP D 79 -36.89 -28.05 -2.92
C ASP D 79 -36.45 -27.13 -1.79
N VAL D 80 -35.19 -27.25 -1.30
CA VAL D 80 -34.72 -26.37 -0.24
C VAL D 80 -34.59 -24.94 -0.74
N LYS D 81 -34.16 -24.75 -2.00
CA LYS D 81 -34.04 -23.41 -2.57
C LYS D 81 -35.41 -22.82 -2.85
N LYS D 82 -36.36 -23.64 -3.33
CA LYS D 82 -37.73 -23.17 -3.55
C LYS D 82 -38.42 -22.76 -2.24
N ALA D 83 -38.00 -23.34 -1.11
CA ALA D 83 -38.54 -23.01 0.21
C ALA D 83 -37.93 -21.72 0.75
N GLN D 84 -36.65 -21.47 0.46
CA GLN D 84 -35.98 -20.27 0.90
C GLN D 84 -36.57 -19.06 0.19
N VAL D 85 -36.77 -19.17 -1.14
CA VAL D 85 -37.33 -18.07 -1.93
C VAL D 85 -38.76 -17.73 -1.48
N ILE D 86 -39.54 -18.74 -1.03
CA ILE D 86 -40.89 -18.54 -0.52
C ILE D 86 -40.86 -17.70 0.76
N GLY D 87 -39.92 -17.99 1.65
CA GLY D 87 -39.73 -17.23 2.88
C GLY D 87 -39.32 -15.80 2.59
N MET D 88 -38.46 -15.63 1.56
CA MET D 88 -37.99 -14.33 1.13
C MET D 88 -39.14 -13.50 0.54
N ASP D 89 -40.07 -14.15 -0.17
CA ASP D 89 -41.21 -13.47 -0.78
C ASP D 89 -42.08 -12.76 0.24
N LYS D 90 -42.20 -13.34 1.45
CA LYS D 90 -42.97 -12.72 2.53
C LYS D 90 -42.21 -11.55 3.13
N ILE D 91 -40.87 -11.63 3.19
CA ILE D 91 -40.00 -10.55 3.66
C ILE D 91 -40.16 -9.37 2.70
N LEU D 92 -40.11 -9.63 1.39
CA LEU D 92 -40.25 -8.64 0.33
C LEU D 92 -41.66 -8.07 0.21
N TYR D 93 -42.67 -8.82 0.63
CA TYR D 93 -44.04 -8.33 0.67
C TYR D 93 -44.15 -7.27 1.82
N ASN D 94 -43.39 -7.45 2.91
CA ASN D 94 -43.34 -6.53 4.05
C ASN D 94 -42.22 -5.48 3.96
N HIS D 95 -41.41 -5.50 2.89
CA HIS D 95 -40.31 -4.56 2.76
C HIS D 95 -40.16 -4.13 1.32
N GLU D 96 -40.16 -2.83 1.08
CA GLU D 96 -40.02 -2.28 -0.26
C GLU D 96 -38.57 -2.05 -0.60
N LEU D 97 -38.10 -2.63 -1.69
CA LEU D 97 -36.72 -2.45 -2.10
C LEU D 97 -36.64 -1.18 -2.89
N TYR D 98 -35.86 -0.22 -2.43
CA TYR D 98 -35.61 1.02 -3.16
C TYR D 98 -34.17 1.52 -2.98
N CYS D 99 -33.26 0.58 -2.70
CA CYS D 99 -31.84 0.64 -2.36
C CYS D 99 -31.07 1.85 -2.88
N THR D 100 -31.11 2.17 -4.18
CA THR D 100 -30.35 3.33 -4.71
C THR D 100 -30.70 4.64 -4.01
N VAL D 101 -31.93 4.76 -3.48
CA VAL D 101 -32.39 5.93 -2.73
C VAL D 101 -32.72 5.59 -1.27
N CYS D 102 -32.01 4.62 -0.71
CA CYS D 102 -32.21 4.21 0.67
C CYS D 102 -30.91 4.43 1.42
N ASP D 103 -31.00 4.98 2.64
CA ASP D 103 -29.82 5.26 3.46
C ASP D 103 -29.17 4.01 4.04
N TYR D 104 -29.88 2.87 4.04
CA TYR D 104 -29.33 1.59 4.54
C TYR D 104 -28.57 0.78 3.44
N ASN D 105 -28.49 1.31 2.22
CA ASN D 105 -27.79 0.65 1.13
C ASN D 105 -26.29 0.96 1.26
N ASN D 106 -25.64 0.52 2.36
CA ASN D 106 -24.22 0.74 2.62
C ASN D 106 -23.42 -0.56 2.60
N GLY D 107 -23.86 -1.51 1.78
CA GLY D 107 -23.19 -2.80 1.68
C GLY D 107 -23.48 -3.78 2.81
N GLY D 108 -24.00 -3.29 3.93
CA GLY D 108 -24.29 -4.14 5.07
C GLY D 108 -25.74 -4.46 5.32
N CYS D 109 -26.61 -4.15 4.33
CA CYS D 109 -28.03 -4.42 4.50
C CYS D 109 -28.34 -5.89 4.25
N GLU D 110 -28.83 -6.60 5.29
CA GLU D 110 -29.13 -8.02 5.21
C GLU D 110 -30.26 -8.37 4.23
N ILE D 111 -31.25 -7.50 4.03
CA ILE D 111 -32.29 -7.76 3.03
C ILE D 111 -31.65 -7.61 1.64
N HIS D 112 -30.93 -6.50 1.42
CA HIS D 112 -30.26 -6.23 0.16
C HIS D 112 -29.33 -7.36 -0.26
N ASN D 113 -28.37 -7.73 0.60
CA ASN D 113 -27.43 -8.78 0.25
C ASN D 113 -28.06 -10.16 0.19
N THR D 114 -29.22 -10.39 0.85
CA THR D 114 -29.87 -11.69 0.76
C THR D 114 -30.57 -11.79 -0.60
N VAL D 115 -31.26 -10.72 -1.04
CA VAL D 115 -31.90 -10.70 -2.36
C VAL D 115 -30.83 -10.89 -3.46
N LYS D 116 -29.65 -10.31 -3.25
CA LYS D 116 -28.51 -10.40 -4.15
C LYS D 116 -27.91 -11.82 -4.15
N GLU D 117 -27.71 -12.41 -2.96
CA GLU D 117 -27.16 -13.76 -2.83
C GLU D 117 -28.07 -14.80 -3.43
N MET D 118 -29.38 -14.63 -3.21
CA MET D 118 -30.36 -15.59 -3.71
C MET D 118 -30.64 -15.49 -5.21
N LYS D 119 -29.89 -14.64 -5.94
CA LYS D 119 -30.02 -14.43 -7.38
C LYS D 119 -31.49 -14.19 -7.80
N ILE D 120 -32.21 -13.41 -6.98
CA ILE D 120 -33.62 -13.07 -7.16
C ILE D 120 -33.77 -11.99 -8.21
N ASN D 121 -34.72 -12.19 -9.14
CA ASN D 121 -35.00 -11.20 -10.18
C ASN D 121 -36.44 -10.71 -10.14
N HIS D 122 -37.37 -11.51 -9.60
CA HIS D 122 -38.77 -11.10 -9.49
C HIS D 122 -39.29 -11.28 -8.05
N GLN D 123 -40.42 -10.64 -7.72
CA GLN D 123 -41.02 -10.74 -6.40
C GLN D 123 -42.43 -11.31 -6.54
N SER D 124 -42.65 -12.54 -6.04
CA SER D 124 -43.95 -13.22 -6.15
C SER D 124 -45.09 -12.49 -5.44
N ILE D 125 -44.89 -12.04 -4.19
CA ILE D 125 -45.93 -11.30 -3.48
C ILE D 125 -45.61 -9.82 -3.59
N PRO D 126 -46.42 -9.05 -4.33
CA PRO D 126 -46.15 -7.61 -4.47
C PRO D 126 -46.16 -6.87 -3.14
N PHE D 127 -45.28 -5.86 -3.00
CA PHE D 127 -45.19 -5.08 -1.77
C PHE D 127 -46.50 -4.36 -1.47
N ASP D 128 -47.08 -4.62 -0.30
CA ASP D 128 -48.30 -3.93 0.10
C ASP D 128 -47.98 -3.07 1.32
N HIS D 129 -48.33 -1.79 1.28
CA HIS D 129 -48.06 -0.87 2.38
C HIS D 129 -48.84 -1.29 3.62
N LYS D 130 -48.23 -1.21 4.80
CA LYS D 130 -48.93 -1.52 6.05
C LYS D 130 -49.84 -0.35 6.41
N PRO D 131 -51.00 -0.60 7.05
CA PRO D 131 -51.92 0.50 7.38
C PRO D 131 -51.52 1.33 8.59
N TYR D 132 -50.25 1.76 8.66
CA TYR D 132 -49.76 2.57 9.78
C TYR D 132 -48.87 3.69 9.27
N HIS D 133 -48.78 4.78 10.02
N HIS D 133 -48.78 4.77 10.03
CA HIS D 133 -47.91 5.89 9.66
CA HIS D 133 -47.91 5.90 9.73
C HIS D 133 -46.54 5.74 10.37
C HIS D 133 -46.52 5.72 10.37
N LYS D 134 -45.50 6.42 9.86
CA LYS D 134 -44.15 6.33 10.43
C LYS D 134 -44.16 6.94 11.82
N ASP D 135 -43.55 6.24 12.79
CA ASP D 135 -43.49 6.76 14.14
C ASP D 135 -42.21 7.55 14.26
N GLU D 136 -42.27 8.84 13.95
CA GLU D 136 -41.10 9.70 14.00
C GLU D 136 -41.15 10.60 15.24
N SER D 137 -41.74 10.12 16.35
CA SER D 137 -41.86 10.94 17.55
C SER D 137 -40.56 11.10 18.34
N HIS D 138 -39.75 10.03 18.43
CA HIS D 138 -38.49 9.99 19.17
C HIS D 138 -37.45 10.93 18.56
N PRO D 139 -36.59 11.58 19.36
CA PRO D 139 -35.62 12.50 18.77
C PRO D 139 -34.47 11.85 18.04
N PHE D 140 -34.14 10.58 18.39
CA PHE D 140 -32.98 9.90 17.85
C PHE D 140 -33.20 8.86 16.76
N TYR D 141 -34.29 8.11 16.80
CA TYR D 141 -34.55 7.10 15.77
C TYR D 141 -36.02 7.08 15.34
N ARG D 142 -36.35 6.38 14.25
CA ARG D 142 -37.72 6.34 13.77
C ARG D 142 -38.14 4.97 13.28
N TYR D 143 -39.44 4.70 13.32
CA TYR D 143 -39.97 3.42 12.87
C TYR D 143 -40.73 3.61 11.56
N ASP D 144 -40.43 2.80 10.55
CA ASP D 144 -41.14 2.86 9.28
C ASP D 144 -41.81 1.50 9.14
N PRO D 145 -43.08 1.38 9.58
CA PRO D 145 -43.75 0.07 9.55
C PRO D 145 -43.88 -0.56 8.16
N ASP D 146 -43.90 0.25 7.10
CA ASP D 146 -44.00 -0.30 5.74
C ASP D 146 -42.77 -1.10 5.35
N GLN D 147 -41.58 -0.72 5.88
CA GLN D 147 -40.31 -1.42 5.65
C GLN D 147 -40.05 -2.56 6.65
N CYS D 148 -40.89 -2.69 7.68
CA CYS D 148 -40.73 -3.71 8.72
C CYS D 148 -41.07 -5.12 8.24
N ILE D 149 -40.12 -6.03 8.33
CA ILE D 149 -40.34 -7.41 7.93
C ILE D 149 -40.83 -8.32 9.06
N LEU D 150 -41.04 -7.76 10.27
CA LEU D 150 -41.49 -8.50 11.45
C LEU D 150 -40.56 -9.65 11.83
N CYS D 151 -39.25 -9.41 11.65
CA CYS D 151 -38.22 -10.39 12.00
C CYS D 151 -38.03 -10.54 13.52
N GLY D 152 -38.44 -9.54 14.29
CA GLY D 152 -38.34 -9.56 15.74
C GLY D 152 -36.93 -9.43 16.28
N ARG D 153 -35.97 -8.94 15.48
CA ARG D 153 -34.61 -8.76 15.96
C ARG D 153 -34.55 -7.66 17.01
N CYS D 154 -35.29 -6.57 16.75
CA CYS D 154 -35.39 -5.44 17.67
C CYS D 154 -36.07 -5.86 18.96
N VAL D 155 -37.10 -6.73 18.87
CA VAL D 155 -37.85 -7.27 20.02
C VAL D 155 -36.93 -8.15 20.88
N GLU D 156 -36.13 -9.02 20.24
CA GLU D 156 -35.18 -9.86 20.96
C GLU D 156 -34.14 -9.00 21.69
N ALA D 157 -33.68 -7.92 21.03
CA ALA D 157 -32.71 -7.02 21.63
C ALA D 157 -33.32 -6.25 22.81
N CYS D 158 -34.49 -5.64 22.63
CA CYS D 158 -35.15 -4.87 23.68
C CYS D 158 -35.50 -5.75 24.86
N GLN D 159 -36.04 -6.93 24.59
CA GLN D 159 -36.49 -7.83 25.65
C GLN D 159 -35.36 -8.59 26.34
N ASP D 160 -34.55 -9.34 25.57
CA ASP D 160 -33.58 -10.24 26.14
C ASP D 160 -32.11 -9.80 26.12
N VAL D 161 -31.74 -8.72 25.42
CA VAL D 161 -30.34 -8.28 25.41
C VAL D 161 -30.17 -7.02 26.25
N GLN D 162 -30.96 -5.98 25.93
CA GLN D 162 -31.01 -4.69 26.63
C GLN D 162 -31.81 -4.84 27.95
N VAL D 163 -32.88 -5.66 27.91
CA VAL D 163 -33.77 -5.91 29.04
C VAL D 163 -34.37 -4.61 29.52
N THR D 164 -35.06 -3.94 28.60
CA THR D 164 -35.86 -2.72 28.79
C THR D 164 -37.33 -3.13 28.64
N GLU D 165 -37.61 -4.02 27.67
CA GLU D 165 -38.89 -4.66 27.42
C GLU D 165 -39.94 -3.69 26.93
N THR D 166 -39.57 -2.77 26.04
CA THR D 166 -40.52 -1.82 25.46
C THR D 166 -41.14 -2.42 24.20
N LEU D 167 -40.31 -3.03 23.36
CA LEU D 167 -40.73 -3.58 22.08
C LEU D 167 -41.31 -4.97 22.13
N THR D 168 -42.46 -5.13 21.48
CA THR D 168 -43.18 -6.39 21.27
C THR D 168 -43.77 -6.35 19.87
N ILE D 169 -44.11 -7.51 19.30
CA ILE D 169 -44.76 -7.54 17.99
C ILE D 169 -46.21 -7.93 18.24
N ASP D 170 -47.17 -7.11 17.78
CA ASP D 170 -48.57 -7.44 17.96
C ASP D 170 -48.93 -8.45 16.89
N TRP D 171 -48.65 -9.73 17.17
CA TRP D 171 -48.93 -10.82 16.24
C TRP D 171 -50.43 -10.99 16.06
N GLU D 172 -51.20 -10.82 17.14
CA GLU D 172 -52.65 -10.97 17.16
C GLU D 172 -53.41 -9.98 16.28
N ARG D 173 -52.72 -8.98 15.72
CA ARG D 173 -53.31 -7.98 14.85
C ARG D 173 -53.45 -8.51 13.41
N LYS D 174 -54.36 -7.91 12.63
CA LYS D 174 -54.60 -8.26 11.22
C LYS D 174 -53.31 -8.13 10.40
N ARG D 175 -52.61 -6.99 10.55
CA ARG D 175 -51.35 -6.73 9.89
C ARG D 175 -50.34 -6.40 10.98
N PRO D 176 -49.60 -7.40 11.49
CA PRO D 176 -48.67 -7.13 12.61
C PRO D 176 -47.65 -6.03 12.40
N ARG D 177 -47.18 -5.46 13.51
CA ARG D 177 -46.18 -4.40 13.55
C ARG D 177 -45.49 -4.36 14.92
N VAL D 178 -44.31 -3.74 15.02
CA VAL D 178 -43.62 -3.61 16.29
C VAL D 178 -44.31 -2.49 17.09
N ILE D 179 -44.72 -2.79 18.33
CA ILE D 179 -45.38 -1.80 19.17
C ILE D 179 -44.52 -1.46 20.37
N TRP D 180 -44.59 -0.20 20.79
CA TRP D 180 -43.82 0.33 21.91
C TRP D 180 -44.78 0.36 23.08
N ASP D 181 -44.49 -0.41 24.16
CA ASP D 181 -45.40 -0.52 25.31
C ASP D 181 -46.75 -1.10 24.81
N ASN D 182 -47.92 -0.51 25.16
CA ASN D 182 -49.17 -1.03 24.61
C ASN D 182 -49.60 -0.16 23.45
N ASP D 183 -48.76 -0.19 22.40
CA ASP D 183 -48.88 0.56 21.18
C ASP D 183 -49.03 2.04 21.42
N VAL D 184 -48.00 2.66 21.99
CA VAL D 184 -47.95 4.09 22.23
C VAL D 184 -46.82 4.71 21.35
N PRO D 185 -46.85 6.04 21.10
CA PRO D 185 -45.77 6.65 20.30
C PRO D 185 -44.42 6.49 20.98
N ILE D 186 -43.36 6.20 20.21
CA ILE D 186 -42.01 5.94 20.71
C ILE D 186 -41.55 6.92 21.77
N ASN D 187 -41.75 8.22 21.52
CA ASN D 187 -41.34 9.27 22.45
C ASN D 187 -42.05 9.18 23.81
N GLU D 188 -43.32 8.79 23.83
CA GLU D 188 -44.06 8.66 25.09
C GLU D 188 -43.87 7.32 25.79
N SER D 189 -43.24 6.34 25.14
CA SER D 189 -43.02 5.02 25.74
C SER D 189 -41.86 4.98 26.76
N SER D 190 -41.62 3.80 27.37
CA SER D 190 -40.53 3.55 28.31
C SER D 190 -39.17 3.40 27.61
N CYS D 191 -39.11 3.56 26.27
CA CYS D 191 -37.89 3.42 25.47
C CYS D 191 -36.78 4.28 26.02
N VAL D 192 -35.75 3.60 26.55
CA VAL D 192 -34.60 4.26 27.16
C VAL D 192 -33.63 4.87 26.15
N SER D 193 -33.90 4.75 24.83
CA SER D 193 -33.11 5.29 23.71
C SER D 193 -31.70 4.66 23.60
N CYS D 194 -31.55 3.39 23.99
CA CYS D 194 -30.27 2.68 23.95
C CYS D 194 -29.72 2.49 22.54
N GLY D 195 -30.61 2.42 21.56
CA GLY D 195 -30.18 2.25 20.18
C GLY D 195 -30.13 0.83 19.69
N HIS D 196 -30.32 -0.14 20.59
CA HIS D 196 -30.28 -1.57 20.25
C HIS D 196 -31.16 -1.95 19.07
N CYS D 197 -32.42 -1.52 19.08
CA CYS D 197 -33.38 -1.88 18.04
C CYS D 197 -32.98 -1.41 16.63
N SER D 198 -32.37 -0.19 16.51
CA SER D 198 -31.87 0.36 15.24
C SER D 198 -30.61 -0.36 14.79
N THR D 199 -29.74 -0.74 15.75
CA THR D 199 -28.52 -1.46 15.47
C THR D 199 -28.85 -2.85 14.87
N VAL D 200 -29.64 -3.68 15.58
CA VAL D 200 -29.98 -5.03 15.18
C VAL D 200 -30.96 -5.12 13.99
N CYS D 201 -31.71 -4.05 13.64
CA CYS D 201 -32.64 -4.14 12.52
C CYS D 201 -31.91 -4.44 11.23
N PRO D 202 -32.29 -5.51 10.52
CA PRO D 202 -31.58 -5.88 9.27
C PRO D 202 -31.86 -5.00 8.04
N CYS D 203 -32.77 -4.03 8.16
CA CYS D 203 -33.08 -3.16 7.02
C CYS D 203 -33.22 -1.67 7.47
N ASN D 204 -33.92 -0.80 6.71
CA ASN D 204 -34.10 0.58 7.13
C ASN D 204 -35.34 0.79 8.01
N ALA D 205 -36.13 -0.29 8.31
CA ALA D 205 -37.37 -0.28 9.09
C ALA D 205 -37.23 0.44 10.42
N MET D 206 -36.09 0.27 11.08
CA MET D 206 -35.77 0.99 12.28
C MET D 206 -34.43 1.60 12.03
N MET D 207 -34.40 2.93 11.89
CA MET D 207 -33.17 3.63 11.57
C MET D 207 -32.98 4.89 12.39
N GLU D 208 -31.73 5.34 12.49
CA GLU D 208 -31.38 6.54 13.22
C GLU D 208 -31.76 7.72 12.36
N LYS D 209 -32.35 8.75 12.98
CA LYS D 209 -32.71 9.95 12.23
C LYS D 209 -31.47 10.65 11.59
N GLY D 210 -30.28 10.38 12.14
CA GLY D 210 -29.03 10.92 11.62
C GLY D 210 -28.71 10.42 10.23
N MET D 211 -29.13 9.18 9.93
CA MET D 211 -28.93 8.55 8.64
C MET D 211 -29.88 9.07 7.58
N GLU D 212 -31.11 9.45 7.97
CA GLU D 212 -32.15 9.93 7.05
C GLU D 212 -31.71 11.11 6.20
N GLY D 213 -31.69 10.89 4.88
CA GLY D 213 -31.31 11.88 3.87
C GLY D 213 -29.83 12.19 3.77
N GLU D 214 -29.02 11.59 4.66
CA GLU D 214 -27.59 11.86 4.69
C GLU D 214 -26.69 10.83 4.04
N ALA D 215 -26.92 9.53 4.27
CA ALA D 215 -26.02 8.49 3.78
C ALA D 215 -25.87 8.36 2.27
N GLY D 216 -26.97 8.46 1.53
CA GLY D 216 -26.92 8.29 0.08
C GLY D 216 -26.74 9.54 -0.75
N TYR D 217 -26.42 9.37 -2.03
CA TYR D 217 -26.29 10.50 -2.94
C TYR D 217 -27.63 11.02 -3.40
N LEU D 218 -28.60 10.12 -3.59
CA LEU D 218 -29.94 10.51 -4.02
C LEU D 218 -30.98 10.52 -2.90
N THR D 219 -30.58 10.28 -1.63
CA THR D 219 -31.53 10.30 -0.51
C THR D 219 -31.89 11.71 -0.02
N GLY D 220 -31.18 12.73 -0.48
CA GLY D 220 -31.48 14.10 -0.12
C GLY D 220 -32.69 14.67 -0.86
N ILE D 221 -33.05 14.05 -2.00
CA ILE D 221 -34.20 14.42 -2.82
C ILE D 221 -35.46 14.31 -1.98
N ASN D 222 -36.21 15.41 -1.85
CA ASN D 222 -37.45 15.45 -1.04
C ASN D 222 -38.40 14.31 -1.38
N ASN D 223 -39.02 13.71 -0.37
CA ASN D 223 -39.92 12.58 -0.56
C ASN D 223 -41.01 12.83 -1.61
N GLU D 224 -41.34 14.08 -1.86
CA GLU D 224 -42.36 14.46 -2.83
C GLU D 224 -41.93 14.08 -4.26
N THR D 225 -40.62 14.19 -4.55
CA THR D 225 -39.97 13.89 -5.84
C THR D 225 -39.38 12.46 -5.83
N LEU D 226 -38.91 12.01 -4.68
CA LEU D 226 -38.31 10.69 -4.55
C LEU D 226 -39.34 9.58 -4.62
N ARG D 227 -40.55 9.81 -4.09
CA ARG D 227 -41.62 8.82 -4.12
C ARG D 227 -42.05 8.47 -5.54
N PRO D 228 -42.32 9.46 -6.43
CA PRO D 228 -42.63 9.11 -7.82
C PRO D 228 -41.44 8.45 -8.52
N MET D 229 -40.19 8.77 -8.13
CA MET D 229 -39.01 8.15 -8.73
C MET D 229 -39.00 6.66 -8.46
N ILE D 230 -39.35 6.27 -7.22
CA ILE D 230 -39.42 4.87 -6.79
C ILE D 230 -40.56 4.17 -7.54
N GLU D 231 -41.70 4.84 -7.72
CA GLU D 231 -42.83 4.27 -8.43
C GLU D 231 -42.55 4.11 -9.92
N ILE D 232 -41.76 5.02 -10.50
CA ILE D 232 -41.37 4.96 -11.91
C ILE D 232 -40.45 3.75 -12.06
N THR D 233 -39.39 3.67 -11.23
CA THR D 233 -38.41 2.60 -11.26
C THR D 233 -39.06 1.25 -11.07
N LYS D 234 -40.00 1.14 -10.12
CA LYS D 234 -40.70 -0.11 -9.87
C LYS D 234 -41.43 -0.63 -11.11
N GLY D 235 -42.08 0.27 -11.83
CA GLY D 235 -42.81 -0.07 -13.05
C GLY D 235 -41.91 -0.44 -14.21
N VAL D 236 -40.84 0.33 -14.40
CA VAL D 236 -39.86 0.12 -15.47
C VAL D 236 -39.08 -1.19 -15.32
N GLU D 237 -38.57 -1.45 -14.10
CA GLU D 237 -37.75 -2.60 -13.70
C GLU D 237 -37.90 -3.87 -14.53
N THR D 238 -36.78 -4.30 -15.14
CA THR D 238 -36.70 -5.53 -15.93
C THR D 238 -36.46 -6.72 -14.97
N GLY D 239 -35.56 -6.52 -14.02
CA GLY D 239 -35.20 -7.51 -13.01
C GLY D 239 -34.55 -6.87 -11.81
N TYR D 240 -34.53 -7.60 -10.68
CA TYR D 240 -33.94 -7.11 -9.44
C TYR D 240 -32.44 -6.99 -9.53
N GLY D 241 -31.79 -7.91 -10.22
CA GLY D 241 -30.34 -7.90 -10.40
C GLY D 241 -29.81 -6.71 -11.17
N SER D 242 -30.61 -6.17 -12.11
CA SER D 242 -30.18 -5.02 -12.89
C SER D 242 -30.11 -3.77 -12.02
N ILE D 243 -31.19 -3.46 -11.29
CA ILE D 243 -31.25 -2.28 -10.44
C ILE D 243 -30.45 -2.49 -9.12
N LEU D 244 -30.18 -3.76 -8.73
CA LEU D 244 -29.33 -4.06 -7.59
C LEU D 244 -27.88 -3.70 -7.93
N ALA D 245 -27.47 -3.86 -9.21
CA ALA D 245 -26.13 -3.50 -9.66
C ALA D 245 -25.99 -1.98 -9.61
N ILE D 246 -27.02 -1.24 -10.06
CA ILE D 246 -27.04 0.23 -10.01
C ILE D 246 -26.92 0.70 -8.55
N SER D 247 -27.64 0.04 -7.65
CA SER D 247 -27.60 0.35 -6.22
C SER D 247 -26.27 0.00 -5.59
N ASP D 248 -25.58 -1.03 -6.10
CA ASP D 248 -24.29 -1.45 -5.59
C ASP D 248 -23.21 -0.46 -5.98
N MET D 249 -23.29 0.07 -7.21
CA MET D 249 -22.35 1.08 -7.68
C MET D 249 -22.51 2.35 -6.86
N GLU D 250 -23.75 2.72 -6.53
CA GLU D 250 -24.00 3.92 -5.73
C GLU D 250 -23.56 3.67 -4.28
N SER D 251 -23.78 2.46 -3.77
CA SER D 251 -23.35 2.08 -2.43
C SER D 251 -21.82 2.19 -2.32
N ALA D 252 -21.11 1.74 -3.36
CA ALA D 252 -19.66 1.81 -3.42
C ALA D 252 -19.19 3.25 -3.39
N MET D 253 -19.88 4.13 -4.12
CA MET D 253 -19.57 5.55 -4.18
C MET D 253 -19.67 6.23 -2.84
N ARG D 254 -20.57 5.77 -1.97
CA ARG D 254 -20.72 6.36 -0.64
C ARG D 254 -19.43 6.38 0.16
N ASP D 255 -18.51 5.46 -0.12
CA ASP D 255 -17.20 5.40 0.53
C ASP D 255 -16.38 6.68 0.38
N GLU D 256 -16.73 7.54 -0.59
CA GLU D 256 -16.07 8.82 -0.80
C GLU D 256 -16.48 9.80 0.30
N ARG D 257 -17.77 9.83 0.64
CA ARG D 257 -18.40 10.72 1.63
C ARG D 257 -18.30 10.24 3.10
N ILE D 258 -18.97 9.10 3.41
CA ILE D 258 -19.08 8.53 4.74
C ILE D 258 -17.78 7.93 5.23
N LYS D 259 -17.35 8.39 6.39
CA LYS D 259 -16.12 7.91 7.01
C LYS D 259 -16.53 7.09 8.24
N LYS D 260 -16.03 5.87 8.34
CA LYS D 260 -16.37 4.99 9.46
C LYS D 260 -15.12 4.78 10.34
N THR D 261 -15.14 5.30 11.58
CA THR D 261 -13.96 5.26 12.46
C THR D 261 -14.21 4.62 13.81
N LYS D 262 -13.36 3.65 14.22
CA LYS D 262 -13.49 3.00 15.53
C LYS D 262 -13.13 3.95 16.66
N THR D 263 -13.94 3.99 17.69
CA THR D 263 -13.68 4.81 18.86
C THR D 263 -14.12 4.09 20.15
N VAL D 264 -13.70 4.60 21.31
CA VAL D 264 -14.10 4.07 22.61
C VAL D 264 -14.93 5.16 23.25
N CYS D 265 -16.13 4.84 23.70
CA CYS D 265 -17.08 5.77 24.30
C CYS D 265 -16.45 6.69 25.33
N THR D 266 -16.70 7.99 25.18
CA THR D 266 -16.17 9.01 26.08
C THR D 266 -16.94 9.11 27.40
N TYR D 267 -18.05 8.36 27.58
CA TYR D 267 -18.88 8.53 28.76
C TYR D 267 -18.45 7.68 29.97
N CYS D 268 -19.05 6.48 30.20
CA CYS D 268 -18.80 5.70 31.40
C CYS D 268 -17.78 4.59 31.22
N GLY D 269 -17.45 3.94 32.35
CA GLY D 269 -16.46 2.88 32.46
C GLY D 269 -16.81 1.53 31.86
N VAL D 270 -18.00 1.34 31.27
CA VAL D 270 -18.30 0.06 30.60
C VAL D 270 -17.34 -0.18 29.43
N GLY D 271 -16.84 0.89 28.82
CA GLY D 271 -15.83 0.80 27.79
C GLY D 271 -16.34 0.33 26.45
N CYS D 272 -17.52 0.79 26.08
CA CYS D 272 -18.09 0.42 24.80
C CYS D 272 -17.27 0.99 23.67
N SER D 273 -16.92 0.16 22.70
CA SER D 273 -16.25 0.62 21.50
C SER D 273 -17.25 0.44 20.35
N PHE D 274 -17.16 1.28 19.32
CA PHE D 274 -18.06 1.26 18.18
C PHE D 274 -17.49 2.11 17.04
N ASP D 275 -18.13 2.07 15.85
CA ASP D 275 -17.67 2.89 14.73
C ASP D 275 -18.53 4.13 14.63
N VAL D 276 -17.93 5.30 14.37
CA VAL D 276 -18.71 6.53 14.18
C VAL D 276 -18.81 6.74 12.66
N TRP D 277 -20.04 6.91 12.15
CA TRP D 277 -20.24 7.13 10.72
C TRP D 277 -20.41 8.61 10.54
N THR D 278 -19.45 9.28 9.86
CA THR D 278 -19.51 10.72 9.71
C THR D 278 -19.38 11.22 8.29
N LYS D 279 -20.32 12.06 7.85
CA LYS D 279 -20.25 12.67 6.53
C LYS D 279 -19.82 14.10 6.77
N GLY D 280 -18.53 14.34 6.64
CA GLY D 280 -17.96 15.64 6.93
C GLY D 280 -17.86 15.73 8.43
N ARG D 281 -18.50 16.73 9.02
CA ARG D 281 -18.55 16.86 10.47
C ARG D 281 -19.83 16.29 11.11
N ASP D 282 -20.80 15.85 10.29
CA ASP D 282 -22.05 15.34 10.81
C ASP D 282 -21.90 13.91 11.19
N ILE D 283 -22.34 13.56 12.40
CA ILE D 283 -22.36 12.17 12.84
C ILE D 283 -23.67 11.61 12.32
N LEU D 284 -23.59 10.63 11.43
CA LEU D 284 -24.75 9.97 10.85
C LEU D 284 -25.31 8.93 11.87
N LYS D 285 -24.47 7.99 12.29
CA LYS D 285 -24.87 6.99 13.27
C LYS D 285 -23.66 6.38 13.95
N VAL D 286 -23.87 5.92 15.17
CA VAL D 286 -22.83 5.23 15.92
C VAL D 286 -23.16 3.77 15.63
N GLU D 287 -22.32 3.11 14.83
CA GLU D 287 -22.51 1.73 14.40
C GLU D 287 -21.73 0.75 15.25
N PRO D 288 -22.41 0.06 16.18
CA PRO D 288 -21.70 -0.94 17.00
C PRO D 288 -21.26 -2.15 16.18
N GLN D 289 -20.22 -2.82 16.66
CA GLN D 289 -19.65 -3.98 15.96
C GLN D 289 -19.60 -5.17 16.90
N GLU D 290 -19.89 -6.39 16.39
CA GLU D 290 -19.88 -7.59 17.24
C GLU D 290 -18.52 -7.81 17.89
N GLU D 291 -17.44 -7.46 17.17
CA GLU D 291 -16.06 -7.62 17.66
C GLU D 291 -15.75 -6.77 18.87
N ALA D 292 -16.56 -5.71 19.16
CA ALA D 292 -16.34 -4.83 20.32
C ALA D 292 -16.21 -5.65 21.59
N PRO D 293 -14.99 -5.67 22.17
CA PRO D 293 -14.74 -6.60 23.27
C PRO D 293 -15.59 -6.46 24.52
N ALA D 294 -15.91 -5.23 24.93
CA ALA D 294 -16.66 -5.03 26.16
C ALA D 294 -18.17 -5.00 25.96
N ASN D 295 -18.63 -4.51 24.78
CA ASN D 295 -20.06 -4.36 24.57
C ASN D 295 -20.72 -5.16 23.46
N GLY D 296 -19.97 -5.60 22.46
CA GLY D 296 -20.58 -6.28 21.31
C GLY D 296 -21.41 -5.28 20.53
N ILE D 297 -22.68 -5.59 20.23
CA ILE D 297 -23.55 -4.63 19.53
C ILE D 297 -24.31 -3.70 20.51
N SER D 298 -24.06 -3.83 21.84
CA SER D 298 -24.77 -3.04 22.85
C SER D 298 -24.24 -1.64 23.06
N THR D 299 -25.17 -0.70 23.30
CA THR D 299 -24.89 0.72 23.57
C THR D 299 -26.00 1.28 24.48
N CYS D 300 -25.76 2.45 25.10
CA CYS D 300 -26.80 3.17 25.81
C CYS D 300 -27.04 4.51 25.09
N VAL D 301 -28.06 5.28 25.48
CA VAL D 301 -28.36 6.57 24.85
C VAL D 301 -27.16 7.50 24.72
N LYS D 302 -26.25 7.48 25.72
CA LYS D 302 -25.10 8.37 25.70
C LYS D 302 -24.08 8.05 24.63
N GLY D 303 -23.69 6.79 24.50
CA GLY D 303 -22.72 6.38 23.49
C GLY D 303 -23.32 6.24 22.11
N LYS D 304 -24.60 5.85 22.03
CA LYS D 304 -25.27 5.65 20.76
C LYS D 304 -25.76 6.97 20.18
N PHE D 305 -26.24 7.89 21.01
CA PHE D 305 -26.80 9.14 20.48
C PHE D 305 -26.39 10.44 21.17
N GLY D 306 -25.55 10.38 22.18
CA GLY D 306 -25.18 11.59 22.94
C GLY D 306 -23.92 12.29 22.51
N TRP D 307 -23.63 12.31 21.20
CA TRP D 307 -22.39 12.92 20.70
C TRP D 307 -22.55 14.32 20.15
N ASP D 308 -23.69 14.98 20.36
CA ASP D 308 -23.92 16.32 19.84
C ASP D 308 -22.91 17.36 20.32
N PHE D 309 -22.39 17.20 21.53
CA PHE D 309 -21.45 18.16 22.13
C PHE D 309 -20.20 18.41 21.29
N VAL D 310 -19.76 17.42 20.51
CA VAL D 310 -18.54 17.56 19.73
C VAL D 310 -18.66 18.70 18.71
N ASN D 311 -19.86 18.90 18.16
CA ASN D 311 -20.16 19.94 17.19
C ASN D 311 -20.89 21.13 17.83
N SER D 312 -20.99 21.21 19.17
CA SER D 312 -21.72 22.30 19.83
C SER D 312 -21.13 23.65 19.50
N GLU D 313 -21.98 24.62 19.19
CA GLU D 313 -21.52 25.97 18.90
C GLU D 313 -20.75 26.59 20.08
N GLU D 314 -20.93 26.03 21.30
CA GLU D 314 -20.26 26.46 22.52
C GLU D 314 -18.85 25.89 22.68
N ARG D 315 -18.38 25.04 21.73
CA ARG D 315 -17.04 24.43 21.77
C ARG D 315 -15.98 25.52 21.77
N LEU D 316 -15.00 25.42 22.67
CA LEU D 316 -13.93 26.40 22.73
C LEU D 316 -12.96 26.10 21.59
N THR D 317 -12.72 27.10 20.75
CA THR D 317 -11.82 27.00 19.60
C THR D 317 -10.60 27.91 19.69
N LYS D 318 -10.50 28.74 20.73
CA LYS D 318 -9.38 29.65 20.90
C LYS D 318 -9.03 29.80 22.37
N PRO D 319 -7.73 29.90 22.69
CA PRO D 319 -7.34 30.07 24.09
C PRO D 319 -7.85 31.39 24.64
N LEU D 320 -8.27 31.39 25.91
CA LEU D 320 -8.80 32.59 26.56
C LEU D 320 -7.90 33.04 27.69
N ILE D 321 -7.48 34.30 27.65
CA ILE D 321 -6.69 34.88 28.72
C ILE D 321 -7.51 35.95 29.41
N ARG D 322 -7.75 35.83 30.70
CA ARG D 322 -8.52 36.79 31.47
C ARG D 322 -7.97 38.23 31.36
N GLU D 323 -8.83 39.17 30.96
CA GLU D 323 -8.48 40.58 30.86
C GLU D 323 -9.49 41.37 31.71
N GLY D 324 -9.28 41.36 33.03
CA GLY D 324 -10.16 42.04 33.96
C GLY D 324 -11.46 41.32 34.20
N ASP D 325 -12.60 41.96 33.86
CA ASP D 325 -13.93 41.40 34.05
C ASP D 325 -14.44 40.54 32.88
N HIS D 326 -13.53 40.15 31.96
CA HIS D 326 -13.89 39.35 30.80
C HIS D 326 -12.71 38.48 30.33
N PHE D 327 -12.97 37.58 29.38
CA PHE D 327 -11.94 36.73 28.82
C PHE D 327 -11.57 37.28 27.47
N ARG D 328 -10.29 37.34 27.19
CA ARG D 328 -9.80 37.83 25.92
C ARG D 328 -9.41 36.63 25.07
N GLU D 329 -9.85 36.57 23.80
CA GLU D 329 -9.41 35.49 22.93
C GLU D 329 -7.96 35.85 22.55
N ALA D 330 -7.02 34.94 22.80
CA ALA D 330 -5.62 35.20 22.54
C ALA D 330 -4.94 34.07 21.74
N GLU D 331 -3.79 34.36 21.11
CA GLU D 331 -3.08 33.35 20.34
C GLU D 331 -2.52 32.25 21.23
N TRP D 332 -2.32 31.04 20.68
CA TRP D 332 -1.82 29.91 21.47
C TRP D 332 -0.46 30.20 22.08
N GLU D 333 0.40 30.91 21.33
CA GLU D 333 1.74 31.28 21.78
C GLU D 333 1.71 32.13 23.05
N GLU D 334 0.84 33.15 23.10
CA GLU D 334 0.75 34.02 24.28
C GLU D 334 0.19 33.28 25.50
N ALA D 335 -0.77 32.37 25.26
CA ALA D 335 -1.36 31.60 26.35
C ALA D 335 -0.33 30.62 26.92
N LEU D 336 0.46 29.97 26.04
CA LEU D 336 1.49 29.03 26.49
C LEU D 336 2.64 29.76 27.15
N LEU D 337 3.02 30.93 26.61
CA LEU D 337 4.10 31.77 27.14
C LEU D 337 3.73 32.30 28.53
N LEU D 338 2.44 32.66 28.74
CA LEU D 338 1.97 33.15 30.03
C LEU D 338 1.95 32.02 31.04
N ILE D 339 1.52 30.81 30.63
CA ILE D 339 1.51 29.66 31.53
C ILE D 339 2.95 29.31 31.94
N ALA D 340 3.90 29.35 30.99
CA ALA D 340 5.30 29.09 31.30
C ALA D 340 5.91 30.15 32.21
N SER D 341 5.57 31.44 31.99
CA SER D 341 6.10 32.55 32.79
C SER D 341 5.55 32.52 34.21
N LYS D 342 4.25 32.26 34.39
CA LYS D 342 3.64 32.22 35.72
C LYS D 342 3.97 30.95 36.48
N PHE D 343 4.06 29.80 35.80
CA PHE D 343 4.39 28.56 36.46
C PHE D 343 5.83 28.60 36.97
N THR D 344 6.75 29.19 36.18
CA THR D 344 8.16 29.33 36.57
C THR D 344 8.29 30.33 37.74
N GLU D 345 7.47 31.41 37.71
CA GLU D 345 7.45 32.43 38.75
C GLU D 345 7.06 31.85 40.13
N LEU D 346 5.97 31.07 40.20
CA LEU D 346 5.54 30.46 41.46
C LEU D 346 6.45 29.32 41.89
N LYS D 347 7.08 28.63 40.94
CA LYS D 347 8.01 27.54 41.25
C LYS D 347 9.30 28.11 41.86
N GLU D 348 9.75 29.29 41.39
CA GLU D 348 10.96 29.91 41.93
C GLU D 348 10.70 30.57 43.28
N ALA D 349 9.64 31.37 43.37
CA ALA D 349 9.33 32.11 44.59
C ALA D 349 8.70 31.28 45.71
N PHE D 350 7.81 30.34 45.38
CA PHE D 350 7.11 29.57 46.41
C PHE D 350 7.41 28.07 46.42
N GLY D 351 8.15 27.58 45.44
CA GLY D 351 8.51 26.18 45.37
C GLY D 351 7.68 25.39 44.37
N PRO D 352 8.15 24.18 44.03
CA PRO D 352 7.41 23.35 43.08
C PRO D 352 6.10 22.83 43.65
N ASP D 353 6.06 22.58 44.97
CA ASP D 353 4.86 22.09 45.65
C ASP D 353 3.72 23.12 45.73
N SER D 354 3.94 24.37 45.28
CA SER D 354 2.87 25.37 45.26
C SER D 354 2.02 25.28 43.98
N LEU D 355 2.17 24.20 43.18
CA LEU D 355 1.47 24.04 41.92
C LEU D 355 0.84 22.64 41.84
N ALA D 356 -0.50 22.56 41.82
CA ALA D 356 -1.19 21.28 41.71
C ALA D 356 -1.68 21.03 40.27
N PHE D 357 -1.87 19.76 39.92
CA PHE D 357 -2.25 19.35 38.58
C PHE D 357 -3.34 18.30 38.61
N ILE D 358 -4.44 18.55 37.89
CA ILE D 358 -5.56 17.64 37.83
C ILE D 358 -5.73 17.01 36.44
N THR D 359 -5.64 15.69 36.40
CA THR D 359 -5.82 14.89 35.20
C THR D 359 -7.32 14.61 35.03
N SER D 360 -7.74 14.44 33.78
CA SER D 360 -9.11 14.12 33.47
C SER D 360 -9.27 12.64 33.16
N SER D 361 -10.26 12.00 33.80
CA SER D 361 -10.60 10.63 33.46
C SER D 361 -11.46 10.55 32.17
N LYS D 362 -11.76 11.70 31.54
CA LYS D 362 -12.41 11.77 30.25
C LYS D 362 -11.32 11.62 29.16
N CYS D 363 -10.11 12.15 29.42
CA CYS D 363 -8.96 12.12 28.54
C CYS D 363 -8.26 10.73 28.48
N THR D 364 -7.29 10.53 27.56
CA THR D 364 -6.63 9.24 27.35
C THR D 364 -5.52 8.91 28.38
N ASN D 365 -5.01 7.65 28.37
CA ASN D 365 -3.95 7.13 29.22
C ASN D 365 -2.66 7.93 29.02
N GLU D 366 -2.35 8.28 27.77
CA GLU D 366 -1.16 9.05 27.43
C GLU D 366 -1.25 10.47 27.97
N GLU D 367 -2.46 11.04 27.98
CA GLU D 367 -2.70 12.40 28.49
C GLU D 367 -2.57 12.43 30.01
N SER D 368 -2.96 11.36 30.70
CA SER D 368 -2.79 11.21 32.14
C SER D 368 -1.28 11.14 32.43
N TYR D 369 -0.56 10.30 31.67
CA TYR D 369 0.87 10.10 31.78
C TYR D 369 1.65 11.40 31.57
N LEU D 370 1.25 12.23 30.60
CA LEU D 370 1.95 13.48 30.35
C LEU D 370 1.67 14.52 31.43
N MET D 371 0.46 14.52 32.02
CA MET D 371 0.14 15.48 33.08
C MET D 371 1.00 15.20 34.30
N GLN D 372 1.16 13.93 34.67
CA GLN D 372 2.01 13.58 35.80
C GLN D 372 3.49 13.74 35.47
N LYS D 373 3.90 13.56 34.21
CA LYS D 373 5.30 13.78 33.82
C LYS D 373 5.60 15.31 33.86
N LEU D 374 4.59 16.16 33.62
CA LEU D 374 4.73 17.60 33.71
C LEU D 374 4.86 17.94 35.20
N ALA D 375 3.97 17.42 36.05
CA ALA D 375 4.00 17.71 37.48
C ALA D 375 5.27 17.25 38.16
N ARG D 376 5.71 16.00 37.95
CA ARG D 376 6.88 15.45 38.61
C ARG D 376 8.20 15.72 37.91
N GLY D 377 8.26 15.49 36.61
CA GLY D 377 9.50 15.65 35.86
C GLY D 377 9.81 17.07 35.44
N VAL D 378 8.79 17.92 35.27
CA VAL D 378 9.02 19.29 34.81
C VAL D 378 8.93 20.31 35.95
N ILE D 379 7.80 20.35 36.65
CA ILE D 379 7.59 21.27 37.76
C ILE D 379 8.36 20.81 39.00
N GLY D 380 8.34 19.51 39.26
CA GLY D 380 9.05 18.94 40.40
C GLY D 380 8.20 18.69 41.62
N THR D 381 6.88 18.55 41.43
CA THR D 381 5.95 18.29 42.52
C THR D 381 5.19 16.98 42.35
N ASN D 382 4.69 16.43 43.45
CA ASN D 382 3.89 15.22 43.41
C ASN D 382 2.39 15.51 43.56
N ASN D 383 1.98 16.79 43.40
CA ASN D 383 0.60 17.26 43.51
C ASN D 383 -0.23 16.91 42.27
N VAL D 384 -0.42 15.61 41.99
CA VAL D 384 -1.24 15.17 40.85
C VAL D 384 -2.40 14.35 41.35
N ASP D 385 -3.52 14.41 40.64
CA ASP D 385 -4.68 13.60 40.99
C ASP D 385 -5.76 13.65 39.91
N ASN D 386 -6.75 12.77 40.01
CA ASN D 386 -7.87 12.76 39.10
C ASN D 386 -9.18 12.49 39.89
N CYS D 387 -10.35 12.61 39.21
CA CYS D 387 -11.67 12.41 39.80
C CYS D 387 -11.88 11.05 40.46
N SER D 388 -10.91 10.13 40.37
CA SER D 388 -11.00 8.86 41.10
C SER D 388 -11.00 9.16 42.62
N ARG D 389 -10.50 10.35 43.04
CA ARG D 389 -10.43 10.81 44.43
C ARG D 389 -11.83 10.85 44.98
N TYR D 390 -12.80 11.41 44.24
CA TYR D 390 -14.21 11.47 44.64
C TYR D 390 -14.97 10.21 44.27
N CYS D 391 -14.30 9.16 43.84
CA CYS D 391 -14.92 8.05 43.17
C CYS D 391 -14.59 6.64 43.72
N GLN D 392 -13.50 6.00 43.25
CA GLN D 392 -13.16 4.66 43.72
C GLN D 392 -11.89 4.60 44.51
N SER D 393 -11.35 5.74 45.01
CA SER D 393 -10.20 5.70 45.92
C SER D 393 -10.45 4.74 47.11
N PRO D 394 -11.67 4.73 47.72
CA PRO D 394 -11.98 3.75 48.75
C PRO D 394 -12.04 2.31 48.25
N ALA D 395 -12.50 2.09 47.01
CA ALA D 395 -12.61 0.74 46.43
C ALA D 395 -11.23 0.20 46.07
N THR D 396 -10.33 1.04 45.53
CA THR D 396 -8.97 0.60 45.23
C THR D 396 -8.20 0.44 46.53
N ALA D 397 -8.46 1.28 47.55
CA ALA D 397 -7.80 1.11 48.85
C ALA D 397 -8.20 -0.25 49.45
N GLY D 398 -9.48 -0.61 49.34
CA GLY D 398 -10.00 -1.89 49.78
C GLY D 398 -9.36 -3.07 49.07
N LEU D 399 -9.18 -2.98 47.75
CA LEU D 399 -8.55 -4.05 46.98
C LEU D 399 -7.06 -4.12 47.24
N PHE D 400 -6.40 -2.97 47.46
CA PHE D 400 -4.97 -2.96 47.74
C PHE D 400 -4.65 -3.63 49.08
N ARG D 401 -5.53 -3.45 50.07
CA ARG D 401 -5.43 -4.02 51.42
C ARG D 401 -5.66 -5.52 51.42
N THR D 402 -6.48 -6.03 50.51
CA THR D 402 -6.86 -7.44 50.52
C THR D 402 -6.34 -8.31 49.37
N VAL D 403 -6.48 -7.86 48.10
CA VAL D 403 -6.07 -8.66 46.95
C VAL D 403 -4.89 -8.09 46.14
N GLY D 404 -4.42 -6.90 46.48
CA GLY D 404 -3.21 -6.32 45.88
C GLY D 404 -3.21 -5.70 44.50
N TYR D 405 -4.34 -5.70 43.77
CA TYR D 405 -4.40 -5.06 42.44
C TYR D 405 -5.51 -4.01 42.45
N GLY D 406 -5.22 -2.82 41.96
CA GLY D 406 -6.21 -1.74 41.94
C GLY D 406 -7.20 -1.77 40.79
N GLY D 407 -7.82 -2.92 40.59
CA GLY D 407 -8.79 -3.08 39.50
C GLY D 407 -9.79 -4.19 39.77
N ASP D 408 -10.81 -4.29 38.92
CA ASP D 408 -11.82 -5.33 39.03
C ASP D 408 -11.18 -6.70 38.85
N SER D 409 -11.77 -7.72 39.47
CA SER D 409 -11.23 -9.06 39.44
C SER D 409 -11.26 -9.73 38.07
N GLY D 410 -12.27 -9.43 37.27
CA GLY D 410 -12.41 -10.04 35.96
C GLY D 410 -13.03 -9.18 34.90
N SER D 411 -13.68 -9.81 33.93
CA SER D 411 -14.32 -9.12 32.82
C SER D 411 -15.86 -9.03 33.00
N ILE D 412 -16.55 -8.29 32.10
CA ILE D 412 -18.00 -8.21 32.08
C ILE D 412 -18.57 -9.62 31.76
N THR D 413 -17.82 -10.45 31.00
CA THR D 413 -18.20 -11.82 30.67
C THR D 413 -18.29 -12.70 31.92
N ASP D 414 -17.45 -12.42 32.95
CA ASP D 414 -17.50 -13.14 34.22
C ASP D 414 -18.75 -12.73 35.00
N ILE D 415 -19.17 -11.46 34.90
CA ILE D 415 -20.37 -10.97 35.55
C ILE D 415 -21.61 -11.66 34.97
N ALA D 416 -21.69 -11.81 33.64
CA ALA D 416 -22.82 -12.50 32.98
C ALA D 416 -22.87 -14.01 33.24
N GLN D 417 -21.75 -14.60 33.72
CA GLN D 417 -21.54 -16.00 34.04
C GLN D 417 -21.85 -16.34 35.50
N ALA D 418 -21.72 -15.35 36.40
CA ALA D 418 -21.91 -15.52 37.83
C ALA D 418 -23.16 -16.25 38.23
N ASP D 419 -23.08 -17.03 39.30
CA ASP D 419 -24.25 -17.69 39.87
C ASP D 419 -25.05 -16.66 40.66
N LEU D 420 -24.35 -15.72 41.35
CA LEU D 420 -25.00 -14.66 42.10
C LEU D 420 -24.24 -13.35 41.89
N VAL D 421 -25.00 -12.25 41.74
CA VAL D 421 -24.44 -10.91 41.61
C VAL D 421 -24.93 -10.08 42.78
N LEU D 422 -24.02 -9.69 43.66
CA LEU D 422 -24.36 -8.86 44.81
C LEU D 422 -24.08 -7.43 44.36
N ILE D 423 -25.10 -6.57 44.36
CA ILE D 423 -24.95 -5.19 43.93
C ILE D 423 -25.12 -4.30 45.14
N ILE D 424 -24.07 -3.63 45.59
CA ILE D 424 -24.18 -2.75 46.77
C ILE D 424 -23.95 -1.28 46.40
N GLY D 425 -24.95 -0.43 46.60
CA GLY D 425 -24.85 1.00 46.33
C GLY D 425 -24.39 1.33 44.92
N SER D 426 -25.13 0.83 43.95
CA SER D 426 -24.77 1.01 42.55
C SER D 426 -26.01 1.01 41.71
N ASN D 427 -26.29 2.12 41.03
CA ASN D 427 -27.42 2.18 40.11
C ASN D 427 -26.85 1.63 38.81
N THR D 428 -26.70 0.31 38.73
CA THR D 428 -26.02 -0.38 37.64
C THR D 428 -26.64 -0.14 36.25
N SER D 429 -27.96 -0.12 36.09
CA SER D 429 -28.53 0.09 34.74
C SER D 429 -28.51 1.53 34.26
N GLU D 430 -28.30 2.47 35.19
CA GLU D 430 -28.23 3.88 34.84
C GLU D 430 -26.80 4.40 34.77
N SER D 431 -25.89 3.81 35.55
CA SER D 431 -24.51 4.23 35.56
C SER D 431 -23.63 3.34 34.71
N HIS D 432 -23.92 2.05 34.62
CA HIS D 432 -23.16 1.15 33.76
C HIS D 432 -24.14 0.39 32.88
N PRO D 433 -24.87 1.08 31.99
CA PRO D 433 -25.97 0.44 31.27
C PRO D 433 -25.66 -0.86 30.55
N VAL D 434 -24.60 -0.88 29.75
CA VAL D 434 -24.25 -2.06 28.98
C VAL D 434 -23.77 -3.20 29.90
N LEU D 435 -23.12 -2.88 31.03
CA LEU D 435 -22.68 -3.90 32.00
C LEU D 435 -23.92 -4.54 32.67
N SER D 436 -24.95 -3.72 32.95
CA SER D 436 -26.18 -4.18 33.57
C SER D 436 -26.98 -5.05 32.63
N THR D 437 -26.91 -4.84 31.30
CA THR D 437 -27.63 -5.68 30.35
C THR D 437 -27.21 -7.15 30.45
N ARG D 438 -25.98 -7.40 30.90
CA ARG D 438 -25.41 -8.73 31.06
C ARG D 438 -26.01 -9.40 32.28
N ILE D 439 -26.19 -8.63 33.38
CA ILE D 439 -26.78 -9.09 34.64
C ILE D 439 -28.27 -9.32 34.42
N LYS D 440 -29.00 -8.34 33.85
CA LYS D 440 -30.41 -8.43 33.57
C LYS D 440 -30.73 -9.63 32.67
N ARG D 441 -29.94 -9.86 31.62
CA ARG D 441 -30.15 -11.01 30.74
C ARG D 441 -29.90 -12.32 31.50
N ALA D 442 -28.82 -12.36 32.28
CA ALA D 442 -28.48 -13.56 33.05
C ALA D 442 -29.56 -13.88 34.08
N HIS D 443 -30.12 -12.87 34.72
CA HIS D 443 -31.15 -13.07 35.72
C HIS D 443 -32.46 -13.45 35.02
N LYS D 444 -32.83 -12.73 33.96
CA LYS D 444 -34.07 -12.94 33.22
C LYS D 444 -34.12 -14.28 32.48
N LEU D 445 -33.00 -14.74 31.92
CA LEU D 445 -32.97 -15.96 31.11
C LEU D 445 -32.21 -17.14 31.72
N ARG D 446 -31.00 -16.91 32.26
CA ARG D 446 -30.20 -17.99 32.85
C ARG D 446 -30.55 -18.27 34.33
N GLY D 447 -31.41 -17.45 34.93
CA GLY D 447 -31.80 -17.63 36.32
C GLY D 447 -30.75 -17.25 37.33
N GLN D 448 -29.90 -16.29 36.98
CA GLN D 448 -28.86 -15.80 37.87
C GLN D 448 -29.49 -15.10 39.07
N LYS D 449 -28.95 -15.33 40.26
CA LYS D 449 -29.47 -14.69 41.45
C LYS D 449 -28.89 -13.29 41.52
N VAL D 450 -29.74 -12.30 41.85
CA VAL D 450 -29.29 -10.92 41.95
C VAL D 450 -29.71 -10.36 43.28
N ILE D 451 -28.77 -9.97 44.12
CA ILE D 451 -29.10 -9.34 45.41
C ILE D 451 -28.79 -7.86 45.28
N VAL D 452 -29.74 -6.98 45.63
CA VAL D 452 -29.50 -5.55 45.56
C VAL D 452 -29.64 -4.88 46.91
N ALA D 453 -28.56 -4.25 47.37
CA ALA D 453 -28.57 -3.52 48.63
C ALA D 453 -28.53 -2.04 48.27
N ASP D 454 -29.64 -1.31 48.46
CA ASP D 454 -29.69 0.10 48.09
C ASP D 454 -30.79 0.83 48.85
N ILE D 455 -30.67 2.15 48.94
CA ILE D 455 -31.68 2.98 49.58
C ILE D 455 -32.74 3.48 48.56
N ARG D 456 -32.46 3.38 47.25
CA ARG D 456 -33.38 3.81 46.21
C ARG D 456 -33.80 2.65 45.32
N LYS D 457 -35.10 2.52 45.04
CA LYS D 457 -35.60 1.44 44.20
C LYS D 457 -35.40 1.76 42.72
N HIS D 458 -34.22 1.44 42.19
CA HIS D 458 -33.87 1.65 40.78
C HIS D 458 -34.15 0.38 39.91
N GLU D 459 -33.85 0.36 38.58
CA GLU D 459 -34.14 -0.83 37.76
C GLU D 459 -33.58 -2.13 38.33
N MET D 460 -32.34 -2.08 38.81
CA MET D 460 -31.71 -3.26 39.37
C MET D 460 -32.43 -3.73 40.63
N ALA D 461 -32.91 -2.79 41.45
CA ALA D 461 -33.65 -3.14 42.65
C ALA D 461 -35.00 -3.77 42.28
N GLU D 462 -35.70 -3.19 41.27
CA GLU D 462 -36.98 -3.68 40.78
C GLU D 462 -36.83 -5.08 40.17
N ARG D 463 -35.70 -5.37 39.53
CA ARG D 463 -35.49 -6.67 38.90
C ARG D 463 -34.75 -7.69 39.77
N SER D 464 -34.27 -7.29 40.95
CA SER D 464 -33.50 -8.18 41.80
C SER D 464 -34.31 -9.29 42.41
N ASP D 465 -33.64 -10.41 42.70
CA ASP D 465 -34.21 -11.56 43.38
C ASP D 465 -34.48 -11.20 44.84
N LEU D 466 -33.58 -10.41 45.46
CA LEU D 466 -33.74 -9.94 46.84
C LEU D 466 -33.31 -8.47 46.96
N PHE D 467 -34.25 -7.57 47.23
CA PHE D 467 -33.93 -6.15 47.40
C PHE D 467 -33.95 -5.74 48.88
N VAL D 468 -32.77 -5.61 49.48
CA VAL D 468 -32.67 -5.14 50.87
C VAL D 468 -32.40 -3.63 50.87
N GLN D 469 -32.93 -2.91 51.86
CA GLN D 469 -32.75 -1.45 51.93
C GLN D 469 -32.09 -1.04 53.24
N PRO D 470 -30.75 -1.13 53.33
CA PRO D 470 -30.08 -0.72 54.57
C PRO D 470 -30.02 0.79 54.74
N ARG D 471 -29.85 1.27 55.99
CA ARG D 471 -29.73 2.70 56.26
CA ARG D 471 -29.76 2.71 56.19
C ARG D 471 -28.42 3.22 55.64
N ALA D 472 -28.42 4.46 55.12
CA ALA D 472 -27.22 5.06 54.52
C ALA D 472 -25.98 4.99 55.43
N GLY D 473 -24.92 4.35 54.94
CA GLY D 473 -23.68 4.23 55.69
C GLY D 473 -23.56 3.00 56.55
N SER D 474 -24.64 2.22 56.70
CA SER D 474 -24.62 1.00 57.52
C SER D 474 -24.21 -0.26 56.76
N ASP D 475 -23.78 -0.12 55.50
CA ASP D 475 -23.45 -1.28 54.67
C ASP D 475 -22.39 -2.19 55.27
N ILE D 476 -21.34 -1.65 55.91
CA ILE D 476 -20.28 -2.49 56.50
C ILE D 476 -20.82 -3.34 57.65
N VAL D 477 -21.83 -2.84 58.38
CA VAL D 477 -22.44 -3.57 59.49
C VAL D 477 -23.08 -4.88 59.03
N TRP D 478 -23.85 -4.87 57.93
CA TRP D 478 -24.45 -6.11 57.43
C TRP D 478 -23.43 -6.97 56.70
N LEU D 479 -22.44 -6.36 56.05
CA LEU D 479 -21.41 -7.10 55.33
C LEU D 479 -20.59 -7.92 56.31
N ASN D 480 -20.19 -7.31 57.43
CA ASN D 480 -19.42 -8.00 58.47
C ASN D 480 -20.25 -9.12 59.10
N ALA D 481 -21.55 -8.88 59.30
CA ALA D 481 -22.46 -9.87 59.86
C ALA D 481 -22.65 -11.08 58.93
N ILE D 482 -22.69 -10.90 57.61
CA ILE D 482 -22.80 -12.02 56.66
C ILE D 482 -21.56 -12.91 56.81
N ALA D 483 -20.38 -12.29 56.92
CA ALA D 483 -19.12 -13.00 57.07
C ALA D 483 -19.06 -13.74 58.40
N LYS D 484 -19.49 -13.11 59.50
CA LYS D 484 -19.50 -13.74 60.82
C LYS D 484 -20.40 -14.97 60.84
N TYR D 485 -21.62 -14.85 60.30
CA TYR D 485 -22.58 -15.96 60.23
C TYR D 485 -22.05 -17.10 59.37
N LEU D 486 -21.47 -16.80 58.20
CA LEU D 486 -20.97 -17.83 57.31
C LEU D 486 -19.76 -18.55 57.88
N ILE D 487 -18.89 -17.82 58.58
CA ILE D 487 -17.69 -18.40 59.19
C ILE D 487 -18.10 -19.31 60.35
N GLU D 488 -18.95 -18.80 61.25
CA GLU D 488 -19.40 -19.54 62.42
C GLU D 488 -20.33 -20.70 62.10
N ASN D 489 -21.17 -20.57 61.08
CA ASN D 489 -22.04 -21.69 60.68
C ASN D 489 -21.34 -22.76 59.83
N GLY D 490 -20.02 -22.65 59.67
CA GLY D 490 -19.20 -23.58 58.90
C GLY D 490 -19.38 -23.53 57.40
N LYS D 491 -20.10 -22.52 56.90
CA LYS D 491 -20.38 -22.41 55.47
C LYS D 491 -19.32 -21.61 54.68
N ALA D 492 -18.22 -21.21 55.32
CA ALA D 492 -17.16 -20.47 54.64
C ALA D 492 -16.27 -21.44 53.88
N ASP D 493 -15.66 -20.97 52.78
CA ASP D 493 -14.75 -21.77 51.97
C ASP D 493 -13.45 -21.89 52.73
N GLU D 494 -13.35 -22.92 53.57
CA GLU D 494 -12.17 -23.12 54.40
C GLU D 494 -10.98 -23.61 53.62
N ARG D 495 -11.20 -24.32 52.50
CA ARG D 495 -10.11 -24.79 51.64
C ARG D 495 -9.38 -23.60 51.01
N PHE D 496 -10.15 -22.59 50.55
CA PHE D 496 -9.60 -21.39 49.93
C PHE D 496 -8.88 -20.53 50.96
N LEU D 497 -9.56 -20.20 52.07
CA LEU D 497 -9.01 -19.39 53.16
C LEU D 497 -7.68 -19.94 53.67
N ARG D 498 -7.59 -21.28 53.72
CA ARG D 498 -6.45 -22.02 54.20
C ARG D 498 -5.17 -21.65 53.41
N GLU D 499 -5.02 -22.17 52.19
CA GLU D 499 -3.86 -21.99 51.34
C GLU D 499 -3.73 -20.65 50.65
N ARG D 500 -4.80 -19.82 50.61
CA ARG D 500 -4.71 -18.57 49.87
C ARG D 500 -4.92 -17.31 50.67
N VAL D 501 -5.32 -17.39 51.95
CA VAL D 501 -5.58 -16.17 52.72
C VAL D 501 -4.76 -16.07 54.03
N ASN D 502 -4.55 -14.85 54.53
CA ASN D 502 -3.81 -14.51 55.74
C ASN D 502 -4.65 -13.65 56.69
N GLY D 503 -4.28 -13.62 57.96
CA GLY D 503 -4.97 -12.81 58.96
C GLY D 503 -6.38 -13.26 59.29
N ARG D 504 -6.63 -14.57 59.24
CA ARG D 504 -7.96 -15.13 59.52
C ARG D 504 -8.46 -14.97 60.96
N ASP D 505 -7.66 -15.35 61.97
CA ASP D 505 -8.07 -15.26 63.36
C ASP D 505 -8.28 -13.82 63.82
N GLU D 506 -7.41 -12.89 63.38
CA GLU D 506 -7.55 -11.47 63.68
C GLU D 506 -8.82 -10.91 63.02
N TYR D 507 -9.19 -11.45 61.86
CA TYR D 507 -10.39 -11.08 61.12
C TYR D 507 -11.64 -11.54 61.89
N VAL D 508 -11.69 -12.79 62.34
CA VAL D 508 -12.84 -13.29 63.09
C VAL D 508 -13.00 -12.55 64.45
N LYS D 509 -11.89 -12.06 65.01
CA LYS D 509 -11.93 -11.27 66.25
C LYS D 509 -12.59 -9.92 65.99
N SER D 510 -12.32 -9.31 64.82
CA SER D 510 -12.92 -8.03 64.46
C SER D 510 -14.41 -8.16 64.08
N LEU D 511 -14.87 -9.37 63.71
CA LEU D 511 -16.29 -9.59 63.40
C LEU D 511 -17.17 -9.73 64.64
N ALA D 512 -16.57 -9.86 65.85
CA ALA D 512 -17.25 -10.02 67.13
C ALA D 512 -18.49 -9.17 67.33
N PRO D 513 -18.48 -7.82 67.14
CA PRO D 513 -19.71 -7.05 67.39
C PRO D 513 -20.82 -7.22 66.38
N TYR D 514 -20.49 -7.71 65.19
CA TYR D 514 -21.46 -7.79 64.10
C TYR D 514 -22.28 -9.07 64.12
N THR D 515 -23.15 -9.16 65.12
CA THR D 515 -24.10 -10.26 65.27
C THR D 515 -25.39 -9.89 64.55
N LEU D 516 -26.21 -10.88 64.19
CA LEU D 516 -27.48 -10.65 63.49
C LEU D 516 -28.36 -9.61 64.18
N GLU D 517 -28.31 -9.57 65.52
CA GLU D 517 -29.08 -8.61 66.30
C GLU D 517 -28.57 -7.19 66.08
N TYR D 518 -27.25 -7.01 66.09
CA TYR D 518 -26.58 -5.73 65.88
C TYR D 518 -26.84 -5.24 64.46
N ALA D 519 -26.71 -6.15 63.47
CA ALA D 519 -26.97 -5.83 62.07
C ALA D 519 -28.43 -5.41 61.88
N GLU D 520 -29.38 -6.15 62.47
CA GLU D 520 -30.79 -5.80 62.40
C GLU D 520 -31.06 -4.43 63.00
N GLU D 521 -30.36 -4.11 64.07
CA GLU D 521 -30.50 -2.86 64.79
C GLU D 521 -29.91 -1.65 64.05
N LYS D 522 -28.70 -1.80 63.50
CA LYS D 522 -28.02 -0.70 62.82
C LYS D 522 -28.42 -0.51 61.35
N THR D 523 -28.52 -1.59 60.59
CA THR D 523 -28.87 -1.51 59.18
C THR D 523 -30.37 -1.37 58.96
N GLY D 524 -31.15 -2.05 59.78
CA GLY D 524 -32.60 -2.08 59.61
C GLY D 524 -33.09 -3.29 58.83
N ILE D 525 -32.16 -4.11 58.33
CA ILE D 525 -32.51 -5.31 57.59
C ILE D 525 -32.76 -6.37 58.65
N ASP D 526 -33.94 -7.02 58.65
CA ASP D 526 -34.25 -8.03 59.66
C ASP D 526 -33.30 -9.23 59.61
N GLN D 527 -33.18 -9.93 60.74
CA GLN D 527 -32.28 -11.08 60.87
C GLN D 527 -32.63 -12.21 59.91
N GLU D 528 -33.92 -12.45 59.71
CA GLU D 528 -34.44 -13.49 58.81
C GLU D 528 -33.97 -13.28 57.37
N THR D 529 -34.10 -12.04 56.83
CA THR D 529 -33.62 -11.76 55.48
C THR D 529 -32.10 -11.75 55.44
N LEU D 530 -31.41 -11.34 56.54
CA LEU D 530 -29.96 -11.41 56.62
C LEU D 530 -29.50 -12.86 56.47
N ILE D 531 -30.27 -13.83 57.01
CA ILE D 531 -29.94 -15.25 56.87
C ILE D 531 -30.05 -15.62 55.39
N GLN D 532 -31.13 -15.16 54.71
CA GLN D 532 -31.35 -15.43 53.30
C GLN D 532 -30.20 -14.89 52.44
N MET D 533 -29.73 -13.66 52.73
CA MET D 533 -28.59 -13.06 52.03
C MET D 533 -27.35 -13.93 52.18
N ALA D 534 -27.02 -14.33 53.42
CA ALA D 534 -25.85 -15.15 53.73
C ALA D 534 -25.93 -16.53 53.08
N GLU D 535 -27.13 -17.13 53.04
CA GLU D 535 -27.33 -18.45 52.43
C GLU D 535 -27.20 -18.36 50.92
N MET D 536 -27.79 -17.31 50.30
CA MET D 536 -27.70 -17.09 48.86
C MET D 536 -26.27 -16.87 48.45
N ILE D 537 -25.53 -16.05 49.22
CA ILE D 537 -24.12 -15.75 48.97
C ILE D 537 -23.24 -16.99 49.14
N GLY D 538 -23.44 -17.72 50.24
CA GLY D 538 -22.67 -18.91 50.56
C GLY D 538 -22.89 -20.10 49.64
N GLN D 539 -24.16 -20.38 49.30
CA GLN D 539 -24.55 -21.49 48.42
C GLN D 539 -24.24 -21.25 46.94
N ALA D 540 -24.05 -19.98 46.54
CA ALA D 540 -23.72 -19.68 45.16
C ALA D 540 -22.28 -20.09 44.93
N ASP D 541 -22.08 -20.81 43.83
CA ASP D 541 -20.79 -21.35 43.41
C ASP D 541 -19.84 -20.21 43.05
N SER D 542 -20.35 -19.21 42.34
CA SER D 542 -19.55 -18.06 41.94
C SER D 542 -20.33 -16.80 42.21
N VAL D 543 -19.71 -15.86 42.91
CA VAL D 543 -20.35 -14.60 43.30
C VAL D 543 -19.52 -13.40 42.87
N CYS D 544 -20.16 -12.50 42.12
CA CYS D 544 -19.54 -11.25 41.70
C CYS D 544 -20.14 -10.17 42.59
N ALA D 545 -19.30 -9.40 43.28
CA ALA D 545 -19.79 -8.32 44.13
C ALA D 545 -19.48 -6.97 43.46
N LEU D 546 -20.53 -6.33 42.93
CA LEU D 546 -20.42 -5.07 42.24
C LEU D 546 -20.82 -3.96 43.17
N TRP D 547 -19.89 -3.06 43.50
CA TRP D 547 -20.23 -1.91 44.33
C TRP D 547 -19.84 -0.62 43.64
N ALA D 548 -20.49 0.47 44.03
CA ALA D 548 -20.24 1.77 43.41
C ALA D 548 -20.40 2.95 44.48
N MET D 549 -20.68 4.22 44.10
CA MET D 549 -20.66 5.38 44.95
C MET D 549 -21.59 5.34 46.17
N GLY D 550 -22.52 4.39 46.19
CA GLY D 550 -23.34 4.18 47.38
C GLY D 550 -22.50 3.63 48.52
N VAL D 551 -21.46 2.86 48.23
CA VAL D 551 -20.54 2.31 49.22
C VAL D 551 -19.38 3.27 49.52
N THR D 552 -18.70 3.75 48.48
CA THR D 552 -17.47 4.52 48.63
C THR D 552 -17.60 5.99 49.01
N GLN D 553 -18.70 6.68 48.66
CA GLN D 553 -18.83 8.10 49.01
C GLN D 553 -19.36 8.28 50.43
N HIS D 554 -18.54 7.83 51.38
CA HIS D 554 -18.81 7.82 52.81
C HIS D 554 -17.49 7.97 53.59
N ILE D 555 -17.59 8.26 54.92
CA ILE D 555 -16.43 8.37 55.81
C ILE D 555 -15.76 6.99 56.00
N GLY D 556 -16.57 5.94 56.00
CA GLY D 556 -16.06 4.57 56.11
C GLY D 556 -16.12 3.83 54.77
N GLY D 557 -16.04 4.56 53.66
CA GLY D 557 -16.09 4.01 52.32
C GLY D 557 -14.95 3.08 51.99
N SER D 558 -13.74 3.38 52.48
CA SER D 558 -12.59 2.51 52.24
C SER D 558 -12.80 1.21 53.00
N ASP D 559 -13.29 1.30 54.24
CA ASP D 559 -13.53 0.13 55.08
C ASP D 559 -14.68 -0.74 54.54
N THR D 560 -15.80 -0.13 54.11
CA THR D 560 -16.91 -0.91 53.55
C THR D 560 -16.49 -1.64 52.27
N SER D 561 -15.63 -1.01 51.47
CA SER D 561 -15.11 -1.63 50.27
C SER D 561 -14.24 -2.83 50.65
N THR D 562 -13.41 -2.68 51.72
CA THR D 562 -12.56 -3.75 52.24
C THR D 562 -13.41 -4.92 52.74
N ALA D 563 -14.56 -4.62 53.37
CA ALA D 563 -15.49 -5.63 53.87
C ALA D 563 -16.05 -6.49 52.73
N ILE D 564 -16.28 -5.90 51.55
CA ILE D 564 -16.79 -6.64 50.41
C ILE D 564 -15.74 -7.64 49.93
N SER D 565 -14.49 -7.20 49.84
CA SER D 565 -13.37 -8.02 49.43
C SER D 565 -13.14 -9.14 50.46
N ASN D 566 -13.27 -8.82 51.74
CA ASN D 566 -13.12 -9.77 52.84
C ASN D 566 -14.21 -10.83 52.73
N LEU D 567 -15.47 -10.44 52.48
CA LEU D 567 -16.57 -11.40 52.32
C LEU D 567 -16.28 -12.34 51.15
N LEU D 568 -15.82 -11.81 50.02
CA LEU D 568 -15.49 -12.63 48.86
C LEU D 568 -14.36 -13.59 49.16
N LEU D 569 -13.39 -13.19 50.00
CA LEU D 569 -12.30 -14.08 50.40
C LEU D 569 -12.88 -15.26 51.20
N VAL D 570 -13.69 -14.96 52.23
CA VAL D 570 -14.39 -15.94 53.07
C VAL D 570 -15.14 -16.99 52.23
N THR D 571 -16.01 -16.56 51.28
CA THR D 571 -16.80 -17.46 50.44
C THR D 571 -16.01 -18.07 49.25
N GLY D 572 -14.73 -17.73 49.13
CA GLY D 572 -13.85 -18.30 48.10
C GLY D 572 -14.14 -17.83 46.69
N ASN D 573 -14.66 -16.60 46.56
CA ASN D 573 -14.99 -16.03 45.26
C ASN D 573 -13.93 -15.08 44.71
N TYR D 574 -12.77 -15.67 44.34
CA TYR D 574 -11.60 -15.03 43.74
C TYR D 574 -10.86 -16.07 42.89
N GLY D 575 -10.08 -15.60 41.92
CA GLY D 575 -9.28 -16.47 41.06
C GLY D 575 -10.01 -17.52 40.26
N LYS D 576 -11.33 -17.37 40.10
CA LYS D 576 -12.13 -18.30 39.31
C LYS D 576 -13.17 -17.55 38.45
N PRO D 577 -13.46 -18.08 37.26
CA PRO D 577 -14.45 -17.41 36.39
C PRO D 577 -15.86 -17.33 36.98
N GLY D 578 -16.50 -16.18 36.77
CA GLY D 578 -17.85 -15.93 37.28
C GLY D 578 -17.88 -15.33 38.66
N ALA D 579 -16.71 -15.04 39.25
CA ALA D 579 -16.67 -14.50 40.62
C ALA D 579 -15.64 -13.37 40.76
N GLY D 580 -15.75 -12.58 41.82
CA GLY D 580 -14.77 -11.55 42.08
C GLY D 580 -15.33 -10.25 42.60
N SER D 581 -14.44 -9.29 42.88
CA SER D 581 -14.80 -7.95 43.33
C SER D 581 -14.87 -7.05 42.12
N TYR D 582 -15.98 -6.34 41.97
CA TYR D 582 -16.17 -5.45 40.84
C TYR D 582 -16.59 -4.06 41.25
N PRO D 583 -15.65 -3.24 41.77
CA PRO D 583 -16.01 -1.82 42.02
C PRO D 583 -16.13 -1.19 40.63
N LEU D 584 -17.37 -0.82 40.25
CA LEU D 584 -17.61 -0.33 38.91
C LEU D 584 -16.93 1.02 38.65
N ARG D 585 -16.01 1.05 37.66
CA ARG D 585 -15.23 2.23 37.33
C ARG D 585 -16.09 3.30 36.67
N GLY D 586 -16.02 4.49 37.23
CA GLY D 586 -16.85 5.63 36.86
C GLY D 586 -16.75 6.13 35.45
N HIS D 587 -15.79 7.03 35.22
CA HIS D 587 -15.55 7.63 33.92
C HIS D 587 -15.03 6.63 32.89
N ASN D 588 -15.11 7.02 31.61
CA ASN D 588 -14.63 6.23 30.47
C ASN D 588 -13.20 5.80 30.65
N ASN D 589 -12.37 6.65 31.27
CA ASN D 589 -10.99 6.35 31.49
C ASN D 589 -10.54 6.74 32.89
N VAL D 590 -11.30 6.34 33.93
CA VAL D 590 -10.85 6.60 35.29
C VAL D 590 -9.78 5.56 35.66
N GLN D 591 -9.99 4.30 35.23
CA GLN D 591 -9.09 3.19 35.44
C GLN D 591 -7.74 3.51 34.81
N GLY D 592 -7.75 3.98 33.57
CA GLY D 592 -6.53 4.35 32.86
C GLY D 592 -5.85 5.60 33.38
N ALA D 593 -6.62 6.62 33.81
CA ALA D 593 -5.99 7.82 34.37
C ALA D 593 -5.20 7.47 35.64
N SER D 594 -5.75 6.60 36.52
CA SER D 594 -5.06 6.13 37.71
C SER D 594 -3.90 5.18 37.32
N ASP D 595 -4.14 4.30 36.31
CA ASP D 595 -3.13 3.38 35.80
C ASP D 595 -1.87 4.09 35.33
N PHE D 596 -1.96 5.39 35.01
CA PHE D 596 -0.79 6.11 34.51
C PHE D 596 -0.29 7.18 35.48
N GLY D 597 -0.41 6.91 36.78
CA GLY D 597 0.17 7.77 37.80
C GLY D 597 -0.46 9.11 38.10
N SER D 598 -1.71 9.33 37.69
CA SER D 598 -2.38 10.59 38.03
C SER D 598 -3.00 10.44 39.42
N MET D 599 -2.14 10.26 40.42
CA MET D 599 -2.42 10.02 41.84
C MET D 599 -1.27 10.66 42.61
N PRO D 600 -1.51 11.26 43.80
CA PRO D 600 -0.40 11.91 44.52
C PRO D 600 0.62 10.95 45.12
N ASP D 601 0.18 9.74 45.49
CA ASP D 601 0.97 8.71 46.14
C ASP D 601 1.62 7.70 45.21
N ARG D 602 1.11 7.57 43.98
CA ARG D 602 1.66 6.57 43.06
C ARG D 602 2.02 7.06 41.68
N LEU D 603 3.04 6.42 41.11
CA LEU D 603 3.50 6.64 39.75
C LEU D 603 2.72 5.64 38.84
N PRO D 604 2.92 5.65 37.50
CA PRO D 604 2.19 4.68 36.65
C PRO D 604 2.35 3.22 37.10
N GLY D 605 1.39 2.39 36.77
CA GLY D 605 1.42 0.98 37.19
C GLY D 605 1.24 0.76 38.67
N TYR D 606 0.78 1.80 39.40
CA TYR D 606 0.55 1.80 40.84
C TYR D 606 1.80 1.61 41.69
N GLU D 607 2.96 1.92 41.14
CA GLU D 607 4.22 1.80 41.87
C GLU D 607 4.36 3.02 42.77
N LYS D 608 4.45 2.78 44.10
CA LYS D 608 4.51 3.83 45.12
C LYS D 608 5.59 4.88 44.85
N VAL D 609 5.25 6.16 45.10
CA VAL D 609 6.14 7.29 44.88
C VAL D 609 7.34 7.26 45.83
N THR D 610 7.08 6.98 47.12
CA THR D 610 8.09 6.91 48.19
C THR D 610 9.09 5.74 48.04
N ASP D 611 8.84 4.84 47.08
CA ASP D 611 9.70 3.70 46.77
C ASP D 611 10.91 4.22 45.99
N GLU D 612 12.06 4.35 46.69
CA GLU D 612 13.31 4.87 46.13
C GLU D 612 13.77 4.10 44.90
N GLN D 613 13.42 2.81 44.79
CA GLN D 613 13.80 1.98 43.64
C GLN D 613 13.00 2.36 42.39
N VAL D 614 11.72 2.69 42.59
CA VAL D 614 10.79 3.07 41.51
C VAL D 614 11.17 4.45 41.00
N ARG D 615 11.38 5.39 41.91
CA ARG D 615 11.77 6.76 41.61
C ARG D 615 13.06 6.81 40.80
N GLN D 616 14.04 5.97 41.16
CA GLN D 616 15.33 5.90 40.50
C GLN D 616 15.22 5.41 39.05
N LYS D 617 14.24 4.52 38.78
CA LYS D 617 13.99 4.00 37.43
C LYS D 617 13.53 5.16 36.53
N TYR D 618 12.54 5.92 37.01
CA TYR D 618 11.99 7.07 36.29
C TYR D 618 13.01 8.20 36.15
N GLU D 619 13.92 8.35 37.13
CA GLU D 619 14.95 9.37 37.07
C GLU D 619 15.88 9.14 35.89
N ARG D 620 16.26 7.87 35.66
CA ARG D 620 17.16 7.49 34.56
C ARG D 620 16.50 7.70 33.21
N VAL D 621 15.22 7.32 33.09
CA VAL D 621 14.50 7.45 31.83
C VAL D 621 14.13 8.90 31.53
N TRP D 622 13.53 9.60 32.50
CA TRP D 622 13.14 11.00 32.30
C TRP D 622 14.30 11.99 32.33
N GLY D 623 15.47 11.55 32.78
CA GLY D 623 16.69 12.36 32.83
C GLY D 623 16.66 13.48 33.86
N VAL D 624 15.83 13.34 34.89
CA VAL D 624 15.70 14.36 35.93
C VAL D 624 15.29 13.71 37.28
N PRO D 625 15.65 14.31 38.44
CA PRO D 625 15.22 13.74 39.73
C PRO D 625 13.73 13.94 40.01
N LEU D 626 13.09 12.93 40.59
CA LEU D 626 11.66 12.95 40.91
C LEU D 626 11.46 13.39 42.36
N PRO D 627 10.37 14.13 42.65
CA PRO D 627 10.13 14.53 44.05
C PRO D 627 9.83 13.29 44.90
N LYS D 628 10.44 13.20 46.09
CA LYS D 628 10.30 12.03 46.95
C LYS D 628 9.03 12.02 47.77
N GLU D 629 8.60 13.20 48.23
CA GLU D 629 7.43 13.32 49.09
C GLU D 629 6.10 13.27 48.35
N PRO D 630 5.07 12.51 48.79
CA PRO D 630 3.78 12.53 48.08
C PRO D 630 3.12 13.92 48.05
N GLY D 631 2.06 14.05 47.27
CA GLY D 631 1.38 15.33 47.12
C GLY D 631 0.01 15.42 47.71
N MET D 632 -0.76 16.42 47.29
CA MET D 632 -2.10 16.64 47.77
C MET D 632 -3.12 15.84 46.98
N THR D 633 -4.28 15.57 47.59
CA THR D 633 -5.36 14.92 46.88
C THR D 633 -6.25 16.02 46.24
N ASN D 634 -7.11 15.63 45.30
CA ASN D 634 -8.03 16.52 44.60
C ASN D 634 -8.89 17.31 45.59
N HIS D 635 -9.32 16.65 46.68
CA HIS D 635 -10.15 17.30 47.70
C HIS D 635 -9.32 18.25 48.56
N GLU D 636 -8.15 17.78 49.01
CA GLU D 636 -7.19 18.50 49.85
C GLU D 636 -6.68 19.79 49.19
N MET D 637 -6.63 19.81 47.85
CA MET D 637 -6.13 20.95 47.08
C MET D 637 -6.81 22.27 47.38
N ILE D 638 -8.14 22.29 47.57
CA ILE D 638 -8.83 23.55 47.88
C ILE D 638 -8.52 24.05 49.29
N GLU D 639 -8.22 23.15 50.23
CA GLU D 639 -7.86 23.54 51.60
C GLU D 639 -6.50 24.23 51.58
N LYS D 640 -5.55 23.69 50.79
CA LYS D 640 -4.21 24.24 50.64
C LYS D 640 -4.19 25.58 49.91
N ILE D 641 -5.23 25.92 49.10
CA ILE D 641 -5.32 27.25 48.48
C ILE D 641 -5.75 28.22 49.57
N HIS D 642 -6.77 27.82 50.38
CA HIS D 642 -7.33 28.57 51.51
C HIS D 642 -6.30 28.87 52.61
N SER D 643 -5.24 28.07 52.70
CA SER D 643 -4.18 28.32 53.68
C SER D 643 -2.89 28.89 53.04
N GLY D 644 -3.00 29.51 51.86
CA GLY D 644 -1.89 30.13 51.14
C GLY D 644 -0.72 29.24 50.76
N GLN D 645 -0.97 27.93 50.60
CA GLN D 645 0.06 26.95 50.27
C GLN D 645 0.07 26.56 48.78
N LEU D 646 -1.10 26.62 48.13
CA LEU D 646 -1.22 26.27 46.73
C LEU D 646 -1.48 27.52 45.92
N LYS D 647 -0.48 27.98 45.17
CA LYS D 647 -0.62 29.20 44.38
C LYS D 647 -1.07 28.96 42.93
N ALA D 648 -1.02 27.71 42.44
CA ALA D 648 -1.44 27.41 41.08
C ALA D 648 -2.13 26.07 40.91
N MET D 649 -3.07 25.99 39.97
CA MET D 649 -3.79 24.77 39.67
C MET D 649 -3.98 24.63 38.17
N TYR D 650 -3.57 23.50 37.59
CA TYR D 650 -3.74 23.24 36.17
C TYR D 650 -4.77 22.10 36.12
N VAL D 651 -6.05 22.42 35.92
CA VAL D 651 -7.10 21.40 35.89
C VAL D 651 -7.54 21.09 34.47
N LYS D 652 -7.37 19.84 34.02
CA LYS D 652 -7.83 19.45 32.70
C LYS D 652 -9.08 18.57 32.80
N GLY D 653 -10.03 18.83 31.91
CA GLY D 653 -11.28 18.10 31.81
C GLY D 653 -11.95 17.65 33.09
N GLU D 654 -12.02 18.53 34.09
CA GLU D 654 -12.69 18.21 35.33
C GLU D 654 -13.51 19.40 35.78
N GLU D 655 -14.81 19.18 36.04
CA GLU D 655 -15.73 20.24 36.45
C GLU D 655 -15.70 20.39 37.98
N MET D 656 -14.50 20.64 38.54
CA MET D 656 -14.26 20.77 39.98
C MET D 656 -15.12 21.81 40.68
N GLY D 657 -15.44 22.90 39.99
CA GLY D 657 -16.30 23.96 40.52
C GLY D 657 -17.72 23.52 40.78
N LEU D 658 -18.10 22.31 40.35
CA LEU D 658 -19.45 21.78 40.60
C LEU D 658 -19.38 20.38 41.19
N VAL D 659 -18.31 19.59 40.90
CA VAL D 659 -18.23 18.21 41.37
C VAL D 659 -17.46 18.02 42.69
N ASP D 660 -16.67 18.99 43.16
CA ASP D 660 -16.03 18.85 44.47
C ASP D 660 -17.12 19.13 45.52
N SER D 661 -17.06 18.49 46.69
CA SER D 661 -18.06 18.73 47.73
C SER D 661 -17.93 20.13 48.32
N ASN D 662 -19.07 20.72 48.74
CA ASN D 662 -19.10 22.04 49.35
C ASN D 662 -18.61 23.07 48.35
N ILE D 663 -19.35 23.25 47.22
CA ILE D 663 -18.90 24.14 46.15
C ILE D 663 -18.89 25.61 46.52
N ASN D 664 -19.41 25.99 47.70
CA ASN D 664 -19.31 27.39 48.13
C ASN D 664 -17.87 27.61 48.61
N HIS D 665 -17.31 26.64 49.33
CA HIS D 665 -15.94 26.66 49.81
C HIS D 665 -14.96 26.51 48.63
N VAL D 666 -15.33 25.71 47.59
CA VAL D 666 -14.44 25.55 46.43
C VAL D 666 -14.40 26.85 45.62
N HIS D 667 -15.55 27.53 45.48
CA HIS D 667 -15.59 28.79 44.76
C HIS D 667 -14.83 29.87 45.52
N ALA D 668 -14.93 29.86 46.86
CA ALA D 668 -14.20 30.80 47.71
C ALA D 668 -12.69 30.59 47.53
N ALA D 669 -12.25 29.32 47.43
CA ALA D 669 -10.85 29.00 47.21
C ALA D 669 -10.40 29.53 45.86
N TYR D 670 -11.27 29.43 44.83
CA TYR D 670 -10.95 29.88 43.48
C TYR D 670 -10.64 31.36 43.39
N GLU D 671 -11.32 32.19 44.18
CA GLU D 671 -11.08 33.63 44.18
C GLU D 671 -9.69 33.97 44.78
N LYS D 672 -9.27 33.19 45.78
CA LYS D 672 -7.98 33.34 46.46
C LYS D 672 -6.79 32.90 45.56
N LEU D 673 -6.97 31.83 44.76
CA LEU D 673 -5.95 31.21 43.88
C LEU D 673 -5.21 32.17 42.94
N ASP D 674 -3.86 32.19 43.03
CA ASP D 674 -2.98 33.07 42.24
C ASP D 674 -3.08 32.80 40.74
N PHE D 675 -2.86 31.55 40.31
CA PHE D 675 -2.95 31.22 38.89
C PHE D 675 -3.84 30.00 38.71
N PHE D 676 -4.82 30.08 37.81
CA PHE D 676 -5.72 28.95 37.58
C PHE D 676 -5.86 28.66 36.08
N VAL D 677 -5.35 27.52 35.62
CA VAL D 677 -5.44 27.15 34.21
C VAL D 677 -6.48 26.06 34.07
N VAL D 678 -7.56 26.31 33.31
CA VAL D 678 -8.56 25.28 33.10
C VAL D 678 -8.49 24.85 31.64
N GLN D 679 -8.34 23.56 31.38
CA GLN D 679 -8.26 23.03 30.03
C GLN D 679 -9.50 22.21 29.81
N ASP D 680 -10.36 22.63 28.89
CA ASP D 680 -11.62 21.94 28.68
C ASP D 680 -12.11 22.13 27.25
N ILE D 681 -13.15 21.38 26.85
CA ILE D 681 -13.75 21.56 25.53
C ILE D 681 -14.83 22.68 25.55
N PHE D 682 -15.37 23.03 26.73
CA PHE D 682 -16.36 24.09 26.91
C PHE D 682 -15.94 25.02 28.06
N LEU D 683 -16.55 26.23 28.15
CA LEU D 683 -16.25 27.12 29.27
C LEU D 683 -17.09 26.65 30.43
N SER D 684 -16.62 25.59 31.08
CA SER D 684 -17.27 24.98 32.24
C SER D 684 -17.44 25.98 33.39
N ARG D 685 -18.18 25.61 34.45
CA ARG D 685 -18.33 26.46 35.64
C ARG D 685 -16.94 26.79 36.22
N THR D 686 -16.07 25.77 36.27
CA THR D 686 -14.69 25.85 36.75
C THR D 686 -13.88 26.83 35.90
N ALA D 687 -14.01 26.74 34.56
CA ALA D 687 -13.30 27.60 33.61
C ALA D 687 -13.60 29.07 33.79
N GLU D 688 -14.76 29.43 34.37
CA GLU D 688 -15.12 30.83 34.65
C GLU D 688 -14.16 31.43 35.69
N PHE D 689 -13.65 30.60 36.62
CA PHE D 689 -12.70 31.04 37.64
C PHE D 689 -11.25 31.04 37.14
N ALA D 690 -10.99 30.58 35.91
CA ALA D 690 -9.63 30.48 35.39
C ALA D 690 -9.06 31.81 34.94
N ASP D 691 -7.74 31.93 35.03
CA ASP D 691 -6.97 33.06 34.53
C ASP D 691 -6.65 32.77 33.03
N VAL D 692 -6.45 31.47 32.67
CA VAL D 692 -6.21 31.01 31.30
C VAL D 692 -7.08 29.78 31.04
N VAL D 693 -7.81 29.78 29.93
CA VAL D 693 -8.60 28.63 29.53
C VAL D 693 -8.02 28.12 28.23
N LEU D 694 -7.65 26.84 28.17
CA LEU D 694 -7.10 26.28 26.94
C LEU D 694 -8.12 25.39 26.23
N PRO D 695 -8.40 25.69 24.95
CA PRO D 695 -9.39 24.90 24.22
C PRO D 695 -8.87 23.51 23.90
N ALA D 696 -9.41 22.49 24.57
CA ALA D 696 -9.00 21.09 24.34
C ALA D 696 -9.94 20.38 23.35
N SER D 697 -9.47 19.30 22.71
CA SER D 697 -10.27 18.57 21.74
C SER D 697 -10.77 17.28 22.35
N PRO D 698 -12.07 16.95 22.18
CA PRO D 698 -12.61 15.73 22.80
C PRO D 698 -12.19 14.41 22.15
N SER D 699 -12.67 13.26 22.67
CA SER D 699 -12.32 11.92 22.20
C SER D 699 -12.39 11.74 20.67
N LEU D 700 -13.44 12.24 20.04
CA LEU D 700 -13.59 12.13 18.60
C LEU D 700 -12.54 12.90 17.82
N GLU D 701 -11.93 13.92 18.42
CA GLU D 701 -10.93 14.72 17.74
C GLU D 701 -9.47 14.38 18.09
N LYS D 702 -9.24 13.17 18.62
CA LYS D 702 -7.90 12.74 18.97
C LYS D 702 -7.73 11.21 18.95
N GLU D 703 -6.46 10.75 19.01
CA GLU D 703 -6.12 9.34 19.09
C GLU D 703 -5.56 9.09 20.50
N GLY D 704 -5.56 7.84 20.90
CA GLY D 704 -5.08 7.47 22.24
C GLY D 704 -5.73 6.20 22.74
N THR D 705 -5.56 5.89 24.03
CA THR D 705 -6.14 4.68 24.60
C THR D 705 -6.91 5.00 25.86
N PHE D 706 -7.93 4.18 26.15
CA PHE D 706 -8.76 4.25 27.36
C PHE D 706 -8.72 2.89 28.03
N THR D 707 -8.77 2.84 29.36
CA THR D 707 -8.82 1.59 30.11
C THR D 707 -10.15 1.57 30.86
N ASN D 708 -11.00 0.60 30.54
CA ASN D 708 -12.34 0.54 31.15
C ASN D 708 -12.34 -0.20 32.51
N THR D 709 -13.55 -0.42 33.07
CA THR D 709 -13.81 -1.11 34.32
C THR D 709 -13.19 -2.51 34.36
N GLU D 710 -12.96 -3.15 33.20
CA GLU D 710 -12.37 -4.48 33.18
C GLU D 710 -10.84 -4.43 33.02
N ARG D 711 -10.19 -3.27 33.32
CA ARG D 711 -8.74 -3.09 33.10
C ARG D 711 -8.41 -3.31 31.61
N ARG D 712 -9.39 -3.07 30.70
CA ARG D 712 -9.30 -3.32 29.28
C ARG D 712 -8.83 -2.09 28.55
N ILE D 713 -7.59 -2.15 28.07
CA ILE D 713 -6.94 -1.08 27.33
C ILE D 713 -7.46 -1.17 25.93
N GLN D 714 -8.05 -0.07 25.43
CA GLN D 714 -8.63 0.02 24.11
C GLN D 714 -8.12 1.26 23.38
N ARG D 715 -7.86 1.13 22.09
CA ARG D 715 -7.33 2.23 21.28
C ARG D 715 -8.49 2.98 20.60
N LEU D 716 -8.41 4.32 20.56
CA LEU D 716 -9.39 5.15 19.88
C LEU D 716 -8.76 5.86 18.70
N TYR D 717 -9.44 5.81 17.54
CA TYR D 717 -8.96 6.41 16.30
C TYR D 717 -9.64 7.75 16.07
N GLN D 718 -8.92 8.71 15.46
CA GLN D 718 -9.45 10.04 15.25
C GLN D 718 -10.60 10.10 14.25
N VAL D 719 -11.77 10.61 14.69
CA VAL D 719 -12.96 10.72 13.85
C VAL D 719 -12.93 12.04 13.07
N PHE D 720 -12.78 13.15 13.79
CA PHE D 720 -12.72 14.48 13.18
C PHE D 720 -11.38 15.12 13.49
N GLU D 721 -10.94 16.05 12.65
CA GLU D 721 -9.74 16.82 12.96
C GLU D 721 -10.10 17.85 14.04
N PRO D 722 -9.17 18.20 14.94
CA PRO D 722 -9.48 19.19 15.99
C PRO D 722 -10.13 20.50 15.49
N LEU D 723 -11.29 20.85 16.07
CA LEU D 723 -12.09 22.00 15.70
C LEU D 723 -11.36 23.28 16.01
N GLY D 724 -11.25 24.17 15.03
CA GLY D 724 -10.56 25.45 15.17
C GLY D 724 -9.15 25.32 15.68
N GLU D 725 -8.79 26.13 16.68
CA GLU D 725 -7.46 26.04 17.29
C GLU D 725 -7.46 25.20 18.56
N SER D 726 -8.47 24.33 18.77
CA SER D 726 -8.48 23.47 19.93
C SER D 726 -7.52 22.33 19.66
N LYS D 727 -6.66 21.98 20.62
CA LYS D 727 -5.68 20.90 20.43
C LYS D 727 -6.03 19.70 21.34
N PRO D 728 -5.72 18.46 20.94
CA PRO D 728 -5.94 17.31 21.86
C PRO D 728 -5.09 17.50 23.12
N ASP D 729 -5.63 17.13 24.28
CA ASP D 729 -4.96 17.35 25.56
C ASP D 729 -3.46 16.98 25.61
N TRP D 730 -3.04 15.85 25.02
CA TRP D 730 -1.63 15.47 25.05
C TRP D 730 -0.77 16.51 24.36
N GLN D 731 -1.25 17.03 23.23
CA GLN D 731 -0.54 18.05 22.48
C GLN D 731 -0.40 19.31 23.30
N ILE D 732 -1.44 19.68 24.06
CA ILE D 732 -1.39 20.86 24.92
C ILE D 732 -0.38 20.64 26.05
N ILE D 733 -0.53 19.57 26.85
CA ILE D 733 0.38 19.24 27.96
C ILE D 733 1.85 19.22 27.52
N MET D 734 2.10 18.66 26.33
CA MET D 734 3.42 18.58 25.76
C MET D 734 3.93 19.97 25.42
N GLU D 735 3.08 20.82 24.84
CA GLU D 735 3.47 22.18 24.48
C GLU D 735 3.72 23.06 25.68
N VAL D 736 3.01 22.81 26.79
CA VAL D 736 3.21 23.54 28.04
C VAL D 736 4.57 23.14 28.61
N ALA D 737 4.85 21.82 28.63
CA ALA D 737 6.09 21.29 29.14
C ALA D 737 7.25 21.79 28.30
N ASN D 738 7.10 21.81 26.98
CA ASN D 738 8.14 22.31 26.09
C ASN D 738 8.45 23.78 26.35
N LYS D 739 7.42 24.58 26.67
CA LYS D 739 7.64 25.99 27.03
C LYS D 739 8.49 26.13 28.32
N LEU D 740 8.55 25.08 29.14
CA LEU D 740 9.35 25.02 30.36
C LEU D 740 10.71 24.30 30.16
N GLY D 741 11.06 23.95 28.91
CA GLY D 741 12.30 23.29 28.55
C GLY D 741 12.33 21.77 28.65
N ALA D 742 11.17 21.11 28.46
CA ALA D 742 11.12 19.65 28.56
C ALA D 742 11.75 18.97 27.36
N GLY D 743 11.56 19.54 26.18
CA GLY D 743 12.13 18.99 24.96
C GLY D 743 11.53 17.67 24.52
N TRP D 744 10.30 17.38 24.95
CA TRP D 744 9.59 16.16 24.58
C TRP D 744 9.33 16.20 23.08
N LEU D 745 9.54 15.07 22.38
CA LEU D 745 9.38 15.06 20.92
C LEU D 745 8.35 14.05 20.41
N TYR D 746 7.24 13.85 21.14
CA TYR D 746 6.20 12.92 20.70
C TYR D 746 5.50 13.44 19.47
N GLU D 747 5.13 12.54 18.57
CA GLU D 747 4.40 12.90 17.36
C GLU D 747 3.00 12.29 17.33
N HIS D 748 2.76 11.25 18.11
CA HIS D 748 1.50 10.57 18.18
C HIS D 748 1.37 9.98 19.58
N PRO D 749 0.16 9.81 20.16
CA PRO D 749 0.06 9.22 21.50
C PRO D 749 0.76 7.86 21.61
N ALA D 750 0.92 7.14 20.51
CA ALA D 750 1.63 5.86 20.49
C ALA D 750 3.09 5.98 20.96
N ASP D 751 3.71 7.16 20.76
CA ASP D 751 5.07 7.49 21.20
C ASP D 751 5.10 7.62 22.73
N ILE D 752 4.05 8.23 23.31
CA ILE D 752 3.88 8.40 24.75
C ILE D 752 3.65 7.03 25.38
N MET D 753 2.86 6.17 24.73
CA MET D 753 2.57 4.83 25.22
C MET D 753 3.81 3.93 25.22
N GLU D 754 4.68 4.05 24.20
CA GLU D 754 5.92 3.26 24.16
C GLU D 754 6.81 3.59 25.34
N GLU D 755 6.94 4.88 25.68
CA GLU D 755 7.77 5.31 26.80
C GLU D 755 7.20 4.78 28.11
N ALA D 756 5.89 4.95 28.31
CA ALA D 756 5.18 4.55 29.51
C ALA D 756 5.11 3.04 29.74
N ALA D 757 5.02 2.23 28.68
CA ALA D 757 4.94 0.77 28.82
C ALA D 757 6.26 0.20 29.36
N LYS D 758 7.39 0.82 28.98
CA LYS D 758 8.70 0.43 29.46
C LYS D 758 8.83 0.67 30.97
N LEU D 759 8.25 1.75 31.46
CA LEU D 759 8.32 2.10 32.87
C LEU D 759 7.25 1.42 33.74
N SER D 760 5.97 1.45 33.34
CA SER D 760 4.88 0.80 34.08
C SER D 760 4.97 -0.71 33.89
N PRO D 761 5.18 -1.49 34.96
CA PRO D 761 5.33 -2.94 34.78
C PRO D 761 4.05 -3.65 34.40
N ILE D 762 2.91 -3.19 34.95
CA ILE D 762 1.61 -3.80 34.59
C ILE D 762 1.21 -3.50 33.11
N TYR D 763 1.89 -2.56 32.44
CA TYR D 763 1.63 -2.21 31.04
C TYR D 763 2.80 -2.54 30.12
N ALA D 764 3.75 -3.37 30.58
CA ALA D 764 4.96 -3.71 29.84
C ALA D 764 4.75 -4.21 28.41
N GLY D 765 3.76 -5.07 28.21
CA GLY D 765 3.52 -5.65 26.89
C GLY D 765 2.52 -4.94 26.03
N VAL D 766 2.09 -3.74 26.45
CA VAL D 766 1.12 -2.93 25.72
C VAL D 766 1.80 -2.15 24.60
N THR D 767 1.39 -2.42 23.36
CA THR D 767 1.84 -1.72 22.16
C THR D 767 0.62 -1.42 21.31
N TYR D 768 0.65 -0.31 20.57
CA TYR D 768 -0.49 0.05 19.71
C TYR D 768 -0.85 -1.03 18.70
N GLU D 769 0.15 -1.82 18.27
CA GLU D 769 -0.04 -2.95 17.35
C GLU D 769 -0.96 -4.01 17.99
N ARG D 770 -0.78 -4.29 19.29
CA ARG D 770 -1.62 -5.28 19.97
C ARG D 770 -3.06 -4.78 20.23
N LEU D 771 -3.29 -3.46 20.09
CA LEU D 771 -4.58 -2.80 20.30
C LEU D 771 -5.20 -2.28 19.00
N GLU D 772 -4.75 -2.75 17.83
CA GLU D 772 -5.28 -2.27 16.56
C GLU D 772 -6.70 -2.73 16.32
N GLY D 773 -7.56 -1.83 15.86
CA GLY D 773 -8.94 -2.16 15.56
C GLY D 773 -9.73 -2.44 16.82
N TYR D 774 -10.46 -3.57 16.85
CA TYR D 774 -11.20 -3.93 18.07
C TYR D 774 -10.40 -4.78 19.06
N ASN D 775 -9.08 -4.94 18.83
CA ASN D 775 -8.23 -5.68 19.72
C ASN D 775 -8.03 -4.93 21.04
N SER D 776 -7.91 -5.69 22.12
CA SER D 776 -7.73 -5.10 23.43
C SER D 776 -6.77 -5.94 24.29
N LEU D 777 -6.30 -5.36 25.39
CA LEU D 777 -5.42 -6.05 26.33
C LEU D 777 -5.87 -5.72 27.73
N GLN D 778 -6.00 -6.72 28.60
CA GLN D 778 -6.38 -6.46 29.99
C GLN D 778 -5.14 -6.55 30.87
N TRP D 779 -4.85 -5.52 31.68
CA TRP D 779 -3.64 -5.55 32.49
C TRP D 779 -3.80 -6.43 33.73
N PRO D 780 -2.70 -7.03 34.27
CA PRO D 780 -1.29 -6.90 33.86
C PRO D 780 -0.94 -7.58 32.55
N VAL D 781 -0.23 -6.85 31.67
CA VAL D 781 0.20 -7.36 30.37
C VAL D 781 1.72 -7.50 30.41
N ASN D 782 2.24 -8.75 30.48
CA ASN D 782 3.68 -8.96 30.49
C ASN D 782 4.31 -8.63 29.11
N ALA D 783 5.64 -8.40 29.05
CA ALA D 783 6.33 -8.02 27.82
C ALA D 783 6.09 -8.93 26.62
N ASP D 784 5.64 -10.16 26.86
CA ASP D 784 5.32 -11.12 25.79
C ASP D 784 3.94 -10.87 25.13
N GLY D 785 3.21 -9.86 25.57
CA GLY D 785 1.90 -9.56 25.03
C GLY D 785 0.77 -10.37 25.67
N LYS D 786 1.10 -11.28 26.60
CA LYS D 786 0.10 -12.10 27.29
C LYS D 786 -0.60 -11.25 28.33
N ASP D 787 -1.90 -11.03 28.15
CA ASP D 787 -2.70 -10.20 29.03
C ASP D 787 -3.28 -10.99 30.23
N SER D 788 -4.14 -10.35 31.04
CA SER D 788 -4.73 -11.01 32.20
C SER D 788 -6.22 -10.71 32.24
N PRO D 789 -7.03 -11.53 31.55
CA PRO D 789 -8.49 -11.31 31.57
C PRO D 789 -9.11 -11.54 32.94
N LEU D 790 -8.60 -12.55 33.66
CA LEU D 790 -9.09 -12.88 34.99
C LEU D 790 -7.95 -12.85 35.99
N LEU D 791 -8.05 -11.98 36.99
CA LEU D 791 -7.01 -11.81 38.00
C LEU D 791 -7.03 -12.89 39.08
N PHE D 792 -5.85 -13.14 39.68
CA PHE D 792 -5.59 -14.02 40.82
C PHE D 792 -5.84 -15.50 40.52
N THR D 793 -5.71 -15.92 39.26
CA THR D 793 -5.94 -17.32 38.90
C THR D 793 -4.88 -18.22 39.52
N GLU D 794 -3.60 -17.83 39.38
CA GLU D 794 -2.51 -18.61 39.95
C GLU D 794 -2.22 -18.19 41.40
N ARG D 795 -2.06 -16.88 41.66
CA ARG D 795 -1.75 -16.35 43.00
C ARG D 795 -2.18 -14.89 43.21
N PHE D 796 -2.16 -14.39 44.45
CA PHE D 796 -2.43 -12.99 44.75
C PHE D 796 -1.10 -12.21 44.71
N PRO D 797 -1.08 -10.95 44.21
CA PRO D 797 0.19 -10.21 44.10
C PRO D 797 0.73 -9.64 45.41
N PHE D 798 1.13 -10.52 46.30
CA PHE D 798 1.72 -10.21 47.59
C PHE D 798 2.99 -11.07 47.72
N PRO D 799 3.98 -10.71 48.56
CA PRO D 799 5.21 -11.51 48.66
C PRO D 799 5.00 -13.03 48.81
N ASP D 800 3.98 -13.43 49.59
CA ASP D 800 3.72 -14.86 49.80
C ASP D 800 2.64 -15.47 48.88
N GLY D 801 2.11 -14.69 47.94
CA GLY D 801 1.07 -15.14 47.01
C GLY D 801 -0.29 -15.36 47.65
N LYS D 802 -0.48 -14.86 48.86
CA LYS D 802 -1.72 -15.01 49.58
C LYS D 802 -2.36 -13.68 49.86
N ALA D 803 -3.68 -13.62 49.70
CA ALA D 803 -4.53 -12.48 49.97
C ALA D 803 -4.54 -12.18 51.49
N ILE D 804 -4.89 -10.96 51.89
CA ILE D 804 -4.89 -10.58 53.30
C ILE D 804 -6.29 -10.20 53.77
N LEU D 805 -6.81 -10.86 54.81
CA LEU D 805 -8.09 -10.46 55.40
C LEU D 805 -7.78 -9.21 56.22
N TYR D 806 -8.53 -8.13 55.98
CA TYR D 806 -8.25 -6.85 56.60
C TYR D 806 -9.29 -6.42 57.64
N PRO D 807 -8.90 -6.37 58.94
CA PRO D 807 -9.86 -5.97 59.99
C PRO D 807 -10.47 -4.59 59.79
N VAL D 808 -11.80 -4.53 59.61
CA VAL D 808 -12.49 -3.27 59.39
C VAL D 808 -13.60 -3.02 60.38
N GLN D 809 -13.74 -1.76 60.76
CA GLN D 809 -14.74 -1.30 61.71
C GLN D 809 -15.77 -0.39 61.06
N TRP D 810 -16.97 -0.36 61.63
CA TRP D 810 -17.99 0.51 61.10
C TRP D 810 -17.69 1.92 61.57
N THR D 811 -17.73 2.86 60.64
CA THR D 811 -17.52 4.27 60.95
C THR D 811 -18.88 4.90 60.72
N GLU D 812 -19.51 5.38 61.80
CA GLU D 812 -20.85 5.95 61.74
C GLU D 812 -20.89 7.12 60.79
N PRO D 813 -21.88 7.13 59.87
CA PRO D 813 -21.97 8.24 58.92
C PRO D 813 -22.21 9.57 59.62
N LYS D 814 -21.61 10.65 59.10
CA LYS D 814 -21.71 11.97 59.69
C LYS D 814 -23.14 12.43 59.88
N GLU D 815 -23.46 12.86 61.11
CA GLU D 815 -24.77 13.38 61.48
C GLU D 815 -24.76 14.90 61.41
N PHE D 816 -25.71 15.49 60.70
CA PHE D 816 -25.74 16.92 60.46
C PHE D 816 -26.40 17.75 61.53
N GLY D 817 -27.35 17.16 62.22
CA GLY D 817 -28.10 17.88 63.23
C GLY D 817 -29.58 17.58 63.13
N GLU D 818 -30.28 17.73 64.26
CA GLU D 818 -31.70 17.45 64.38
C GLU D 818 -32.54 18.30 63.44
N GLU D 819 -32.11 19.53 63.15
CA GLU D 819 -32.86 20.42 62.26
C GLU D 819 -32.89 20.00 60.79
N TYR D 820 -31.92 19.18 60.39
CA TYR D 820 -31.79 18.68 59.02
C TYR D 820 -32.37 17.27 58.98
N ASP D 821 -33.68 17.18 58.73
CA ASP D 821 -34.42 15.92 58.73
C ASP D 821 -34.53 15.20 57.39
N ILE D 822 -34.01 15.81 56.32
CA ILE D 822 -34.07 15.18 55.01
C ILE D 822 -32.72 14.59 54.64
N HIS D 823 -32.66 13.30 54.30
CA HIS D 823 -31.43 12.68 53.86
C HIS D 823 -31.36 12.84 52.35
N VAL D 824 -30.57 13.82 51.86
CA VAL D 824 -30.46 14.05 50.43
C VAL D 824 -29.53 13.05 49.74
N ASN D 825 -30.11 11.97 49.22
CA ASN D 825 -29.37 11.00 48.44
C ASN D 825 -29.12 11.67 47.07
N ASN D 826 -27.98 11.39 46.43
CA ASN D 826 -27.70 11.99 45.13
C ASN D 826 -26.97 11.03 44.23
N GLY D 827 -27.13 11.22 42.94
CA GLY D 827 -26.47 10.38 41.96
C GLY D 827 -26.64 10.92 40.57
N ARG D 828 -26.74 10.00 39.61
CA ARG D 828 -26.85 10.34 38.21
C ARG D 828 -28.18 9.89 37.59
N LEU D 829 -28.33 10.05 36.27
CA LEU D 829 -29.50 9.60 35.53
C LEU D 829 -28.96 8.86 34.33
N LEU D 830 -29.64 7.81 33.86
CA LEU D 830 -29.23 7.04 32.67
C LEU D 830 -28.78 7.92 31.48
N GLU D 831 -29.59 8.93 31.14
CA GLU D 831 -29.43 9.85 30.04
C GLU D 831 -28.43 10.96 30.26
N HIS D 832 -28.15 11.34 31.52
CA HIS D 832 -27.27 12.48 31.74
C HIS D 832 -25.97 12.13 32.38
N PHE D 833 -24.92 12.80 31.93
CA PHE D 833 -23.59 12.60 32.48
C PHE D 833 -23.22 13.79 33.33
N HIS D 834 -23.25 13.58 34.66
CA HIS D 834 -22.94 14.54 35.71
C HIS D 834 -23.74 15.83 35.51
N GLU D 835 -23.16 17.05 35.66
CA GLU D 835 -23.91 18.29 35.47
C GLU D 835 -24.49 18.48 34.05
N GLY D 836 -24.13 17.60 33.12
CA GLY D 836 -24.62 17.66 31.75
C GLY D 836 -23.85 18.60 30.84
N ASN D 837 -22.54 18.80 31.09
CA ASN D 837 -21.73 19.65 30.19
C ASN D 837 -21.71 19.07 28.77
N LEU D 838 -21.77 17.75 28.66
CA LEU D 838 -21.78 17.07 27.39
C LEU D 838 -23.23 16.72 26.98
N THR D 839 -24.03 16.15 27.90
CA THR D 839 -25.37 15.69 27.55
C THR D 839 -26.42 16.79 27.35
N TYR D 840 -26.26 17.99 27.95
CA TYR D 840 -27.22 19.08 27.68
C TYR D 840 -27.04 19.67 26.27
N LYS D 841 -25.83 19.51 25.67
CA LYS D 841 -25.56 19.89 24.30
C LYS D 841 -26.34 18.96 23.34
N SER D 842 -26.66 17.71 23.77
CA SER D 842 -27.45 16.79 22.98
C SER D 842 -28.89 17.23 23.09
N LYS D 843 -29.47 17.73 22.01
CA LYS D 843 -30.85 18.22 22.00
C LYS D 843 -31.85 17.09 22.30
N GLY D 844 -31.64 15.91 21.73
CA GLY D 844 -32.54 14.78 21.94
C GLY D 844 -32.64 14.31 23.38
N ILE D 845 -31.50 14.31 24.11
CA ILE D 845 -31.44 13.94 25.53
C ILE D 845 -32.16 15.03 26.33
N SER D 846 -31.85 16.30 26.04
CA SER D 846 -32.49 17.43 26.70
C SER D 846 -34.01 17.45 26.50
N GLU D 847 -34.50 17.04 25.33
CA GLU D 847 -35.93 16.99 24.99
C GLU D 847 -36.72 16.08 25.97
N LYS D 848 -36.17 14.91 26.29
CA LYS D 848 -36.86 13.97 27.17
C LYS D 848 -36.49 14.11 28.67
N THR D 849 -35.41 14.88 28.97
CA THR D 849 -34.93 15.16 30.33
C THR D 849 -34.31 16.56 30.34
N PRO D 850 -35.15 17.60 30.30
CA PRO D 850 -34.62 18.97 30.20
C PRO D 850 -34.03 19.57 31.46
N GLU D 851 -34.27 18.97 32.63
CA GLU D 851 -33.78 19.57 33.86
C GLU D 851 -33.65 18.63 35.05
N VAL D 852 -33.02 19.15 36.11
CA VAL D 852 -32.84 18.48 37.39
C VAL D 852 -34.21 18.39 38.09
N PHE D 853 -34.32 17.52 39.06
CA PHE D 853 -35.56 17.35 39.84
C PHE D 853 -35.24 16.76 41.19
N LEU D 854 -36.12 16.94 42.16
CA LEU D 854 -35.92 16.37 43.49
C LEU D 854 -36.94 15.29 43.71
N GLU D 855 -36.52 14.04 43.82
CA GLU D 855 -37.44 12.93 44.04
C GLU D 855 -37.97 12.96 45.47
N ILE D 856 -39.28 13.19 45.64
CA ILE D 856 -39.92 13.18 46.94
C ILE D 856 -40.78 11.93 47.07
N SER D 857 -40.72 11.25 48.20
CA SER D 857 -41.51 10.04 48.42
C SER D 857 -42.98 10.41 48.54
N PRO D 858 -43.92 9.51 48.19
CA PRO D 858 -45.35 9.84 48.38
C PRO D 858 -45.66 10.15 49.86
N GLU D 859 -44.92 9.53 50.82
CA GLU D 859 -45.09 9.80 52.25
C GLU D 859 -44.72 11.26 52.54
N LEU D 860 -43.51 11.68 52.15
CA LEU D 860 -43.07 13.05 52.42
C LEU D 860 -43.92 14.07 51.70
N ALA D 861 -44.39 13.72 50.49
CA ALA D 861 -45.27 14.55 49.67
C ALA D 861 -46.59 14.78 50.35
N ALA D 862 -47.13 13.75 51.03
CA ALA D 862 -48.38 13.86 51.75
C ALA D 862 -48.18 14.81 52.93
N GLU D 863 -47.10 14.60 53.71
CA GLU D 863 -46.76 15.40 54.88
C GLU D 863 -46.48 16.88 54.59
N ARG D 864 -45.72 17.19 53.52
CA ARG D 864 -45.38 18.59 53.23
C ARG D 864 -46.27 19.25 52.17
N GLY D 865 -47.23 18.52 51.61
CA GLY D 865 -48.17 19.07 50.64
C GLY D 865 -47.52 19.37 49.30
N ILE D 866 -46.56 18.52 48.92
CA ILE D 866 -45.78 18.61 47.70
C ILE D 866 -46.47 17.89 46.54
N GLN D 867 -46.49 18.55 45.39
CA GLN D 867 -46.97 17.96 44.14
C GLN D 867 -45.81 18.07 43.12
N ASP D 868 -45.98 17.49 41.92
CA ASP D 868 -44.95 17.57 40.88
C ASP D 868 -44.82 19.04 40.43
N GLY D 869 -43.63 19.58 40.51
CA GLY D 869 -43.38 20.96 40.12
C GLY D 869 -43.25 21.94 41.27
N THR D 870 -43.47 21.48 42.50
CA THR D 870 -43.38 22.31 43.68
C THR D 870 -41.94 22.72 43.90
N LEU D 871 -41.66 24.03 43.85
CA LEU D 871 -40.32 24.52 44.09
C LEU D 871 -40.04 24.51 45.60
N VAL D 872 -39.01 23.79 46.03
CA VAL D 872 -38.61 23.71 47.44
C VAL D 872 -37.17 24.21 47.63
N ARG D 873 -36.74 24.41 48.89
CA ARG D 873 -35.39 24.87 49.16
C ARG D 873 -34.71 23.98 50.17
N LEU D 874 -33.82 23.09 49.70
CA LEU D 874 -33.07 22.25 50.62
C LEU D 874 -31.93 23.08 51.17
N THR D 875 -31.83 23.19 52.50
CA THR D 875 -30.80 23.99 53.14
C THR D 875 -29.97 23.13 54.06
N SER D 876 -28.66 23.17 53.91
CA SER D 876 -27.71 22.44 54.74
C SER D 876 -26.74 23.46 55.42
N PRO D 877 -25.86 23.04 56.34
CA PRO D 877 -24.92 24.02 56.93
C PRO D 877 -23.81 24.48 55.98
N PHE D 878 -23.93 24.19 54.67
CA PHE D 878 -22.89 24.53 53.67
C PHE D 878 -23.40 25.36 52.51
N GLY D 879 -24.71 25.38 52.29
CA GLY D 879 -25.36 26.11 51.20
C GLY D 879 -26.80 25.67 50.97
N ASN D 880 -27.45 26.18 49.90
CA ASN D 880 -28.83 25.79 49.62
C ASN D 880 -29.14 25.63 48.15
N VAL D 881 -30.10 24.75 47.84
CA VAL D 881 -30.55 24.56 46.45
C VAL D 881 -32.04 24.84 46.32
N LYS D 882 -32.47 25.40 45.20
CA LYS D 882 -33.89 25.62 44.92
C LYS D 882 -34.20 24.64 43.80
N VAL D 883 -35.08 23.66 44.05
CA VAL D 883 -35.35 22.64 43.03
C VAL D 883 -36.84 22.23 42.95
N LYS D 884 -37.37 22.01 41.73
CA LYS D 884 -38.73 21.51 41.53
C LYS D 884 -38.84 20.05 42.04
N CYS D 885 -40.04 19.59 42.40
CA CYS D 885 -40.20 18.25 42.97
C CYS D 885 -40.82 17.22 42.03
N LEU D 886 -40.52 15.92 42.26
CA LEU D 886 -41.09 14.83 41.49
C LEU D 886 -41.42 13.68 42.43
N ILE D 887 -42.71 13.36 42.57
CA ILE D 887 -43.13 12.26 43.46
C ILE D 887 -42.93 10.90 42.80
N THR D 888 -42.33 9.94 43.52
CA THR D 888 -42.13 8.58 43.02
C THR D 888 -41.81 7.62 44.16
N ASP D 889 -42.28 6.38 44.06
CA ASP D 889 -41.97 5.37 45.08
C ASP D 889 -40.53 4.81 44.98
N ARG D 890 -39.71 5.39 44.09
CA ARG D 890 -38.30 5.06 43.98
C ARG D 890 -37.60 5.55 45.28
N VAL D 891 -38.06 6.65 45.87
CA VAL D 891 -37.49 7.17 47.10
C VAL D 891 -38.50 6.97 48.29
N LYS D 892 -37.98 6.73 49.51
CA LYS D 892 -38.86 6.43 50.65
C LYS D 892 -38.70 7.37 51.84
N GLY D 893 -39.79 7.55 52.59
CA GLY D 893 -39.83 8.37 53.79
C GLY D 893 -39.21 9.74 53.66
N LYS D 894 -38.18 10.01 54.49
CA LYS D 894 -37.52 11.30 54.47
C LYS D 894 -36.22 11.34 53.65
N GLU D 895 -35.87 10.26 52.94
CA GLU D 895 -34.70 10.28 52.07
C GLU D 895 -35.18 10.78 50.70
N VAL D 896 -34.56 11.84 50.16
CA VAL D 896 -34.93 12.32 48.83
C VAL D 896 -33.81 11.96 47.82
N TYR D 897 -33.99 12.25 46.53
CA TYR D 897 -32.97 11.97 45.53
C TYR D 897 -32.78 13.16 44.64
N LEU D 898 -31.57 13.72 44.60
CA LEU D 898 -31.29 14.87 43.77
C LEU D 898 -30.20 14.52 42.78
N PRO D 899 -30.55 14.25 41.51
CA PRO D 899 -29.51 13.93 40.52
C PRO D 899 -28.58 15.12 40.24
N MET D 900 -27.36 14.85 39.74
CA MET D 900 -26.33 15.87 39.51
C MET D 900 -26.52 16.76 38.30
N ASN D 901 -27.54 16.52 37.45
CA ASN D 901 -27.72 17.22 36.18
C ASN D 901 -28.21 18.68 36.27
N ASP D 902 -27.47 19.51 37.00
CA ASP D 902 -27.73 20.95 37.11
C ASP D 902 -26.46 21.71 37.46
N SER D 903 -26.28 22.90 36.86
CA SER D 903 -25.09 23.73 37.00
C SER D 903 -25.31 25.08 37.70
N GLY D 904 -26.45 25.27 38.35
CA GLY D 904 -26.74 26.52 39.05
C GLY D 904 -27.46 26.39 40.37
N GLU D 905 -28.70 26.89 40.43
CA GLU D 905 -29.55 26.88 41.62
C GLU D 905 -29.74 25.53 42.28
N ALA D 906 -29.73 24.43 41.49
CA ALA D 906 -29.97 23.11 42.04
C ALA D 906 -28.76 22.19 42.05
N ALA D 907 -27.55 22.77 41.99
CA ALA D 907 -26.30 21.99 42.03
C ALA D 907 -26.19 21.29 43.37
N ILE D 908 -26.29 19.94 43.37
CA ILE D 908 -26.25 19.12 44.59
C ILE D 908 -25.05 19.44 45.48
N ASN D 909 -23.92 19.87 44.89
CA ASN D 909 -22.74 20.13 45.71
C ASN D 909 -22.76 21.46 46.46
N LEU D 910 -23.87 22.20 46.38
CA LEU D 910 -24.08 23.37 47.24
C LEU D 910 -24.46 22.85 48.66
N LEU D 911 -25.14 21.67 48.78
CA LEU D 911 -25.56 21.07 50.03
C LEU D 911 -24.49 20.25 50.70
N THR D 912 -23.70 19.50 49.92
CA THR D 912 -22.69 18.59 50.45
C THR D 912 -21.58 19.28 51.25
N GLY D 913 -21.03 18.56 52.23
CA GLY D 913 -20.00 19.10 53.09
C GLY D 913 -18.62 18.59 52.76
N SER D 914 -17.60 19.30 53.25
CA SER D 914 -16.21 18.93 53.02
C SER D 914 -15.78 17.64 53.73
N HIS D 915 -16.68 16.96 54.46
CA HIS D 915 -16.31 15.72 55.16
C HIS D 915 -16.06 14.62 54.16
N ALA D 916 -14.94 13.97 54.29
CA ALA D 916 -14.50 12.97 53.34
C ALA D 916 -14.10 11.63 54.04
N ASP D 917 -13.83 10.56 53.26
CA ASP D 917 -13.37 9.27 53.76
C ASP D 917 -12.10 9.47 54.58
N LYS D 918 -11.96 8.77 55.70
CA LYS D 918 -10.83 8.94 56.60
C LYS D 918 -9.49 8.47 56.04
N ASP D 919 -9.51 7.53 55.10
CA ASP D 919 -8.27 6.96 54.55
C ASP D 919 -7.91 7.44 53.15
N THR D 920 -8.92 7.75 52.29
CA THR D 920 -8.63 8.20 50.93
C THR D 920 -9.08 9.60 50.57
N ASP D 921 -9.65 10.36 51.51
CA ASP D 921 -10.10 11.73 51.27
C ASP D 921 -11.21 11.86 50.18
N THR D 922 -11.99 10.79 49.96
CA THR D 922 -13.08 10.78 48.99
C THR D 922 -14.26 11.48 49.61
N PRO D 923 -14.70 12.64 49.10
CA PRO D 923 -15.83 13.34 49.73
C PRO D 923 -17.05 12.45 49.98
N ALA D 924 -17.62 12.55 51.18
CA ALA D 924 -18.78 11.74 51.53
C ALA D 924 -20.01 12.40 50.97
N TYR D 925 -20.29 12.15 49.69
CA TYR D 925 -21.46 12.72 49.02
C TYR D 925 -22.73 12.01 49.41
N LYS D 926 -22.66 10.71 49.76
CA LYS D 926 -23.85 9.98 50.19
C LYS D 926 -24.21 10.15 51.68
N GLU D 927 -23.57 11.13 52.35
CA GLU D 927 -23.83 11.51 53.73
C GLU D 927 -24.16 13.00 53.69
N THR D 928 -25.30 13.36 53.09
CA THR D 928 -25.73 14.74 53.01
C THR D 928 -27.14 14.86 53.54
N SER D 929 -27.31 15.74 54.54
CA SER D 929 -28.61 16.01 55.15
C SER D 929 -28.92 17.49 54.95
N ALA D 930 -30.21 17.82 54.94
CA ALA D 930 -30.69 19.18 54.73
C ALA D 930 -32.14 19.32 55.26
N LYS D 931 -32.65 20.57 55.38
CA LYS D 931 -34.03 20.84 55.78
C LYS D 931 -34.75 21.48 54.60
N MET D 932 -35.98 21.05 54.34
CA MET D 932 -36.75 21.50 53.18
C MET D 932 -37.77 22.58 53.49
N GLU D 933 -37.72 23.70 52.76
CA GLU D 933 -38.62 24.83 52.94
C GLU D 933 -39.38 25.09 51.62
N ILE D 934 -40.73 25.00 51.59
CA ILE D 934 -41.51 25.23 50.35
C ILE D 934 -41.43 26.69 49.87
N LEU D 935 -41.11 26.90 48.57
CA LEU D 935 -40.97 28.23 47.99
C LEU D 935 -42.17 28.59 47.08
N LYS D 936 -42.57 27.67 46.21
CA LYS D 936 -43.72 27.80 45.32
C LYS D 936 -44.51 26.50 45.38
N HIS D 937 -45.81 26.57 45.15
CA HIS D 937 -46.65 25.38 45.24
C HIS D 937 -46.96 24.83 43.87
N ASP D 938 -47.27 25.71 42.92
CA ASP D 938 -47.62 25.29 41.58
C ASP D 938 -46.52 25.56 40.59
N GLY D 939 -46.20 24.52 39.85
CA GLY D 939 -45.19 24.58 38.80
C GLY D 939 -45.32 23.41 37.85
N ILE D 940 -44.83 23.56 36.61
CA ILE D 940 -44.89 22.45 35.65
C ILE D 940 -43.94 21.35 36.12
N SER D 941 -44.35 20.08 36.01
CA SER D 941 -43.54 18.94 36.46
C SER D 941 -42.17 18.95 35.79
N PRO D 942 -41.10 18.77 36.56
CA PRO D 942 -39.74 18.80 35.98
C PRO D 942 -39.39 17.60 35.09
N LEU D 943 -40.26 16.58 35.04
CA LEU D 943 -40.06 15.40 34.22
C LEU D 943 -41.20 15.28 33.22
N PRO D 944 -40.92 15.48 31.93
CA PRO D 944 -42.00 15.42 30.93
C PRO D 944 -42.63 14.05 30.73
N LYS D 945 -43.82 14.00 30.10
CA LYS D 945 -44.55 12.76 29.82
C LYS D 945 -43.75 11.79 28.94
N ILE D 946 -42.85 12.35 28.09
CA ILE D 946 -41.98 11.64 27.17
C ILE D 946 -40.74 11.04 27.83
N ASN D 947 -40.47 11.35 29.13
CA ASN D 947 -39.34 10.74 29.81
C ASN D 947 -39.55 9.24 29.93
N HIS D 948 -38.48 8.45 29.79
CA HIS D 948 -38.60 7.00 29.84
C HIS D 948 -39.20 6.51 31.17
N ARG D 949 -38.95 7.21 32.28
CA ARG D 949 -39.49 6.82 33.58
C ARG D 949 -41.01 6.87 33.68
N ASN D 950 -41.66 7.51 32.70
CA ASN D 950 -43.11 7.62 32.63
C ASN D 950 -43.69 6.59 31.63
N GLY D 951 -43.02 5.45 31.44
CA GLY D 951 -43.46 4.44 30.50
C GLY D 951 -44.26 3.29 31.07
N ASN D 952 -44.36 2.21 30.30
CA ASN D 952 -45.15 1.03 30.66
C ASN D 952 -44.59 -0.23 29.95
N PRO D 953 -43.39 -0.71 30.34
CA PRO D 953 -42.82 -1.90 29.70
C PRO D 953 -43.75 -3.11 29.63
N GLN D 954 -43.53 -4.00 28.65
CA GLN D 954 -44.33 -5.22 28.48
C GLN D 954 -43.37 -6.41 28.52
N PRO D 955 -42.92 -6.81 29.73
CA PRO D 955 -41.94 -7.89 29.81
C PRO D 955 -42.40 -9.22 29.21
N GLN D 956 -41.48 -9.96 28.58
CA GLN D 956 -41.73 -11.27 27.97
C GLN D 956 -40.44 -11.99 27.58
N ILE D 957 -40.50 -13.32 27.44
CA ILE D 957 -39.33 -14.07 27.02
C ILE D 957 -39.41 -14.25 25.52
N GLY D 958 -38.53 -13.56 24.81
CA GLY D 958 -38.46 -13.67 23.38
C GLY D 958 -39.34 -12.76 22.58
N VAL D 959 -39.64 -13.20 21.36
CA VAL D 959 -40.43 -12.50 20.35
C VAL D 959 -41.90 -12.97 20.30
N GLN D 960 -42.19 -14.16 20.87
CA GLN D 960 -43.48 -14.84 20.87
C GLN D 960 -43.79 -15.29 19.45
N VAL D 961 -42.79 -15.90 18.79
CA VAL D 961 -42.96 -16.37 17.41
C VAL D 961 -44.08 -17.42 17.29
N HIS D 962 -44.39 -18.15 18.39
CA HIS D 962 -45.47 -19.12 18.41
C HIS D 962 -46.84 -18.47 18.16
N LYS D 963 -47.00 -17.17 18.48
CA LYS D 963 -48.23 -16.44 18.22
C LYS D 963 -48.38 -16.18 16.70
N LYS D 964 -47.26 -15.98 15.98
CA LYS D 964 -47.26 -15.78 14.54
C LYS D 964 -47.67 -17.09 13.86
N TRP D 965 -47.12 -18.22 14.34
CA TRP D 965 -47.43 -19.54 13.77
C TRP D 965 -48.89 -19.97 14.03
N ALA D 966 -49.50 -19.44 15.09
CA ALA D 966 -50.89 -19.73 15.46
C ALA D 966 -51.91 -19.06 14.54
N ARG D 967 -51.50 -18.04 13.77
CA ARG D 967 -52.39 -17.34 12.85
C ARG D 967 -52.89 -18.26 11.72
N LYS D 968 -53.96 -17.84 11.03
CA LYS D 968 -54.49 -18.62 9.91
C LYS D 968 -53.62 -18.41 8.68
N ASP D 969 -53.16 -17.16 8.45
CA ASP D 969 -52.34 -16.83 7.28
C ASP D 969 -50.94 -17.44 7.29
N TYR D 970 -50.45 -17.88 8.47
CA TYR D 970 -49.11 -18.46 8.53
C TYR D 970 -49.06 -19.84 7.91
N ILE D 971 -48.19 -19.99 6.91
CA ILE D 971 -47.93 -21.25 6.22
C ILE D 971 -46.43 -21.36 6.15
N PHE D 972 -45.82 -22.32 6.85
CA PHE D 972 -44.37 -22.50 6.85
C PHE D 972 -43.85 -22.75 5.44
N PRO D 973 -42.80 -22.00 5.01
CA PRO D 973 -42.28 -22.16 3.64
C PRO D 973 -41.88 -23.58 3.27
N GLY D 974 -41.39 -24.33 4.24
CA GLY D 974 -41.03 -25.72 4.03
C GLY D 974 -42.24 -26.56 3.71
N ASP D 975 -43.36 -26.28 4.37
CA ASP D 975 -44.63 -26.98 4.14
C ASP D 975 -45.21 -26.77 2.74
N ALA D 976 -44.66 -25.83 1.94
CA ALA D 976 -45.13 -25.64 0.57
C ALA D 976 -44.47 -26.68 -0.35
N VAL D 977 -44.96 -27.93 -0.27
CA VAL D 977 -44.50 -29.07 -1.07
C VAL D 977 -45.61 -29.44 -2.06
N LYS D 978 -46.82 -29.74 -1.56
CA LYS D 978 -47.94 -30.10 -2.41
C LYS D 978 -49.02 -29.01 -2.37
C1 MYR E . -5.91 33.09 -6.02
O1 MYR E . -6.15 33.98 -6.88
O2 MYR E . -5.50 33.42 -4.87
C2 MYR E . -6.12 31.60 -6.32
C3 MYR E . -6.59 31.35 -7.75
C4 MYR E . -7.76 30.36 -7.70
C5 MYR E . -7.91 29.64 -9.04
C6 MYR E . -9.13 28.73 -8.98
C7 MYR E . -9.14 27.80 -10.19
C8 MYR E . -10.46 27.03 -10.23
C9 MYR E . -10.26 25.80 -11.10
C10 MYR E . -11.61 25.21 -11.49
C11 MYR E . -11.32 23.93 -12.29
C12 MYR E . -12.52 23.56 -13.14
C13 MYR E . -12.36 22.16 -13.75
C14 MYR E . -13.58 21.84 -14.60
C1 MYR F . -16.08 17.99 -26.90
O1 MYR F . -15.88 17.78 -28.14
O2 MYR F . -17.14 18.56 -26.52
C2 MYR F . -15.02 17.54 -25.88
C3 MYR F . -15.25 18.19 -24.51
C4 MYR F . -14.23 17.63 -23.53
C5 MYR F . -14.67 16.22 -23.13
C6 MYR F . -13.98 15.84 -21.83
C7 MYR F . -14.38 16.77 -20.69
C8 MYR F . -13.16 17.09 -19.82
C9 MYR F . -13.49 16.85 -18.35
C10 MYR F . -12.58 17.73 -17.49
C11 MYR F . -13.28 19.06 -17.22
C12 MYR F . -14.41 18.83 -16.24
C1 GOL G . 3.78 17.02 -17.26
O1 GOL G . 3.50 16.99 -18.65
C2 GOL G . 4.40 18.34 -16.87
O2 GOL G . 3.60 19.42 -17.35
C3 GOL G . 4.60 18.46 -15.37
O3 GOL G . 5.05 19.76 -15.00
C1 GOL H . -6.82 36.63 -27.90
O1 GOL H . -6.92 37.39 -26.71
C2 GOL H . -8.17 36.52 -28.57
O2 GOL H . -8.76 37.82 -28.70
C3 GOL H . -8.09 35.82 -29.91
O3 GOL H . -9.27 36.07 -30.68
C1 MYR I . -2.06 31.25 -8.35
O1 MYR I . -3.04 31.69 -7.67
O2 MYR I . -0.88 31.41 -7.92
C2 MYR I . -2.27 30.53 -9.68
C3 MYR I . -3.75 30.45 -10.08
C4 MYR I . -4.05 29.02 -10.54
C5 MYR I . -5.28 29.00 -11.44
C6 MYR I . -5.59 27.55 -11.82
C7 MYR I . -6.60 27.50 -12.95
C8 MYR I . -7.05 26.05 -13.17
C9 MYR I . -7.64 25.93 -14.57
C10 MYR I . -8.41 24.62 -14.70
C11 MYR I . -8.92 24.53 -16.14
C12 MYR I . -10.15 23.62 -16.20
C13 MYR I . -10.54 23.33 -17.66
C14 MYR I . -11.73 22.38 -17.71
C1 MYR J . -23.43 22.31 -23.19
O1 MYR J . -24.30 21.51 -22.71
O2 MYR J . -23.69 22.92 -24.25
C2 MYR J . -22.12 22.55 -22.44
C3 MYR J . -20.98 21.71 -23.04
C4 MYR J . -20.31 22.49 -24.18
C5 MYR J . -18.89 21.98 -24.37
C6 MYR J . -18.02 22.50 -23.23
C7 MYR J . -16.78 21.62 -23.09
C8 MYR J . -15.62 22.20 -23.89
C9 MYR J . -14.27 21.82 -23.28
C10 MYR J . -13.99 22.72 -22.09
C11 MYR J . -12.96 22.07 -21.17
C12 MYR J . -13.50 20.78 -20.56
O1 LHG K . -28.63 17.70 -1.32
C1 LHG K . -28.56 16.36 -1.80
C2 LHG K . -29.77 16.00 -2.63
O2 LHG K . -29.63 14.68 -3.16
C3 LHG K . -30.01 16.98 -3.77
O3 LHG K . -31.02 17.96 -3.39
P LHG K . -32.01 18.59 -4.48
O4 LHG K . -31.69 20.04 -4.63
O5 LHG K . -33.39 18.21 -4.13
O6 LHG K . -31.57 17.85 -5.84
C4 LHG K . -32.42 16.97 -6.60
C5 LHG K . -31.69 16.62 -7.87
C6 LHG K . -31.71 17.80 -8.81
O7 LHG K . -30.31 16.34 -7.48
C7 LHG K . -29.73 15.13 -7.72
O9 LHG K . -29.22 14.47 -6.86
C8 LHG K . -29.85 14.70 -9.16
C9 LHG K . -29.02 13.46 -9.48
C10 LHG K . -29.16 13.00 -10.94
O8 LHG K . -31.27 17.42 -10.13
C23 LHG K . -30.75 18.38 -10.91
O10 LHG K . -30.63 19.51 -10.56
C24 LHG K . -30.31 17.86 -12.24
C11 LHG K . -30.59 12.73 -11.42
C12 LHG K . -31.40 11.78 -10.54
C13 LHG K . -32.31 10.81 -11.30
C14 LHG K . -33.08 11.39 -12.50
C15 LHG K . -34.45 10.76 -12.76
C16 LHG K . -34.44 9.23 -12.96
C17 LHG K . -35.78 8.53 -12.71
C18 LHG K . -36.97 9.14 -13.45
C19 LHG K . -36.93 9.01 -14.96
C20 LHG K . -36.77 10.33 -15.70
C25 LHG K . -31.44 17.26 -13.05
C26 LHG K . -32.32 18.29 -13.69
C27 LHG K . -33.38 17.67 -14.58
C28 LHG K . -32.83 16.78 -15.68
C29 LHG K . -32.79 17.43 -17.06
C30 LHG K . -34.16 17.75 -17.62
C31 LHG K . -34.12 18.35 -19.01
C32 LHG K . -33.76 19.83 -19.06
C33 LHG K . -34.92 20.77 -19.33
C34 LHG K . -34.55 21.96 -20.19
C35 LHG K . -35.72 22.82 -20.63
C36 LHG K . -35.34 23.91 -21.62
FE1 FES L . 7.59 -18.89 -39.23
FE2 FES L . 8.52 -19.20 -41.74
S1 FES L . 7.22 -20.57 -40.60
S2 FES L . 8.66 -17.42 -40.46
FE1 SF4 M . 0.08 -8.31 -29.34
FE2 SF4 M . -2.65 -8.06 -29.13
FE3 SF4 M . -1.06 -7.86 -26.89
FE4 SF4 M . -1.42 -10.28 -28.12
S1 SF4 M . -3.03 -9.05 -27.10
S2 SF4 M . 0.57 -9.37 -27.36
S3 SF4 M . -1.52 -9.64 -30.33
S4 SF4 M . -1.06 -6.44 -28.70
FE1 SF4 N . 7.53 -17.38 -28.88
FE2 SF4 N . 6.40 -18.18 -26.53
FE3 SF4 N . 7.54 -15.71 -26.71
FE4 SF4 N . 9.12 -17.91 -26.71
S1 SF4 N . 7.81 -17.19 -25.01
S2 SF4 N . 9.29 -16.12 -28.11
S3 SF4 N . 7.79 -19.39 -27.87
S4 SF4 N . 5.70 -16.46 -27.85
FE1 SF4 O . 18.46 -14.37 -21.22
FE2 SF4 O . 17.45 -15.83 -19.15
FE3 SF4 O . 18.03 -17.08 -21.50
FE4 SF4 O . 15.93 -15.35 -21.38
S1 SF4 O . 16.14 -17.35 -20.27
S2 SF4 O . 17.51 -15.44 -23.01
S3 SF4 O . 16.72 -13.78 -19.91
S4 SF4 O . 19.51 -16.07 -20.05
FE1 SF4 P . 25.65 -2.84 -21.16
FE2 SF4 P . 25.76 -5.56 -20.88
FE3 SF4 P . 28.03 -4.14 -21.45
FE4 SF4 P . 26.06 -4.45 -23.34
S1 SF4 P . 27.33 -6.10 -22.43
S2 SF4 P . 27.20 -2.51 -22.80
S3 SF4 P . 24.20 -4.40 -22.04
S4 SF4 P . 26.79 -3.98 -19.54
PB MGD Q . 32.83 2.09 -10.44
O1B MGD Q . 32.76 1.48 -9.08
O2B MGD Q . 31.89 1.76 -11.56
O3B MGD Q . 34.33 2.26 -10.91
O3A MGD Q . 36.64 1.74 -10.64
PA MGD Q . 35.66 3.12 -10.93
O1A MGD Q . 36.02 3.62 -12.29
O2A MGD Q . 35.75 3.98 -9.72
O5' MGD Q . 32.68 3.76 -10.03
C5' MGD Q . 31.83 4.52 -10.77
C4' MGD Q . 31.36 5.72 -9.94
O4' MGD Q . 30.87 6.69 -10.86
C3' MGD Q . 30.22 5.40 -8.94
O3' MGD Q . 30.54 6.08 -7.75
C2' MGD Q . 28.95 5.97 -9.66
O2' MGD Q . 27.97 6.40 -8.77
C1' MGD Q . 29.60 7.15 -10.43
N9 MGD Q . 28.84 7.51 -11.66
C8 MGD Q . 28.08 6.71 -12.55
N7 MGD Q . 27.60 7.42 -13.58
C5 MGD Q . 28.07 8.71 -13.38
C6 MGD Q . 27.89 9.87 -14.18
O6 MGD Q . 27.27 10.03 -15.22
N1 MGD Q . 28.58 11.04 -13.66
C2 MGD Q . 29.33 10.98 -12.46
N2 MGD Q . 29.97 12.17 -12.04
N3 MGD Q . 29.50 9.90 -11.71
C4 MGD Q . 28.86 8.78 -12.21
C10 MGD Q . 36.74 0.72 -11.50
C11 MGD Q . 38.26 0.38 -11.55
O11 MGD Q . 38.46 -0.56 -10.47
C12 MGD Q . 38.75 -0.26 -12.87
S12 MGD Q . 38.31 0.61 -14.30
C13 MGD Q . 39.60 -1.28 -12.84
S13 MGD Q . 39.87 -2.05 -14.35
C14 MGD Q . 40.21 -1.83 -11.58
N15 MGD Q . 39.68 -3.18 -11.34
C16 MGD Q . 39.99 -3.74 -10.10
C17 MGD Q . 40.14 -5.19 -10.01
O17 MGD Q . 39.99 -6.01 -10.92
N18 MGD Q . 40.53 -5.69 -8.72
C19 MGD Q . 40.69 -4.78 -7.64
N19 MGD Q . 41.07 -5.30 -6.38
N20 MGD Q . 40.58 -3.45 -7.74
C21 MGD Q . 40.22 -2.95 -9.00
N22 MGD Q . 40.07 -1.55 -9.07
C23 MGD Q . 39.82 -0.90 -10.36
PB MGD R . 38.00 -9.49 -14.31
O1B MGD R . 37.26 -10.72 -13.94
O2B MGD R . 38.26 -8.35 -13.37
O3B MGD R . 37.64 -9.00 -15.77
O3A MGD R . 37.22 -7.30 -17.52
PA MGD R . 38.09 -8.76 -17.27
O1A MGD R . 37.48 -9.74 -18.21
O2A MGD R . 39.53 -8.39 -17.24
O5' MGD R . 39.51 -10.16 -14.89
C5' MGD R . 40.02 -11.25 -14.25
C4' MGD R . 40.06 -12.52 -15.15
O4' MGD R . 41.46 -12.88 -15.43
C3' MGD R . 39.45 -13.72 -14.43
O3' MGD R . 39.03 -14.61 -15.43
C2' MGD R . 40.67 -14.27 -13.62
O2' MGD R . 40.47 -15.59 -13.16
C1' MGD R . 41.74 -14.12 -14.75
N9 MGD R . 43.12 -14.06 -14.22
C8 MGD R . 43.63 -13.55 -12.98
N7 MGD R . 44.97 -13.63 -12.93
C5 MGD R . 45.36 -14.17 -14.15
C6 MGD R . 46.66 -14.48 -14.64
O6 MGD R . 47.76 -14.26 -14.16
N1 MGD R . 46.67 -15.03 -15.97
C2 MGD R . 45.47 -15.30 -16.65
N2 MGD R . 45.59 -15.87 -17.93
N3 MGD R . 44.24 -15.02 -16.21
C4 MGD R . 44.23 -14.47 -14.93
C10 MGD R . 37.39 -6.21 -16.74
C11 MGD R . 36.58 -5.05 -17.41
O11 MGD R . 35.24 -5.46 -17.34
C12 MGD R . 36.78 -3.78 -16.63
S12 MGD R . 38.35 -3.26 -16.93
C13 MGD R . 35.77 -2.97 -16.33
S13 MGD R . 36.21 -1.35 -15.86
C14 MGD R . 34.35 -3.33 -16.49
N15 MGD R . 33.87 -3.82 -15.19
C16 MGD R . 32.79 -4.74 -15.19
C17 MGD R . 32.10 -4.94 -13.96
O17 MGD R . 32.35 -4.39 -12.89
N18 MGD R . 31.01 -5.86 -13.99
C19 MGD R . 30.72 -6.52 -15.19
N19 MGD R . 29.64 -7.42 -15.20
N20 MGD R . 31.39 -6.36 -16.32
C21 MGD R . 32.44 -5.45 -16.30
N22 MGD R . 33.04 -5.20 -17.53
C23 MGD R . 34.27 -4.46 -17.62
MO 4MO S . 38.55 -1.04 -16.04
C1 MQ7 T . -10.32 -8.79 -28.07
O1 MQ7 T . -10.79 -9.94 -28.15
C2 MQ7 T . -10.42 -8.03 -26.80
C2M MQ7 T . -11.02 -8.79 -25.65
C3 MQ7 T . -9.90 -6.77 -26.71
C4 MQ7 T . -9.26 -6.11 -27.88
O4 MQ7 T . -8.90 -4.94 -27.82
C5 MQ7 T . -9.04 -6.91 -29.10
C6 MQ7 T . -8.28 -6.39 -30.13
C7 MQ7 T . -8.04 -7.15 -31.28
C8 MQ7 T . -8.58 -8.41 -31.39
C9 MQ7 T . -9.36 -8.94 -30.36
C10 MQ7 T . -9.58 -8.20 -29.20
C11 MQ7 T . -9.86 -5.99 -25.41
C12 MQ7 T . -10.91 -4.91 -25.40
C13 MQ7 T . -11.51 -4.39 -24.34
C14 MQ7 T . -11.24 -4.82 -22.93
C15 MQ7 T . -12.53 -3.29 -24.48
C16 MQ7 T . -11.95 -1.89 -24.26
C17 MQ7 T . -12.98 -0.95 -23.71
C18 MQ7 T . -13.76 -0.09 -24.37
C19 MQ7 T . -13.69 0.11 -25.86
C20 MQ7 T . -14.78 0.75 -23.65
S H2S U . 38.17 0.78 -17.52
C1 MLI V . 27.02 -4.37 1.08
C2 MLI V . 25.97 -4.90 0.12
C3 MLI V . 27.99 -3.40 0.42
O6 MLI V . 26.06 -6.09 -0.25
O7 MLI V . 25.07 -4.10 -0.25
O8 MLI V . 28.21 -3.54 -0.81
O9 MLI V . 28.51 -2.52 1.15
C1 MLI W . 4.27 3.50 -30.62
C2 MLI W . 3.21 3.26 -29.55
C3 MLI W . 3.77 3.38 -32.05
O6 MLI W . 2.01 3.43 -29.86
O7 MLI W . 3.60 2.91 -28.40
O8 MLI W . 4.34 2.58 -32.81
O9 MLI W . 2.81 4.13 -32.40
O1 LHG X . -4.63 4.04 -13.05
C1 LHG X . -4.67 3.58 -14.39
C2 LHG X . -5.67 2.47 -14.59
O2 LHG X . -5.70 2.07 -15.96
C3 LHG X . -7.06 2.82 -14.08
O3 LHG X . -7.15 2.65 -12.64
P LHG X . -8.53 2.32 -11.87
O4 LHG X . -8.61 3.17 -10.65
O5 LHG X . -8.63 0.86 -11.71
O6 LHG X . -9.66 2.82 -12.89
C4 LHG X . -10.52 1.96 -13.67
C5 LHG X . -11.46 2.86 -14.44
C6 LHG X . -12.34 3.61 -13.46
O7 LHG X . -10.62 3.83 -15.14
C7 LHG X . -10.55 3.85 -16.50
O9 LHG X . -9.53 4.04 -17.11
C8 LHG X . -11.88 3.60 -17.17
C9 LHG X . -11.93 4.12 -18.61
C10 LHG X . -13.22 3.71 -19.32
O8 LHG X . -13.19 4.58 -14.10
C23 LHG X . -14.50 4.48 -13.83
O10 LHG X . -14.98 3.61 -13.16
C24 LHG X . -15.30 5.57 -14.49
C11 LHG X . -13.56 2.22 -19.19
C12 LHG X . -14.70 1.76 -20.07
C13 LHG X . -15.69 0.82 -19.39
C14 LHG X . -16.47 -0.08 -20.35
C15 LHG X . -17.45 -1.04 -19.67
C16 LHG X . -17.87 -2.19 -20.57
C17 LHG X . -16.74 -3.11 -20.98
C18 LHG X . -16.92 -3.80 -22.32
C19 LHG X . -16.87 -2.83 -23.50
C20 LHG X . -16.91 -3.52 -24.87
C25 LHG X . -16.80 5.42 -14.26
C26 LHG X . -17.41 4.26 -15.02
C27 LHG X . -18.79 3.88 -14.55
C28 LHG X . -19.87 3.84 -15.63
C29 LHG X . -21.19 4.51 -15.25
C30 LHG X . -21.75 4.09 -13.88
C31 LHG X . -22.88 4.97 -13.35
C32 LHG X . -23.28 4.66 -11.92
C33 LHG X . -24.55 5.38 -11.45
C34 LHG X . -25.02 4.95 -10.08
C35 LHG X . -26.41 5.45 -9.71
C36 LHG X . -26.56 6.96 -9.70
N NO3 Y . 36.37 0.31 3.52
O1 NO3 Y . 35.41 0.92 3.05
O2 NO3 Y . 37.03 0.78 4.44
O3 NO3 Y . 36.67 -0.80 3.05
C1 MLI Z . -17.43 -4.93 -39.36
C2 MLI Z . -16.41 -5.95 -38.88
C3 MLI Z . -18.43 -4.58 -38.27
O6 MLI Z . -16.84 -7.05 -38.45
O7 MLI Z . -15.20 -5.62 -38.93
O8 MLI Z . -19.35 -5.40 -38.03
O9 MLI Z . -18.28 -3.49 -37.67
N NO3 AA . 47.31 28.57 -17.74
O1 NO3 AA . 46.50 29.42 -18.06
O2 NO3 AA . 47.68 28.47 -16.56
O3 NO3 AA . 47.78 27.80 -18.59
C1 MYR BA . -4.57 -10.90 -18.38
O1 MYR BA . -5.83 -10.77 -18.39
O2 MYR BA . -4.06 -12.05 -18.55
C2 MYR BA . -3.64 -9.70 -18.16
C3 MYR BA . -4.37 -8.37 -18.38
C4 MYR BA . -3.58 -7.48 -19.35
C5 MYR BA . -2.50 -6.65 -18.64
C6 MYR BA . -3.09 -5.60 -17.71
C7 MYR BA . -2.63 -5.81 -16.27
C8 MYR BA . -3.83 -6.07 -15.35
C9 MYR BA . -3.37 -6.11 -13.89
C10 MYR BA . -3.49 -4.72 -13.26
C11 MYR BA . -2.58 -4.59 -12.05
C12 MYR BA . -1.31 -3.83 -12.43
C13 MYR BA . -1.51 -2.34 -12.18
C14 MYR BA . -0.14 -1.64 -12.22
C1 GOL CA . 10.16 13.27 -17.40
O1 GOL CA . 10.05 12.97 -16.01
C2 GOL CA . 11.58 13.59 -17.77
O2 GOL CA . 12.12 14.59 -16.90
C3 GOL CA . 11.72 14.03 -19.21
O3 GOL CA . 11.27 13.02 -20.11
C1 GOL DA . 12.91 -2.12 -16.82
O1 GOL DA . 12.77 -3.16 -17.80
C2 GOL DA . 14.34 -1.99 -16.34
O2 GOL DA . 15.22 -1.66 -17.42
C3 GOL DA . 14.48 -0.97 -15.23
O3 GOL DA . 15.83 -0.83 -14.82
C1 MLI EA . 53.40 7.24 -16.88
C2 MLI EA . 53.06 6.65 -18.25
C3 MLI EA . 53.10 8.74 -16.79
O6 MLI EA . 51.86 6.49 -18.54
O7 MLI EA . 54.03 6.35 -19.00
O8 MLI EA . 52.41 9.26 -17.69
O9 MLI EA . 53.56 9.35 -15.80
C1 MLI FA . 19.81 13.39 -1.37
C2 MLI FA . 20.40 12.13 -0.76
C3 MLI FA . 20.69 14.63 -1.23
O6 MLI FA . 19.65 11.13 -0.64
O7 MLI FA . 21.61 12.14 -0.41
O8 MLI FA . 21.22 15.10 -2.26
O9 MLI FA . 20.80 15.13 -0.09
C1 MLI GA . 42.97 3.78 -40.68
C2 MLI GA . 43.70 2.43 -40.76
C3 MLI GA . 43.81 4.96 -41.14
O6 MLI GA . 43.23 1.56 -41.50
O7 MLI GA . 44.73 2.29 -40.04
O8 MLI GA . 43.36 5.69 -42.06
O9 MLI GA . 44.91 5.16 -40.55
N NO3 HA . -23.30 27.16 41.26
O1 NO3 HA . -24.16 26.39 41.68
O2 NO3 HA . -22.87 27.03 40.11
O3 NO3 HA . -22.89 28.09 41.96
C1 MLI IA . -34.26 -17.89 22.17
C2 MLI IA . -32.95 -17.18 21.80
C3 MLI IA . -35.17 -17.07 23.07
O6 MLI IA . -33.03 -16.08 21.20
O7 MLI IA . -31.88 -17.75 22.10
O8 MLI IA . -36.40 -17.11 22.86
O9 MLI IA . -34.62 -16.42 24.00
C1 GOL JA . -12.62 16.25 9.38
O1 GOL JA . -13.62 17.12 8.90
C2 GOL JA . -12.89 14.82 8.95
O2 GOL JA . -11.70 14.03 9.08
C3 GOL JA . -14.05 14.20 9.72
O3 GOL JA . -14.64 13.08 9.06
N NO3 KA . -19.99 0.82 1.56
O1 NO3 KA . -20.76 1.77 1.48
O2 NO3 KA . -19.20 0.72 2.50
O3 NO3 KA . -19.99 -0.07 0.68
FE1 FES LA . -34.71 -16.63 10.25
FE2 FES LA . -33.81 -19.15 10.54
S1 FES LA . -35.88 -18.48 10.26
S2 FES LA . -32.63 -17.32 10.31
FE1 SF4 MA . -31.72 -2.58 2.40
FE2 SF4 MA . -32.55 -1.91 -0.13
FE3 SF4 MA . -32.68 -0.07 1.93
FE4 SF4 MA . -34.40 -2.21 1.88
S1 SF4 MA . -34.32 -0.52 0.36
S2 SF4 MA . -33.21 -1.41 3.69
S3 SF4 MA . -33.04 -3.84 0.98
S4 SF4 MA . -30.77 -1.01 1.05
FE1 SF4 NA . -37.09 -6.63 12.17
FE2 SF4 NA . -39.09 -4.81 11.81
FE3 SF4 NA . -36.49 -3.95 12.06
FE4 SF4 NA . -37.80 -4.97 14.23
S1 SF4 NA . -38.33 -3.06 13.09
S2 SF4 NA . -35.68 -5.46 13.58
S3 SF4 NA . -39.10 -6.60 13.24
S4 SF4 NA . -37.38 -5.25 10.36
FE1 SF4 OA . -33.39 0.56 23.21
FE2 SF4 OA . -35.77 1.89 23.10
FE3 SF4 OA . -35.75 -0.82 23.55
FE4 SF4 OA . -35.06 0.16 21.09
S1 SF4 OA . -37.12 0.30 22.10
S2 SF4 OA . -33.96 -1.45 22.24
S3 SF4 OA . -34.00 2.11 21.66
S4 SF4 OA . -34.90 0.82 24.92
FE1 SF4 PA . -20.92 4.70 26.58
FE2 SF4 PA . -23.35 3.79 27.48
FE3 SF4 PA . -21.10 3.59 29.07
FE4 SF4 PA . -21.40 2.00 26.85
S1 SF4 PA . -22.71 1.95 28.70
S2 SF4 PA . -19.50 3.15 27.50
S3 SF4 PA . -22.48 3.43 25.42
S4 SF4 PA . -22.09 5.53 28.37
PB MGD QA . -17.91 15.70 34.35
O1B MGD QA . -18.95 16.62 34.86
O2B MGD QA . -18.13 14.70 33.26
O3B MGD QA . -17.00 15.15 35.51
O3A MGD QA . -16.96 15.05 37.87
PA MGD QA . -15.87 15.40 36.59
O1A MGD QA . -14.82 14.34 36.61
O2A MGD QA . -15.55 16.85 36.66
O5' MGD QA . -16.69 16.84 33.84
C5' MGD QA . -15.96 16.55 32.72
C4' MGD QA . -15.44 17.84 32.10
O4' MGD QA . -14.49 17.46 31.13
C3' MGD QA . -16.55 18.68 31.38
O3' MGD QA . -16.27 20.02 31.70
C2' MGD QA . -16.30 18.34 29.86
O2' MGD QA . -16.66 19.38 28.99
C1' MGD QA . -14.77 18.11 29.90
N9 MGD QA . -14.26 17.22 28.79
C8 MGD QA . -14.88 16.18 28.07
N7 MGD QA . -14.05 15.61 27.19
C5 MGD QA . -12.84 16.29 27.32
C6 MGD QA . -11.60 16.09 26.64
O6 MGD QA . -11.30 15.30 25.77
N1 MGD QA . -10.57 17.01 27.10
C2 MGD QA . -10.81 17.96 28.12
N2 MGD QA . -9.75 18.79 28.52
N3 MGD QA . -11.97 18.14 28.75
C4 MGD QA . -12.96 17.27 28.32
C10 MGD QA . -17.44 13.82 38.12
C11 MGD QA . -17.15 13.55 39.63
O11 MGD QA . -18.32 14.09 40.33
C12 MGD QA . -16.94 12.06 40.06
S12 MGD QA . -15.96 11.13 39.00
C13 MGD QA . -17.49 11.58 41.17
S13 MGD QA . -17.50 9.85 41.28
C14 MGD QA . -18.30 12.42 42.13
N15 MGD QA . -19.73 12.06 42.03
C16 MGD QA . -20.61 12.89 42.75
C17 MGD QA . -21.80 12.30 43.32
O17 MGD QA . -22.18 11.13 43.20
N18 MGD QA . -22.61 13.19 44.11
C19 MGD QA . -22.20 14.53 44.26
N19 MGD QA . -23.01 15.39 45.04
N20 MGD QA . -21.08 15.05 43.77
C21 MGD QA . -20.29 14.21 43.00
N22 MGD QA . -19.15 14.80 42.44
C23 MGD QA . -18.16 13.97 41.73
PB MGD RA . -24.89 6.91 41.55
O1B MGD RA . -26.35 6.91 41.25
O2B MGD RA . -24.08 8.12 41.86
O3B MGD RA . -24.10 5.88 40.67
O3A MGD RA . -22.11 5.32 39.37
PA MGD RA . -23.12 4.66 40.61
O1A MGD RA . -22.26 4.68 41.81
O2A MGD RA . -23.80 3.44 40.09
O5' MGD RA . -24.80 5.79 42.91
C5' MGD RA . -25.59 5.98 44.01
C4' MGD RA . -26.47 4.76 44.22
O4' MGD RA . -26.19 4.19 45.52
C3' MGD RA . -27.94 5.11 44.19
O3' MGD RA . -28.57 3.94 43.77
C2' MGD RA . -28.23 5.43 45.69
O2' MGD RA . -29.60 5.38 46.02
C1' MGD RA . -27.37 4.29 46.33
N9 MGD RA . -26.94 4.63 47.69
C8 MGD RA . -26.68 5.90 48.28
N7 MGD RA . -26.21 5.78 49.53
C5 MGD RA . -26.17 4.41 49.78
C6 MGD RA . -25.78 3.71 50.97
O6 MGD RA . -25.30 4.14 52.01
N1 MGD RA . -25.84 2.28 50.85
C2 MGD RA . -26.33 1.68 49.67
N2 MGD RA . -26.38 0.28 49.65
N3 MGD RA . -26.72 2.32 48.56
C4 MGD RA . -26.62 3.69 48.66
C10 MGD RA . -20.77 5.28 39.49
C11 MGD RA . -20.14 5.92 38.16
O11 MGD RA . -21.14 6.05 37.18
C12 MGD RA . -19.45 7.27 38.30
S12 MGD RA . -18.44 7.25 39.68
C13 MGD RA . -19.24 8.03 37.20
S13 MGD RA . -17.88 9.11 37.24
C14 MGD RA . -19.99 7.85 35.92
N15 MGD RA . -21.05 8.86 35.90
C16 MGD RA . -22.19 8.57 35.14
C17 MGD RA . -23.05 9.66 34.84
O17 MGD RA . -22.87 10.83 35.16
N18 MGD RA . -24.19 9.36 34.07
C19 MGD RA . -24.42 8.04 33.69
N19 MGD RA . -25.60 7.79 32.95
N20 MGD RA . -23.64 7.02 33.99
C21 MGD RA . -22.52 7.31 34.75
N22 MGD RA . -21.67 6.24 34.98
C23 MGD RA . -20.57 6.36 35.89
MO 4MO SA . -16.66 8.83 39.26
C1 MQ7 TA . -36.31 -0.63 -6.73
O1 MQ7 TA . -37.44 -1.13 -6.86
C2 MQ7 TA . -36.14 0.84 -6.76
C2M MQ7 TA . -37.40 1.63 -6.86
C3 MQ7 TA . -34.89 1.39 -6.64
C4 MQ7 TA . -33.69 0.54 -6.43
O4 MQ7 TA . -32.58 1.04 -6.38
C5 MQ7 TA . -33.89 -0.91 -6.27
C6 MQ7 TA . -32.80 -1.71 -5.92
C7 MQ7 TA . -32.97 -3.08 -5.78
C8 MQ7 TA . -34.21 -3.66 -5.99
C9 MQ7 TA . -35.29 -2.87 -6.34
C10 MQ7 TA . -35.14 -1.49 -6.47
C11 MQ7 TA . -34.64 2.88 -6.59
C12 MQ7 TA . -34.06 3.42 -7.87
C13 MQ7 TA . -34.14 4.66 -8.31
C14 MQ7 TA . -34.90 5.75 -7.61
C15 MQ7 TA . -33.41 5.09 -9.57
C16 MQ7 TA . -32.13 5.85 -9.18
C17 MQ7 TA . -31.73 6.86 -10.22
C18 MQ7 TA . -30.89 6.68 -11.25
C19 MQ7 TA . -30.25 5.36 -11.58
C20 MQ7 TA . -30.48 7.84 -12.12
S H2S UA . -14.79 8.35 37.90
C1 MLI VA . -29.85 23.70 33.66
C2 MLI VA . -28.36 23.53 33.97
C3 MLI VA . -30.35 22.76 32.58
O6 MLI VA . -27.81 22.44 33.68
O7 MLI VA . -27.78 24.49 34.54
O8 MLI VA . -31.09 21.82 32.92
O9 MLI VA . -30.00 23.01 31.39
C1 GOL WA . -40.30 21.19 31.75
O1 GOL WA . -40.70 20.16 32.65
C2 GOL WA . -39.97 20.61 30.38
O2 GOL WA . -41.13 19.97 29.86
C3 GOL WA . -39.46 21.66 29.41
O3 GOL WA . -38.88 21.07 28.26
C1 GOL XA . -14.11 30.14 21.27
O1 GOL XA . -13.05 30.22 22.22
C2 GOL XA . -15.44 30.49 21.90
O2 GOL XA . -15.62 31.91 21.86
C3 GOL XA . -16.60 29.80 21.21
O3 GOL XA . -17.78 29.86 22.01
C1 GOL YA . -24.91 10.19 17.72
O1 GOL YA . -25.31 9.24 16.75
C2 GOL YA . -25.60 11.52 17.52
O2 GOL YA . -25.12 12.45 18.48
C3 GOL YA . -25.41 12.06 16.12
O3 GOL YA . -25.95 13.38 15.97
C1 MLI ZA . -2.25 -11.93 36.56
C2 MLI ZA . -3.11 -12.75 37.51
C3 MLI ZA . -0.77 -11.98 36.90
O6 MLI ZA . -3.78 -13.69 37.05
O7 MLI ZA . -3.09 -12.42 38.72
O8 MLI ZA . 0.00 -12.60 36.12
O9 MLI ZA . -0.41 -11.40 37.96
NA NA AB . -29.60 -1.61 11.42
#